data_9NJB
#
_entry.id   9NJB
#
_cell.length_a   1.00
_cell.length_b   1.00
_cell.length_c   1.00
_cell.angle_alpha   90.00
_cell.angle_beta   90.00
_cell.angle_gamma   90.00
#
_symmetry.space_group_name_H-M   'P 1'
#
loop_
_entity.id
_entity.type
_entity.pdbx_description
1 polymer 'Polyribonucleotide nucleotidyltransferase 1, mitochondrial'
2 polymer "RNA (5'-R(P*AP*AP*UP*CP*UP*A)-3')"
3 non-polymer 'SULFATE ION'
4 non-polymer 'MAGNESIUM ION'
#
loop_
_entity_poly.entity_id
_entity_poly.type
_entity_poly.pdbx_seq_one_letter_code
_entity_poly.pdbx_strand_id
1 'polypeptide(L)'
;MAVAVDLGNRKLEISSGKLARFADGSAVVQSGDTAVMVTAVSKTKPSPSQFMPLVVDYRQKAAAAGRIPTNYLRREIGTS
DKEILTSRIIDRSIRPLFPAGYFYDTQVLCNLLAVDGVNEPDVLAINGASVALSLSDIPWNGPVGAVRIGIIDGEYVVNP
TRKEMSSSTLNLVVAGAPKSQIVMLEASAENILQQDFCHAIKVGVKYTQQIIQGIQQLVKETGVTKRTPQKLFTPSPEIV
KYTHKLAMERLYAVFTDYEHDKVSRDEAVNKIRLDTEEQLKEKFPEADPYEIIESFNVVAKEVFRSIVLNEYKRCDGRDL
TSLRNVSCEVDMFKTLHGSALFQRGQTQVLCTVTFDSLESGIKSDQVITAINGIKDKNFMLHYEFPPYATNEIGKVTGLN
RRELGHGALAEKALYPVIPRDFPFTIRVTSEVLESNGSSSMASACGGSLALMDSGVPISSAVAGVAIGLVTKTDPEKGEI
EDYRLLTDILGIEDYNGDMDFKIAGTNKGITALQADIKLPGIPIKIVMEAIQQASVAKKEILQIMNKTISKPRASRKENG
PVVETVQVPLSKRAKFVGPGGYNLKKLQAETGVTISQVDEETFSVFAPTPSAMHEARDFITEICKDDQEQQLEFGAVYTA
TITEIRDTGVMVKLYPNMTAVLLHNTQLDQRKIKHPTALGLEVGQEIQVKYFGRDPADGRMRLSRKVLQSPATTVVRTLN
DRSSIVMGEPISQSSSNSQSGSGSAWSHPQFEKGGGSGGGSGGSAWSHPQFEK
;
A,B,C
2 'polyribonucleotide' CACAACACACACCACACACACAUAAAACAAAACAGCUACGCCAUCCUCCCCCCAAUCUA D
#
loop_
_chem_comp.id
_chem_comp.type
_chem_comp.name
_chem_comp.formula
A RNA linking ADENOSINE-5'-MONOPHOSPHATE 'C10 H14 N5 O7 P'
C RNA linking CYTIDINE-5'-MONOPHOSPHATE 'C9 H14 N3 O8 P'
G RNA linking GUANOSINE-5'-MONOPHOSPHATE 'C10 H14 N5 O8 P'
MG non-polymer 'MAGNESIUM ION' 'Mg 2'
SO4 non-polymer 'SULFATE ION' 'O4 S -2'
U RNA linking URIDINE-5'-MONOPHOSPHATE 'C9 H13 N2 O9 P'
#
# COMPACT_ATOMS: atom_id res chain seq x y z
N ALA A 2 26.04 -24.72 -21.97
CA ALA A 2 25.53 -23.69 -22.87
C ALA A 2 25.04 -24.30 -24.18
N VAL A 3 23.85 -23.89 -24.62
CA VAL A 3 23.25 -24.39 -25.85
C VAL A 3 22.72 -23.20 -26.65
N ALA A 4 23.00 -23.20 -27.95
CA ALA A 4 22.53 -22.16 -28.86
C ALA A 4 21.45 -22.76 -29.76
N VAL A 5 20.32 -22.07 -29.86
CA VAL A 5 19.20 -22.48 -30.69
C VAL A 5 19.01 -21.44 -31.78
N ASP A 6 19.01 -21.88 -33.04
CA ASP A 6 18.83 -21.00 -34.18
C ASP A 6 17.36 -21.00 -34.59
N LEU A 7 16.72 -19.85 -34.49
CA LEU A 7 15.33 -19.66 -34.88
C LEU A 7 15.33 -18.72 -36.08
N GLY A 8 15.47 -19.28 -37.27
CA GLY A 8 15.58 -18.46 -38.46
C GLY A 8 16.83 -17.61 -38.40
N ASN A 9 16.65 -16.30 -38.50
CA ASN A 9 17.75 -15.35 -38.41
C ASN A 9 18.03 -14.91 -36.97
N ARG A 10 17.28 -15.41 -36.00
CA ARG A 10 17.48 -15.10 -34.60
C ARG A 10 18.22 -16.23 -33.91
N LYS A 11 18.97 -15.88 -32.86
CA LYS A 11 19.73 -16.86 -32.10
C LYS A 11 19.38 -16.74 -30.62
N LEU A 12 19.23 -17.89 -29.97
CA LEU A 12 18.90 -17.97 -28.55
C LEU A 12 20.04 -18.66 -27.82
N GLU A 13 20.52 -18.05 -26.75
CA GLU A 13 21.61 -18.59 -25.95
C GLU A 13 21.08 -18.97 -24.57
N ILE A 14 21.31 -20.22 -24.18
CA ILE A 14 20.85 -20.73 -22.89
C ILE A 14 22.06 -21.21 -22.11
N SER A 15 22.17 -20.78 -20.86
CA SER A 15 23.30 -21.12 -20.02
C SER A 15 22.84 -21.19 -18.56
N SER A 16 23.64 -21.87 -17.74
CA SER A 16 23.32 -22.05 -16.34
C SER A 16 24.60 -22.37 -15.59
N GLY A 17 24.52 -22.34 -14.26
CA GLY A 17 25.62 -22.69 -13.40
C GLY A 17 26.55 -21.56 -13.03
N LYS A 18 26.26 -20.33 -13.44
CA LYS A 18 27.09 -19.18 -13.12
C LYS A 18 26.47 -18.27 -12.07
N LEU A 19 25.23 -17.83 -12.28
CA LEU A 19 24.57 -16.88 -11.39
C LEU A 19 23.52 -17.59 -10.55
N ALA A 20 23.42 -17.17 -9.28
CA ALA A 20 22.38 -17.64 -8.36
C ALA A 20 22.38 -19.17 -8.26
N ARG A 21 23.49 -19.70 -7.76
CA ARG A 21 23.63 -21.15 -7.61
C ARG A 21 22.84 -21.69 -6.44
N PHE A 22 22.36 -20.83 -5.53
CA PHE A 22 21.61 -21.31 -4.37
C PHE A 22 20.19 -21.69 -4.72
N ALA A 23 19.62 -21.10 -5.76
CA ALA A 23 18.25 -21.38 -6.15
C ALA A 23 18.11 -22.82 -6.64
N ASP A 24 16.90 -23.36 -6.52
CA ASP A 24 16.64 -24.72 -7.00
C ASP A 24 16.91 -24.82 -8.50
N GLY A 25 16.48 -23.82 -9.26
CA GLY A 25 16.80 -23.75 -10.67
C GLY A 25 17.12 -22.32 -11.05
N SER A 26 18.03 -22.18 -12.00
CA SER A 26 18.44 -20.86 -12.48
C SER A 26 18.92 -21.00 -13.92
N ALA A 27 18.62 -19.99 -14.72
CA ALA A 27 19.01 -20.00 -16.12
C ALA A 27 19.14 -18.57 -16.62
N VAL A 28 20.03 -18.38 -17.59
CA VAL A 28 20.19 -17.10 -18.27
C VAL A 28 19.89 -17.33 -19.74
N VAL A 29 18.92 -16.60 -20.27
CA VAL A 29 18.53 -16.68 -21.67
C VAL A 29 18.91 -15.36 -22.33
N GLN A 30 19.71 -15.44 -23.39
CA GLN A 30 20.24 -14.26 -24.05
C GLN A 30 19.86 -14.29 -25.53
N SER A 31 19.33 -13.17 -26.02
CA SER A 31 19.09 -12.97 -27.44
C SER A 31 19.65 -11.61 -27.80
N GLY A 32 20.63 -11.58 -28.70
CA GLY A 32 21.34 -10.34 -28.96
C GLY A 32 22.11 -9.92 -27.72
N ASP A 33 21.91 -8.68 -27.30
CA ASP A 33 22.52 -8.16 -26.08
C ASP A 33 21.56 -8.15 -24.90
N THR A 34 20.37 -8.71 -25.05
CA THR A 34 19.39 -8.77 -23.98
C THR A 34 19.52 -10.11 -23.26
N ALA A 35 19.73 -10.07 -21.95
CA ALA A 35 19.86 -11.27 -21.14
C ALA A 35 18.88 -11.21 -19.98
N VAL A 36 18.23 -12.34 -19.71
CA VAL A 36 17.26 -12.46 -18.63
C VAL A 36 17.65 -13.66 -17.77
N MET A 37 17.74 -13.44 -16.46
CA MET A 37 17.98 -14.52 -15.52
C MET A 37 16.67 -14.88 -14.84
N VAL A 38 16.29 -16.15 -14.91
CA VAL A 38 15.06 -16.64 -14.31
C VAL A 38 15.43 -17.71 -13.29
N THR A 39 14.90 -17.55 -12.08
CA THR A 39 15.13 -18.50 -11.00
C THR A 39 13.82 -19.13 -10.58
N ALA A 40 13.89 -20.37 -10.12
CA ALA A 40 12.72 -21.11 -9.67
C ALA A 40 13.02 -21.70 -8.30
N VAL A 41 12.21 -21.35 -7.32
CA VAL A 41 12.34 -21.86 -5.95
C VAL A 41 11.03 -22.54 -5.58
N SER A 42 11.13 -23.77 -5.09
CA SER A 42 9.96 -24.52 -4.63
C SER A 42 10.25 -25.05 -3.23
N LYS A 43 9.33 -24.81 -2.31
CA LYS A 43 9.52 -25.26 -0.94
C LYS A 43 9.41 -26.77 -0.84
N THR A 44 10.02 -27.33 0.21
CA THR A 44 9.98 -28.76 0.45
C THR A 44 8.75 -29.17 1.24
N LYS A 45 8.35 -28.39 2.24
CA LYS A 45 7.17 -28.73 3.01
C LYS A 45 5.89 -28.36 2.24
N PRO A 46 4.83 -29.14 2.41
CA PRO A 46 3.58 -28.82 1.72
C PRO A 46 2.98 -27.50 2.18
N SER A 47 2.32 -26.83 1.25
CA SER A 47 1.70 -25.55 1.57
C SER A 47 0.41 -25.76 2.37
N PRO A 48 0.11 -24.85 3.30
CA PRO A 48 -1.15 -24.95 4.03
C PRO A 48 -2.37 -24.84 3.12
N SER A 49 -2.30 -24.04 2.07
CA SER A 49 -3.42 -23.89 1.16
C SER A 49 -3.59 -25.15 0.31
N GLN A 50 -4.85 -25.49 0.02
CA GLN A 50 -5.15 -26.72 -0.72
C GLN A 50 -5.26 -26.48 -2.21
N PHE A 51 -4.23 -25.87 -2.79
CA PHE A 51 -4.13 -25.69 -4.24
C PHE A 51 -2.67 -25.46 -4.58
N MET A 52 -2.40 -25.07 -5.82
CA MET A 52 -1.04 -24.81 -6.29
C MET A 52 -0.69 -23.36 -5.99
N PRO A 53 0.22 -23.07 -5.07
CA PRO A 53 0.62 -21.68 -4.78
C PRO A 53 1.79 -21.24 -5.63
N LEU A 54 1.54 -21.07 -6.93
CA LEU A 54 2.58 -20.65 -7.87
C LEU A 54 2.40 -19.17 -8.16
N VAL A 55 3.46 -18.39 -7.95
CA VAL A 55 3.46 -16.96 -8.21
C VAL A 55 4.64 -16.65 -9.12
N VAL A 56 4.38 -15.92 -10.20
CA VAL A 56 5.39 -15.49 -11.14
C VAL A 56 5.54 -13.98 -11.01
N ASP A 57 6.76 -13.52 -10.75
CA ASP A 57 7.04 -12.10 -10.57
C ASP A 57 8.04 -11.68 -11.64
N TYR A 58 7.55 -11.04 -12.69
CA TYR A 58 8.40 -10.47 -13.73
C TYR A 58 8.68 -9.01 -13.37
N ARG A 59 9.96 -8.68 -13.21
CA ARG A 59 10.36 -7.36 -12.75
C ARG A 59 11.26 -6.71 -13.79
N GLN A 60 11.08 -5.41 -13.99
CA GLN A 60 11.88 -4.63 -14.92
C GLN A 60 12.69 -3.60 -14.14
N LYS A 61 13.99 -3.52 -14.44
CA LYS A 61 14.85 -2.54 -13.80
C LYS A 61 14.83 -1.18 -14.49
N ALA A 62 14.15 -1.07 -15.63
CA ALA A 62 14.06 0.20 -16.34
C ALA A 62 12.80 0.20 -17.19
N ALA A 63 12.39 1.38 -17.62
CA ALA A 63 11.20 1.58 -18.43
C ALA A 63 11.59 2.12 -19.80
N ALA A 64 10.60 2.16 -20.70
CA ALA A 64 10.78 2.65 -22.06
C ALA A 64 11.92 1.91 -22.77
N ALA A 65 11.72 0.61 -22.94
CA ALA A 65 12.71 -0.28 -23.58
C ALA A 65 14.05 -0.24 -22.84
N GLY A 66 13.99 -0.22 -21.50
CA GLY A 66 15.20 -0.23 -20.70
C GLY A 66 16.00 1.03 -20.74
N ARG A 67 15.38 2.16 -21.07
CA ARG A 67 16.08 3.44 -21.19
C ARG A 67 15.73 4.42 -20.08
N ILE A 68 15.09 3.95 -19.00
CA ILE A 68 14.76 4.80 -17.87
C ILE A 68 15.41 4.21 -16.62
N PRO A 69 16.65 4.61 -16.31
CA PRO A 69 17.32 4.05 -15.12
C PRO A 69 16.62 4.38 -13.82
N THR A 70 15.79 5.41 -13.79
CA THR A 70 15.11 5.84 -12.57
C THR A 70 14.03 4.87 -12.11
N ASN A 71 13.68 3.87 -12.93
CA ASN A 71 12.48 3.10 -12.69
C ASN A 71 12.52 2.35 -11.36
N TYR A 72 13.59 1.60 -11.12
CA TYR A 72 13.65 0.79 -9.90
C TYR A 72 14.33 1.51 -8.75
N LEU A 73 14.71 2.77 -8.92
CA LEU A 73 14.98 3.60 -7.76
C LEU A 73 13.73 3.77 -6.90
N ARG A 74 12.59 3.94 -7.55
CA ARG A 74 11.32 4.14 -6.85
C ARG A 74 10.71 2.79 -6.52
N ARG A 75 10.75 2.42 -5.24
CA ARG A 75 9.97 1.27 -4.79
C ARG A 75 8.49 1.58 -4.81
N GLU A 76 8.12 2.85 -4.64
CA GLU A 76 6.74 3.27 -4.85
C GLU A 76 6.36 3.09 -6.31
N ILE A 77 5.09 2.77 -6.54
CA ILE A 77 4.62 2.30 -7.84
C ILE A 77 5.47 1.09 -8.21
N GLY A 78 5.42 0.06 -7.37
CA GLY A 78 6.35 -1.05 -7.49
C GLY A 78 6.20 -1.81 -8.80
N THR A 79 4.97 -2.10 -9.18
CA THR A 79 4.69 -2.91 -10.36
C THR A 79 3.85 -2.14 -11.36
N SER A 80 4.12 -2.33 -12.63
CA SER A 80 3.35 -1.73 -13.70
C SER A 80 2.41 -2.75 -14.33
N ASP A 81 1.49 -2.27 -15.17
CA ASP A 81 0.58 -3.23 -15.80
C ASP A 81 1.34 -4.16 -16.74
N LYS A 82 2.34 -3.63 -17.44
CA LYS A 82 3.09 -4.45 -18.39
C LYS A 82 3.81 -5.58 -17.67
N GLU A 83 4.37 -5.31 -16.49
CA GLU A 83 4.97 -6.37 -15.68
C GLU A 83 3.93 -7.39 -15.25
N ILE A 84 2.73 -6.93 -14.86
CA ILE A 84 1.68 -7.84 -14.42
C ILE A 84 1.23 -8.73 -15.58
N LEU A 85 1.05 -8.14 -16.76
CA LEU A 85 0.61 -8.92 -17.92
C LEU A 85 1.67 -9.95 -18.32
N THR A 86 2.94 -9.56 -18.28
CA THR A 86 4.00 -10.52 -18.58
C THR A 86 4.05 -11.64 -17.56
N SER A 87 3.83 -11.32 -16.29
CA SER A 87 3.80 -12.36 -15.26
C SER A 87 2.67 -13.34 -15.49
N ARG A 88 1.50 -12.83 -15.92
CA ARG A 88 0.37 -13.71 -16.20
C ARG A 88 0.66 -14.61 -17.39
N ILE A 89 1.35 -14.08 -18.41
CA ILE A 89 1.67 -14.88 -19.59
C ILE A 89 2.63 -16.01 -19.21
N ILE A 90 3.68 -15.69 -18.45
CA ILE A 90 4.62 -16.71 -18.01
C ILE A 90 3.92 -17.73 -17.12
N ASP A 91 3.02 -17.27 -16.25
CA ASP A 91 2.29 -18.18 -15.38
C ASP A 91 1.43 -19.13 -16.17
N ARG A 92 0.76 -18.64 -17.22
CA ARG A 92 -0.09 -19.50 -18.04
C ARG A 92 0.73 -20.50 -18.84
N SER A 93 1.98 -20.18 -19.15
CA SER A 93 2.82 -21.09 -19.94
C SER A 93 3.35 -22.25 -19.12
N ILE A 94 3.55 -22.07 -17.81
CA ILE A 94 4.18 -23.08 -16.99
C ILE A 94 3.23 -23.76 -16.01
N ARG A 95 2.09 -23.14 -15.69
CA ARG A 95 1.16 -23.76 -14.74
C ARG A 95 0.61 -25.11 -15.21
N PRO A 96 0.15 -25.28 -16.45
CA PRO A 96 -0.42 -26.58 -16.83
C PRO A 96 0.55 -27.74 -16.79
N LEU A 97 1.86 -27.47 -16.83
CA LEU A 97 2.85 -28.54 -16.89
C LEU A 97 3.24 -29.06 -15.51
N PHE A 98 2.79 -28.42 -14.43
CA PHE A 98 3.06 -28.94 -13.10
C PHE A 98 2.23 -30.19 -12.83
N PRO A 99 2.77 -31.13 -12.07
CA PRO A 99 2.00 -32.34 -11.75
C PRO A 99 0.78 -32.02 -10.90
N ALA A 100 -0.25 -32.85 -11.06
CA ALA A 100 -1.46 -32.66 -10.27
C ALA A 100 -1.19 -32.98 -8.80
N GLY A 101 -1.70 -32.12 -7.93
CA GLY A 101 -1.49 -32.28 -6.50
C GLY A 101 -0.18 -31.74 -5.97
N TYR A 102 0.55 -30.96 -6.77
CA TYR A 102 1.81 -30.37 -6.33
C TYR A 102 1.52 -29.10 -5.52
N PHE A 103 1.09 -29.32 -4.28
CA PHE A 103 0.69 -28.22 -3.40
C PHE A 103 1.91 -27.74 -2.61
N TYR A 104 2.81 -27.07 -3.33
CA TYR A 104 4.05 -26.57 -2.76
C TYR A 104 4.28 -25.15 -3.23
N ASP A 105 4.65 -24.27 -2.29
CA ASP A 105 4.88 -22.87 -2.60
C ASP A 105 6.02 -22.72 -3.59
N THR A 106 5.70 -22.30 -4.81
CA THR A 106 6.68 -22.14 -5.88
C THR A 106 6.66 -20.70 -6.37
N GLN A 107 7.84 -20.10 -6.49
CA GLN A 107 7.98 -18.74 -6.99
C GLN A 107 8.98 -18.75 -8.14
N VAL A 108 8.59 -18.15 -9.26
CA VAL A 108 9.47 -17.97 -10.42
C VAL A 108 9.72 -16.49 -10.56
N LEU A 109 10.98 -16.09 -10.47
CA LEU A 109 11.38 -14.69 -10.50
C LEU A 109 12.23 -14.43 -11.73
N CYS A 110 11.94 -13.32 -12.42
CA CYS A 110 12.67 -12.93 -13.61
C CYS A 110 13.41 -11.63 -13.34
N ASN A 111 14.72 -11.65 -13.56
CA ASN A 111 15.57 -10.49 -13.39
C ASN A 111 16.13 -10.09 -14.75
N LEU A 112 15.90 -8.84 -15.14
CA LEU A 112 16.40 -8.33 -16.41
C LEU A 112 17.85 -7.89 -16.23
N LEU A 113 18.79 -8.79 -16.55
CA LEU A 113 20.20 -8.46 -16.40
C LEU A 113 20.59 -7.31 -17.33
N ALA A 114 20.13 -7.36 -18.57
CA ALA A 114 20.43 -6.31 -19.54
C ALA A 114 19.41 -6.36 -20.66
N VAL A 115 19.11 -5.20 -21.22
CA VAL A 115 18.23 -5.07 -22.38
C VAL A 115 18.87 -4.10 -23.35
N ASP A 116 18.87 -4.48 -24.64
CA ASP A 116 19.47 -3.65 -25.67
C ASP A 116 18.48 -2.76 -26.39
N GLY A 117 17.21 -2.78 -25.99
CA GLY A 117 16.20 -2.00 -26.68
C GLY A 117 15.85 -2.50 -28.05
N VAL A 118 16.25 -3.73 -28.38
CA VAL A 118 15.98 -4.33 -29.69
C VAL A 118 15.23 -5.63 -29.51
N ASN A 119 15.79 -6.54 -28.71
CA ASN A 119 15.17 -7.83 -28.45
C ASN A 119 14.26 -7.74 -27.24
N GLU A 120 13.04 -8.22 -27.38
CA GLU A 120 12.05 -8.12 -26.31
C GLU A 120 12.35 -9.15 -25.23
N PRO A 121 12.50 -8.74 -23.96
CA PRO A 121 12.84 -9.69 -22.91
C PRO A 121 11.68 -10.53 -22.40
N ASP A 122 10.45 -10.23 -22.79
CA ASP A 122 9.31 -10.98 -22.25
C ASP A 122 9.28 -12.41 -22.76
N VAL A 123 9.59 -12.62 -24.04
CA VAL A 123 9.62 -13.98 -24.57
C VAL A 123 10.79 -14.76 -24.01
N LEU A 124 11.94 -14.09 -23.84
CA LEU A 124 13.09 -14.74 -23.21
C LEU A 124 12.78 -15.13 -21.77
N ALA A 125 11.94 -14.36 -21.10
CA ALA A 125 11.56 -14.70 -19.73
C ALA A 125 10.76 -16.00 -19.67
N ILE A 126 9.88 -16.22 -20.66
CA ILE A 126 9.12 -17.47 -20.70
C ILE A 126 10.04 -18.65 -20.92
N ASN A 127 10.97 -18.52 -21.86
CA ASN A 127 11.94 -19.60 -22.11
C ASN A 127 12.84 -19.81 -20.90
N GLY A 128 13.26 -18.73 -20.25
CA GLY A 128 14.08 -18.85 -19.06
C GLY A 128 13.35 -19.57 -17.93
N ALA A 129 12.05 -19.33 -17.80
CA ALA A 129 11.26 -20.07 -16.82
C ALA A 129 11.24 -21.55 -17.15
N SER A 130 11.15 -21.89 -18.44
CA SER A 130 11.17 -23.29 -18.84
C SER A 130 12.51 -23.94 -18.52
N VAL A 131 13.62 -23.25 -18.81
CA VAL A 131 14.94 -23.82 -18.58
C VAL A 131 15.22 -23.94 -17.08
N ALA A 132 14.86 -22.90 -16.32
CA ALA A 132 15.09 -22.95 -14.88
C ALA A 132 14.32 -24.09 -14.23
N LEU A 133 13.09 -24.33 -14.69
CA LEU A 133 12.32 -25.44 -14.15
C LEU A 133 12.85 -26.78 -14.63
N SER A 134 13.31 -26.84 -15.89
CA SER A 134 13.82 -28.10 -16.44
C SER A 134 15.10 -28.53 -15.73
N LEU A 135 16.03 -27.59 -15.50
CA LEU A 135 17.29 -27.93 -14.86
C LEU A 135 17.15 -28.14 -13.37
N SER A 136 16.10 -27.58 -12.76
CA SER A 136 15.92 -27.71 -11.32
C SER A 136 15.44 -29.12 -10.97
N ASP A 137 15.37 -29.39 -9.67
CA ASP A 137 14.79 -30.62 -9.17
C ASP A 137 13.29 -30.51 -8.95
N ILE A 138 12.69 -29.38 -9.32
CA ILE A 138 11.25 -29.20 -9.16
C ILE A 138 10.52 -30.12 -10.13
N PRO A 139 9.56 -30.91 -9.67
CA PRO A 139 8.80 -31.77 -10.60
C PRO A 139 8.05 -30.92 -11.62
N TRP A 140 8.41 -31.11 -12.89
CA TRP A 140 7.83 -30.34 -13.97
C TRP A 140 7.93 -31.16 -15.24
N ASN A 141 6.94 -31.01 -16.12
CA ASN A 141 6.90 -31.81 -17.34
C ASN A 141 7.87 -31.24 -18.37
N GLY A 142 7.77 -31.71 -19.61
CA GLY A 142 8.72 -31.40 -20.65
C GLY A 142 8.94 -29.92 -20.87
N PRO A 143 10.05 -29.58 -21.52
CA PRO A 143 10.38 -28.17 -21.73
C PRO A 143 9.33 -27.47 -22.60
N VAL A 144 9.15 -26.19 -22.34
CA VAL A 144 8.22 -25.34 -23.08
C VAL A 144 9.02 -24.31 -23.85
N GLY A 145 8.79 -24.24 -25.16
CA GLY A 145 9.39 -23.21 -26.00
C GLY A 145 8.36 -22.13 -26.29
N ALA A 146 8.82 -20.88 -26.25
CA ALA A 146 7.95 -19.74 -26.47
C ALA A 146 8.56 -18.83 -27.52
N VAL A 147 7.76 -18.45 -28.51
CA VAL A 147 8.18 -17.51 -29.54
C VAL A 147 7.07 -16.48 -29.73
N ARG A 148 7.43 -15.37 -30.36
CA ARG A 148 6.48 -14.37 -30.79
C ARG A 148 6.45 -14.33 -32.31
N ILE A 149 5.26 -14.41 -32.89
CA ILE A 149 5.08 -14.40 -34.33
C ILE A 149 4.42 -13.10 -34.73
N GLY A 150 5.05 -12.36 -35.64
CA GLY A 150 4.48 -11.16 -36.20
C GLY A 150 4.34 -11.30 -37.71
N ILE A 151 3.54 -10.42 -38.29
CA ILE A 151 3.31 -10.39 -39.73
C ILE A 151 3.74 -9.01 -40.22
N ILE A 152 4.93 -8.94 -40.82
CA ILE A 152 5.47 -7.69 -41.35
C ILE A 152 5.52 -7.81 -42.86
N ASP A 153 4.78 -6.93 -43.54
CA ASP A 153 4.72 -6.92 -45.01
C ASP A 153 4.30 -8.27 -45.56
N GLY A 154 3.36 -8.92 -44.88
CA GLY A 154 2.86 -10.20 -45.32
C GLY A 154 3.76 -11.38 -45.04
N GLU A 155 4.84 -11.20 -44.28
CA GLU A 155 5.79 -12.26 -43.98
C GLU A 155 5.76 -12.54 -42.48
N TYR A 156 5.84 -13.83 -42.14
CA TYR A 156 5.84 -14.25 -40.74
C TYR A 156 7.25 -14.18 -40.18
N VAL A 157 7.41 -13.47 -39.07
CA VAL A 157 8.70 -13.21 -38.45
C VAL A 157 8.70 -13.81 -37.05
N VAL A 158 9.73 -14.58 -36.73
CA VAL A 158 9.87 -15.18 -35.42
C VAL A 158 10.69 -14.25 -34.53
N ASN A 159 10.19 -13.98 -33.33
CA ASN A 159 10.78 -13.07 -32.36
C ASN A 159 11.12 -11.73 -33.01
N PRO A 160 10.13 -10.97 -33.47
CA PRO A 160 10.44 -9.69 -34.09
C PRO A 160 11.03 -8.71 -33.09
N THR A 161 11.89 -7.83 -33.60
CA THR A 161 12.50 -6.82 -32.75
C THR A 161 11.47 -5.74 -32.39
N ARG A 162 11.91 -4.76 -31.61
CA ARG A 162 11.01 -3.68 -31.22
C ARG A 162 10.56 -2.88 -32.45
N LYS A 163 11.47 -2.65 -33.39
CA LYS A 163 11.10 -1.92 -34.60
C LYS A 163 10.12 -2.72 -35.45
N GLU A 164 10.32 -4.04 -35.55
CA GLU A 164 9.44 -4.87 -36.36
C GLU A 164 8.05 -4.97 -35.73
N MET A 165 7.98 -5.02 -34.40
CA MET A 165 6.70 -5.17 -33.72
C MET A 165 5.79 -3.98 -33.98
N SER A 166 6.36 -2.78 -34.02
CA SER A 166 5.56 -1.57 -34.23
C SER A 166 4.98 -1.48 -35.64
N SER A 167 5.43 -2.33 -36.56
CA SER A 167 4.94 -2.31 -37.94
C SER A 167 4.23 -3.60 -38.32
N SER A 168 3.99 -4.49 -37.38
CA SER A 168 3.38 -5.78 -37.66
C SER A 168 1.88 -5.72 -37.36
N THR A 169 1.09 -6.41 -38.20
CA THR A 169 -0.34 -6.50 -38.00
C THR A 169 -0.73 -7.60 -37.03
N LEU A 170 0.24 -8.35 -36.50
CA LEU A 170 -0.04 -9.42 -35.56
C LEU A 170 1.00 -9.41 -34.46
N ASN A 171 0.54 -9.59 -33.22
CA ASN A 171 1.40 -9.73 -32.04
C ASN A 171 0.93 -10.98 -31.32
N LEU A 172 1.45 -12.13 -31.74
CA LEU A 172 1.02 -13.43 -31.25
C LEU A 172 2.16 -14.09 -30.49
N VAL A 173 1.87 -14.58 -29.29
CA VAL A 173 2.83 -15.31 -28.47
C VAL A 173 2.35 -16.74 -28.33
N VAL A 174 3.20 -17.69 -28.69
CA VAL A 174 2.87 -19.10 -28.68
C VAL A 174 3.81 -19.82 -27.73
N ALA A 175 3.26 -20.60 -26.82
CA ALA A 175 4.02 -21.50 -25.97
C ALA A 175 3.71 -22.93 -26.38
N GLY A 176 4.74 -23.70 -26.69
CA GLY A 176 4.57 -25.06 -27.19
C GLY A 176 5.21 -26.08 -26.27
N ALA A 177 4.55 -27.21 -26.14
CA ALA A 177 5.03 -28.38 -25.41
C ALA A 177 5.64 -29.38 -26.38
N PRO A 178 6.29 -30.43 -25.87
CA PRO A 178 6.76 -31.48 -26.77
C PRO A 178 5.62 -32.10 -27.57
N LYS A 179 5.96 -32.58 -28.76
CA LYS A 179 5.01 -33.17 -29.71
C LYS A 179 4.03 -32.13 -30.26
N SER A 180 4.50 -30.90 -30.44
CA SER A 180 3.75 -29.85 -31.13
C SER A 180 2.44 -29.51 -30.43
N GLN A 181 2.37 -29.71 -29.12
CA GLN A 181 1.21 -29.28 -28.36
C GLN A 181 1.27 -27.77 -28.12
N ILE A 182 0.11 -27.19 -27.82
CA ILE A 182 -0.02 -25.77 -27.56
C ILE A 182 -0.44 -25.59 -26.11
N VAL A 183 0.35 -24.84 -25.34
CA VAL A 183 0.09 -24.62 -23.93
C VAL A 183 -0.52 -23.24 -23.67
N MET A 184 -0.03 -22.21 -24.34
CA MET A 184 -0.54 -20.87 -24.16
C MET A 184 -0.62 -20.15 -25.50
N LEU A 185 -1.73 -19.47 -25.74
CA LEU A 185 -1.88 -18.59 -26.89
C LEU A 185 -2.37 -17.23 -26.40
N GLU A 186 -1.77 -16.18 -26.94
CA GLU A 186 -2.15 -14.82 -26.55
C GLU A 186 -1.77 -13.90 -27.70
N ALA A 187 -2.77 -13.40 -28.42
CA ALA A 187 -2.52 -12.60 -29.62
C ALA A 187 -3.37 -11.35 -29.61
N SER A 188 -2.81 -10.28 -30.19
CA SER A 188 -3.55 -9.09 -30.55
C SER A 188 -3.28 -8.82 -32.03
N ALA A 189 -4.34 -8.74 -32.82
CA ALA A 189 -4.22 -8.63 -34.26
C ALA A 189 -4.97 -7.41 -34.76
N GLU A 190 -4.48 -6.82 -35.84
CA GLU A 190 -5.09 -5.64 -36.44
C GLU A 190 -6.18 -6.06 -37.44
N ASN A 191 -7.16 -6.81 -36.93
CA ASN A 191 -8.30 -7.26 -37.71
C ASN A 191 -7.87 -8.04 -38.95
N ILE A 192 -7.01 -9.04 -38.74
CA ILE A 192 -6.45 -9.81 -39.83
C ILE A 192 -7.36 -10.99 -40.15
N LEU A 193 -7.19 -11.55 -41.34
CA LEU A 193 -8.02 -12.65 -41.78
C LEU A 193 -7.77 -13.90 -40.94
N GLN A 194 -8.79 -14.75 -40.86
CA GLN A 194 -8.69 -15.97 -40.07
C GLN A 194 -7.61 -16.90 -40.63
N GLN A 195 -7.54 -17.03 -41.96
CA GLN A 195 -6.55 -17.91 -42.56
C GLN A 195 -5.13 -17.43 -42.30
N ASP A 196 -4.90 -16.12 -42.39
CA ASP A 196 -3.59 -15.58 -42.06
C ASP A 196 -3.26 -15.80 -40.60
N PHE A 197 -4.26 -15.65 -39.72
CA PHE A 197 -4.04 -15.89 -38.29
C PHE A 197 -3.68 -17.34 -38.01
N CYS A 198 -4.35 -18.27 -38.68
CA CYS A 198 -4.13 -19.70 -38.42
C CYS A 198 -2.76 -20.15 -38.87
N HIS A 199 -2.24 -19.57 -39.97
CA HIS A 199 -0.91 -19.95 -40.44
C HIS A 199 0.16 -19.56 -39.44
N ALA A 200 0.02 -18.39 -38.80
CA ALA A 200 1.02 -17.94 -37.83
C ALA A 200 1.11 -18.87 -36.64
N ILE A 201 -0.02 -19.44 -36.21
CA ILE A 201 0.02 -20.39 -35.10
C ILE A 201 0.81 -21.63 -35.49
N LYS A 202 0.60 -22.14 -36.71
CA LYS A 202 1.36 -23.31 -37.15
C LYS A 202 2.84 -23.02 -37.26
N VAL A 203 3.20 -21.82 -37.74
CA VAL A 203 4.60 -21.43 -37.82
C VAL A 203 5.21 -21.36 -36.43
N GLY A 204 4.48 -20.76 -35.49
CA GLY A 204 5.00 -20.62 -34.14
C GLY A 204 5.24 -21.95 -33.45
N VAL A 205 4.32 -22.90 -33.64
CA VAL A 205 4.47 -24.21 -33.03
C VAL A 205 5.71 -24.91 -33.56
N LYS A 206 5.99 -24.73 -34.86
CA LYS A 206 7.20 -25.31 -35.43
C LYS A 206 8.45 -24.74 -34.79
N TYR A 207 8.48 -23.43 -34.56
CA TYR A 207 9.65 -22.79 -33.96
C TYR A 207 9.84 -23.18 -32.50
N THR A 208 8.76 -23.36 -31.76
CA THR A 208 8.89 -23.73 -30.35
C THR A 208 9.50 -25.12 -30.19
N GLN A 209 9.30 -26.01 -31.17
CA GLN A 209 9.90 -27.32 -31.10
C GLN A 209 11.42 -27.25 -31.20
N GLN A 210 11.95 -26.30 -31.96
CA GLN A 210 13.40 -26.12 -32.02
C GLN A 210 13.96 -25.70 -30.67
N ILE A 211 13.26 -24.81 -29.97
CA ILE A 211 13.68 -24.39 -28.64
C ILE A 211 13.65 -25.57 -27.67
N ILE A 212 12.59 -26.39 -27.76
CA ILE A 212 12.49 -27.56 -26.89
C ILE A 212 13.63 -28.52 -27.17
N GLN A 213 14.04 -28.65 -28.43
CA GLN A 213 15.18 -29.50 -28.77
C GLN A 213 16.46 -28.98 -28.13
N GLY A 214 16.68 -27.66 -28.18
CA GLY A 214 17.87 -27.09 -27.58
C GLY A 214 17.88 -27.21 -26.07
N ILE A 215 16.73 -27.01 -25.44
CA ILE A 215 16.65 -27.12 -23.99
C ILE A 215 16.87 -28.56 -23.56
N GLN A 216 16.36 -29.52 -24.35
CA GLN A 216 16.52 -30.93 -24.00
C GLN A 216 17.99 -31.34 -24.01
N GLN A 217 18.76 -30.82 -24.96
CA GLN A 217 20.19 -31.09 -24.99
C GLN A 217 20.90 -30.52 -23.77
N LEU A 218 20.54 -29.30 -23.38
CA LEU A 218 21.14 -28.70 -22.19
C LEU A 218 20.79 -29.48 -20.93
N VAL A 219 19.55 -29.99 -20.85
CA VAL A 219 19.15 -30.80 -19.72
C VAL A 219 19.92 -32.12 -19.71
N LYS A 220 20.19 -32.68 -20.89
CA LYS A 220 20.92 -33.94 -20.97
C LYS A 220 22.34 -33.79 -20.46
N GLU A 221 23.02 -32.70 -20.84
CA GLU A 221 24.41 -32.50 -20.42
C GLU A 221 24.51 -32.35 -18.90
N THR A 222 23.61 -31.58 -18.31
CA THR A 222 23.59 -31.44 -16.86
C THR A 222 22.99 -32.68 -16.22
N GLY A 223 23.54 -33.08 -15.08
CA GLY A 223 23.01 -34.22 -14.35
C GLY A 223 21.77 -33.88 -13.56
N VAL A 224 20.66 -33.64 -14.25
CA VAL A 224 19.43 -33.19 -13.61
C VAL A 224 18.73 -34.38 -12.98
N THR A 225 18.48 -34.30 -11.68
CA THR A 225 17.73 -35.31 -10.95
C THR A 225 16.56 -34.63 -10.24
N LYS A 226 15.35 -35.12 -10.51
CA LYS A 226 14.16 -34.52 -9.95
C LYS A 226 13.94 -35.00 -8.53
N ARG A 227 13.49 -34.10 -7.66
CA ARG A 227 13.18 -34.45 -6.28
C ARG A 227 11.94 -35.34 -6.23
N THR A 228 11.84 -36.09 -5.14
CA THR A 228 10.65 -36.88 -4.87
C THR A 228 9.79 -36.10 -3.88
N PRO A 229 8.63 -35.58 -4.28
CA PRO A 229 7.82 -34.78 -3.35
C PRO A 229 7.38 -35.63 -2.16
N GLN A 230 7.23 -34.95 -1.02
CA GLN A 230 6.81 -35.65 0.19
C GLN A 230 5.44 -36.29 0.02
N LYS A 231 4.53 -35.61 -0.66
CA LYS A 231 3.20 -36.13 -0.91
C LYS A 231 2.56 -35.36 -2.05
N LEU A 232 2.04 -36.08 -3.05
CA LEU A 232 1.25 -35.47 -4.10
C LEU A 232 -0.23 -35.55 -3.70
N PHE A 233 -0.87 -34.39 -3.56
CA PHE A 233 -2.20 -34.30 -2.98
C PHE A 233 -3.25 -34.48 -4.08
N THR A 234 -3.53 -35.74 -4.38
CA THR A 234 -4.61 -36.11 -5.27
C THR A 234 -5.47 -37.17 -4.58
N PRO A 235 -6.79 -37.14 -4.81
CA PRO A 235 -7.65 -38.12 -4.14
C PRO A 235 -7.30 -39.54 -4.54
N SER A 236 -7.43 -40.45 -3.58
CA SER A 236 -7.13 -41.85 -3.85
C SER A 236 -8.12 -42.41 -4.86
N PRO A 237 -7.67 -43.27 -5.79
CA PRO A 237 -8.60 -43.84 -6.76
C PRO A 237 -9.72 -44.65 -6.13
N GLU A 238 -9.47 -45.30 -4.99
CA GLU A 238 -10.52 -46.06 -4.34
C GLU A 238 -11.56 -45.16 -3.67
N ILE A 239 -11.19 -43.93 -3.35
CA ILE A 239 -12.15 -42.99 -2.76
C ILE A 239 -12.97 -42.31 -3.86
N VAL A 240 -12.33 -41.96 -4.97
CA VAL A 240 -13.07 -41.38 -6.10
C VAL A 240 -14.08 -42.38 -6.65
N LYS A 241 -13.67 -43.65 -6.77
CA LYS A 241 -14.59 -44.67 -7.28
C LYS A 241 -15.74 -44.91 -6.31
N TYR A 242 -15.52 -44.73 -5.01
CA TYR A 242 -16.61 -44.88 -4.05
C TYR A 242 -17.56 -43.69 -4.11
N THR A 243 -17.02 -42.49 -4.28
CA THR A 243 -17.87 -41.30 -4.40
C THR A 243 -18.70 -41.35 -5.67
N HIS A 244 -18.20 -42.01 -6.72
CA HIS A 244 -18.92 -42.07 -7.99
C HIS A 244 -20.25 -42.77 -7.83
N LYS A 245 -20.26 -43.93 -7.18
CA LYS A 245 -21.51 -44.67 -7.05
C LYS A 245 -22.47 -44.04 -6.05
N LEU A 246 -22.02 -43.05 -5.28
CA LEU A 246 -22.89 -42.37 -4.32
C LEU A 246 -23.59 -41.16 -4.91
N ALA A 247 -22.96 -40.45 -5.85
CA ALA A 247 -23.48 -39.18 -6.31
C ALA A 247 -23.59 -39.04 -7.82
N MET A 248 -23.25 -40.08 -8.59
CA MET A 248 -23.33 -39.96 -10.05
C MET A 248 -24.77 -39.77 -10.51
N GLU A 249 -25.71 -40.55 -9.95
CA GLU A 249 -27.09 -40.46 -10.39
C GLU A 249 -27.71 -39.11 -10.01
N ARG A 250 -27.45 -38.63 -8.80
CA ARG A 250 -28.00 -37.35 -8.38
C ARG A 250 -27.38 -36.20 -9.17
N LEU A 251 -26.07 -36.25 -9.41
CA LEU A 251 -25.42 -35.21 -10.20
C LEU A 251 -25.90 -35.26 -11.66
N TYR A 252 -26.14 -36.46 -12.17
CA TYR A 252 -26.64 -36.59 -13.54
C TYR A 252 -28.00 -35.94 -13.70
N ALA A 253 -28.89 -36.14 -12.73
CA ALA A 253 -30.21 -35.51 -12.79
C ALA A 253 -30.10 -34.00 -12.71
N VAL A 254 -29.17 -33.49 -11.90
CA VAL A 254 -28.98 -32.04 -11.78
C VAL A 254 -28.52 -31.46 -13.10
N PHE A 255 -27.57 -32.11 -13.76
CA PHE A 255 -27.00 -31.57 -15.00
C PHE A 255 -27.89 -31.81 -16.21
N THR A 256 -28.87 -32.70 -16.11
CA THR A 256 -29.85 -32.87 -17.17
C THR A 256 -31.10 -32.03 -16.96
N ASP A 257 -31.16 -31.27 -15.86
CA ASP A 257 -32.27 -30.36 -15.59
C ASP A 257 -31.96 -29.04 -16.27
N TYR A 258 -32.69 -28.73 -17.34
CA TYR A 258 -32.43 -27.55 -18.15
C TYR A 258 -33.12 -26.30 -17.62
N GLU A 259 -33.90 -26.42 -16.56
CA GLU A 259 -34.55 -25.27 -15.94
C GLU A 259 -33.69 -24.60 -14.87
N HIS A 260 -32.53 -25.17 -14.55
CA HIS A 260 -31.64 -24.58 -13.56
C HIS A 260 -31.02 -23.30 -14.09
N ASP A 261 -30.88 -22.31 -13.21
CA ASP A 261 -30.04 -21.16 -13.47
C ASP A 261 -28.73 -21.34 -12.72
N LYS A 262 -27.88 -20.30 -12.71
CA LYS A 262 -26.57 -20.43 -12.09
C LYS A 262 -26.70 -20.73 -10.60
N VAL A 263 -27.54 -19.99 -9.89
CA VAL A 263 -27.65 -20.17 -8.45
C VAL A 263 -28.33 -21.49 -8.12
N SER A 264 -29.42 -21.82 -8.83
CA SER A 264 -30.15 -23.05 -8.53
C SER A 264 -29.29 -24.29 -8.80
N ARG A 265 -28.54 -24.29 -9.91
CA ARG A 265 -27.67 -25.42 -10.20
C ARG A 265 -26.55 -25.54 -9.16
N ASP A 266 -25.94 -24.42 -8.77
CA ASP A 266 -24.89 -24.46 -7.77
C ASP A 266 -25.43 -24.93 -6.43
N GLU A 267 -26.62 -24.47 -6.04
CA GLU A 267 -27.22 -24.92 -4.79
C GLU A 267 -27.56 -26.41 -4.83
N ALA A 268 -28.06 -26.89 -5.98
CA ALA A 268 -28.40 -28.30 -6.11
C ALA A 268 -27.15 -29.16 -6.02
N VAL A 269 -26.05 -28.73 -6.65
CA VAL A 269 -24.80 -29.47 -6.56
C VAL A 269 -24.28 -29.46 -5.13
N ASN A 270 -24.32 -28.29 -4.47
CA ASN A 270 -23.87 -28.20 -3.08
C ASN A 270 -24.73 -29.05 -2.15
N LYS A 271 -26.01 -29.22 -2.48
CA LYS A 271 -26.87 -30.07 -1.67
C LYS A 271 -26.40 -31.51 -1.70
N ILE A 272 -26.01 -32.00 -2.88
CA ILE A 272 -25.47 -33.35 -2.98
C ILE A 272 -24.11 -33.45 -2.28
N ARG A 273 -23.30 -32.40 -2.39
CA ARG A 273 -21.99 -32.40 -1.75
C ARG A 273 -22.10 -32.50 -0.25
N LEU A 274 -23.04 -31.74 0.34
CA LEU A 274 -23.25 -31.79 1.78
C LEU A 274 -23.95 -33.07 2.22
N ASP A 275 -24.41 -33.90 1.29
CA ASP A 275 -25.01 -35.19 1.63
C ASP A 275 -24.06 -36.36 1.41
N THR A 276 -23.11 -36.23 0.49
CA THR A 276 -22.18 -37.32 0.18
C THR A 276 -20.89 -37.21 0.97
N GLU A 277 -20.40 -36.00 1.23
CA GLU A 277 -19.15 -35.83 1.95
C GLU A 277 -19.23 -36.37 3.37
N GLU A 278 -20.36 -36.15 4.04
CA GLU A 278 -20.55 -36.67 5.38
C GLU A 278 -20.58 -38.20 5.38
N GLN A 279 -21.13 -38.80 4.32
CA GLN A 279 -21.09 -40.26 4.20
C GLN A 279 -19.69 -40.75 3.85
N LEU A 280 -18.88 -39.92 3.20
CA LEU A 280 -17.52 -40.31 2.87
C LEU A 280 -16.66 -40.44 4.13
N LYS A 281 -16.91 -39.58 5.13
CA LYS A 281 -16.12 -39.62 6.35
C LYS A 281 -16.30 -40.94 7.09
N GLU A 282 -17.54 -41.47 7.14
CA GLU A 282 -17.77 -42.73 7.81
C GLU A 282 -17.03 -43.88 7.13
N LYS A 283 -17.06 -43.90 5.79
CA LYS A 283 -16.38 -44.98 5.07
C LYS A 283 -14.87 -44.86 5.16
N PHE A 284 -14.34 -43.64 5.22
CA PHE A 284 -12.90 -43.38 5.26
C PHE A 284 -12.59 -42.46 6.42
N PRO A 285 -12.61 -42.98 7.66
CA PRO A 285 -12.31 -42.12 8.82
C PRO A 285 -10.92 -41.52 8.79
N GLU A 286 -9.92 -42.25 8.28
CA GLU A 286 -8.54 -41.79 8.28
C GLU A 286 -8.20 -40.91 7.08
N ALA A 287 -9.15 -40.67 6.19
CA ALA A 287 -8.87 -39.89 4.99
C ALA A 287 -8.59 -38.43 5.36
N ASP A 288 -7.71 -37.81 4.58
CA ASP A 288 -7.47 -36.38 4.72
C ASP A 288 -8.77 -35.63 4.49
N PRO A 289 -9.16 -34.70 5.37
CA PRO A 289 -10.40 -33.96 5.13
C PRO A 289 -10.43 -33.26 3.77
N TYR A 290 -9.32 -32.68 3.32
CA TYR A 290 -9.30 -32.05 2.00
C TYR A 290 -9.51 -33.10 0.90
N GLU A 291 -8.95 -34.28 1.07
CA GLU A 291 -9.10 -35.34 0.07
C GLU A 291 -10.57 -35.66 -0.19
N ILE A 292 -11.42 -35.48 0.83
CA ILE A 292 -12.85 -35.70 0.64
C ILE A 292 -13.46 -34.62 -0.25
N ILE A 293 -13.06 -33.35 -0.05
CA ILE A 293 -13.59 -32.27 -0.89
C ILE A 293 -13.18 -32.48 -2.34
N GLU A 294 -11.91 -32.81 -2.58
CA GLU A 294 -11.44 -32.97 -3.95
C GLU A 294 -12.01 -34.21 -4.61
N SER A 295 -12.34 -35.24 -3.81
CA SER A 295 -12.94 -36.44 -4.38
C SER A 295 -14.30 -36.15 -5.00
N PHE A 296 -15.12 -35.35 -4.33
CA PHE A 296 -16.42 -34.97 -4.90
C PHE A 296 -16.23 -34.07 -6.12
N ASN A 297 -15.21 -33.21 -6.09
CA ASN A 297 -14.95 -32.35 -7.24
C ASN A 297 -14.57 -33.17 -8.47
N VAL A 298 -13.75 -34.21 -8.27
CA VAL A 298 -13.36 -35.07 -9.38
C VAL A 298 -14.58 -35.81 -9.94
N VAL A 299 -15.42 -36.36 -9.06
CA VAL A 299 -16.60 -37.10 -9.51
C VAL A 299 -17.57 -36.18 -10.23
N ALA A 300 -17.82 -35.00 -9.66
CA ALA A 300 -18.74 -34.05 -10.31
C ALA A 300 -18.22 -33.59 -11.65
N LYS A 301 -16.91 -33.35 -11.75
CA LYS A 301 -16.33 -32.94 -13.03
C LYS A 301 -16.46 -34.03 -14.08
N GLU A 302 -16.24 -35.29 -13.68
CA GLU A 302 -16.32 -36.39 -14.65
C GLU A 302 -17.75 -36.60 -15.11
N VAL A 303 -18.72 -36.55 -14.19
CA VAL A 303 -20.12 -36.71 -14.56
C VAL A 303 -20.55 -35.57 -15.48
N PHE A 304 -20.12 -34.34 -15.17
CA PHE A 304 -20.48 -33.19 -15.99
C PHE A 304 -19.96 -33.34 -17.41
N ARG A 305 -18.71 -33.81 -17.56
CA ARG A 305 -18.12 -33.93 -18.89
C ARG A 305 -18.67 -35.13 -19.65
N SER A 306 -19.06 -36.20 -18.95
CA SER A 306 -19.56 -37.39 -19.63
C SER A 306 -20.86 -37.10 -20.37
N ILE A 307 -21.64 -36.13 -19.89
CA ILE A 307 -22.89 -35.79 -20.56
C ILE A 307 -22.61 -35.10 -21.89
N VAL A 308 -21.65 -34.17 -21.91
CA VAL A 308 -21.32 -33.45 -23.14
C VAL A 308 -20.75 -34.40 -24.18
N LEU A 309 -19.87 -35.32 -23.76
CA LEU A 309 -19.26 -36.24 -24.72
C LEU A 309 -20.27 -37.26 -25.24
N ASN A 310 -21.03 -37.87 -24.33
CA ASN A 310 -21.91 -38.98 -24.73
C ASN A 310 -23.19 -38.48 -25.40
N GLU A 311 -23.74 -37.36 -24.94
CA GLU A 311 -25.05 -36.91 -25.39
C GLU A 311 -25.02 -35.65 -26.25
N TYR A 312 -23.86 -34.99 -26.37
CA TYR A 312 -23.72 -33.78 -27.17
C TYR A 312 -24.69 -32.68 -26.72
N LYS A 313 -25.01 -32.65 -25.43
CA LYS A 313 -25.97 -31.69 -24.88
C LYS A 313 -25.35 -31.00 -23.68
N ARG A 314 -25.49 -29.68 -23.63
CA ARG A 314 -24.96 -28.91 -22.52
C ARG A 314 -25.88 -29.00 -21.31
N CYS A 315 -25.38 -28.53 -20.17
CA CYS A 315 -26.14 -28.62 -18.92
C CYS A 315 -27.37 -27.74 -18.91
N ASP A 316 -27.44 -26.73 -19.78
CA ASP A 316 -28.60 -25.86 -19.87
C ASP A 316 -29.50 -26.18 -21.06
N GLY A 317 -29.30 -27.34 -21.71
CA GLY A 317 -30.13 -27.77 -22.80
C GLY A 317 -29.68 -27.34 -24.18
N ARG A 318 -28.63 -26.54 -24.29
CA ARG A 318 -28.14 -26.14 -25.60
C ARG A 318 -27.38 -27.28 -26.26
N ASP A 319 -27.06 -27.10 -27.54
CA ASP A 319 -26.13 -27.97 -28.22
C ASP A 319 -24.75 -27.30 -28.24
N LEU A 320 -23.80 -27.96 -28.91
CA LEU A 320 -22.41 -27.52 -28.83
C LEU A 320 -22.18 -26.16 -29.47
N THR A 321 -23.10 -25.68 -30.32
CA THR A 321 -22.85 -24.46 -31.08
C THR A 321 -23.77 -23.30 -30.71
N SER A 322 -24.86 -23.56 -30.00
CA SER A 322 -25.84 -22.51 -29.71
C SER A 322 -25.30 -21.52 -28.67
N LEU A 323 -25.71 -20.27 -28.82
CA LEU A 323 -25.39 -19.21 -27.88
C LEU A 323 -26.47 -19.09 -26.81
N ARG A 324 -26.15 -18.31 -25.78
CA ARG A 324 -27.16 -17.95 -24.78
C ARG A 324 -27.98 -16.77 -25.29
N ASN A 325 -29.02 -16.44 -24.54
CA ASN A 325 -29.86 -15.29 -24.90
C ASN A 325 -29.06 -14.01 -24.78
N VAL A 326 -29.07 -13.20 -25.84
CA VAL A 326 -28.30 -11.97 -25.90
C VAL A 326 -29.27 -10.81 -26.07
N SER A 327 -29.25 -9.88 -25.13
CA SER A 327 -30.07 -8.68 -25.17
C SER A 327 -29.18 -7.47 -24.89
N CYS A 328 -29.41 -6.39 -25.63
CA CYS A 328 -28.58 -5.20 -25.56
C CYS A 328 -29.45 -3.97 -25.36
N GLU A 329 -28.85 -2.92 -24.80
CA GLU A 329 -29.52 -1.65 -24.59
C GLU A 329 -28.47 -0.56 -24.59
N VAL A 330 -28.89 0.66 -24.93
CA VAL A 330 -28.00 1.81 -25.01
C VAL A 330 -28.74 3.05 -24.48
N ASP A 331 -27.97 4.13 -24.30
CA ASP A 331 -28.48 5.46 -23.97
C ASP A 331 -29.36 5.46 -22.71
N MET A 332 -29.09 4.54 -21.78
CA MET A 332 -29.92 4.41 -20.60
C MET A 332 -29.85 5.65 -19.71
N PHE A 333 -28.67 6.24 -19.55
CA PHE A 333 -28.47 7.40 -18.69
C PHE A 333 -28.12 8.62 -19.53
N LYS A 334 -28.78 9.74 -19.24
CA LYS A 334 -28.64 10.92 -20.07
C LYS A 334 -27.27 11.57 -19.93
N THR A 335 -26.73 11.62 -18.71
CA THR A 335 -25.50 12.35 -18.47
C THR A 335 -24.26 11.64 -19.00
N LEU A 336 -24.31 10.32 -19.15
CA LEU A 336 -23.16 9.59 -19.67
C LEU A 336 -22.93 9.91 -21.14
N HIS A 337 -21.66 10.09 -21.51
CA HIS A 337 -21.34 10.34 -22.91
C HIS A 337 -21.74 9.16 -23.78
N GLY A 338 -21.52 7.94 -23.29
CA GLY A 338 -22.01 6.76 -23.96
C GLY A 338 -22.23 5.67 -22.94
N SER A 339 -23.21 4.81 -23.20
CA SER A 339 -23.53 3.76 -22.24
C SER A 339 -24.17 2.60 -22.98
N ALA A 340 -24.01 1.41 -22.42
CA ALA A 340 -24.61 0.21 -22.97
C ALA A 340 -24.72 -0.84 -21.88
N LEU A 341 -25.84 -1.56 -21.88
CA LEU A 341 -26.05 -2.68 -20.97
C LEU A 341 -26.14 -3.94 -21.83
N PHE A 342 -25.11 -4.77 -21.76
CA PHE A 342 -25.04 -6.00 -22.53
C PHE A 342 -25.34 -7.18 -21.62
N GLN A 343 -26.31 -8.00 -22.03
CA GLN A 343 -26.71 -9.18 -21.27
C GLN A 343 -26.53 -10.40 -22.15
N ARG A 344 -25.92 -11.45 -21.59
CA ARG A 344 -25.67 -12.70 -22.29
C ARG A 344 -25.88 -13.83 -21.28
N GLY A 345 -27.01 -14.50 -21.37
CA GLY A 345 -27.36 -15.48 -20.35
C GLY A 345 -27.58 -14.77 -19.04
N GLN A 346 -26.86 -15.20 -18.00
CA GLN A 346 -26.89 -14.55 -16.70
C GLN A 346 -25.69 -13.64 -16.47
N THR A 347 -24.97 -13.30 -17.53
CA THR A 347 -23.85 -12.38 -17.45
C THR A 347 -24.32 -10.99 -17.88
N GLN A 348 -24.11 -10.01 -17.00
CA GLN A 348 -24.55 -8.64 -17.23
C GLN A 348 -23.36 -7.71 -17.07
N VAL A 349 -23.11 -6.88 -18.08
CA VAL A 349 -21.98 -5.97 -18.09
C VAL A 349 -22.49 -4.56 -18.38
N LEU A 350 -22.07 -3.60 -17.57
CA LEU A 350 -22.41 -2.20 -17.75
C LEU A 350 -21.19 -1.49 -18.34
N CYS A 351 -21.34 -0.97 -19.54
CA CYS A 351 -20.25 -0.30 -20.25
C CYS A 351 -20.54 1.18 -20.37
N THR A 352 -19.57 2.01 -20.04
CA THR A 352 -19.70 3.45 -20.07
C THR A 352 -18.51 4.05 -20.81
N VAL A 353 -18.79 4.96 -21.72
CA VAL A 353 -17.75 5.68 -22.46
C VAL A 353 -17.65 7.09 -21.91
N THR A 354 -16.45 7.49 -21.51
CA THR A 354 -16.19 8.82 -21.00
C THR A 354 -15.10 9.47 -21.85
N PHE A 355 -15.37 10.69 -22.31
CA PHE A 355 -14.39 11.45 -23.08
C PHE A 355 -13.64 12.39 -22.16
N ASP A 356 -12.31 12.39 -22.27
CA ASP A 356 -11.45 13.21 -21.44
C ASP A 356 -10.51 14.01 -22.34
N SER A 357 -9.77 14.93 -21.74
CA SER A 357 -8.79 15.69 -22.48
C SER A 357 -7.63 14.80 -22.88
N LEU A 358 -6.97 15.17 -23.99
CA LEU A 358 -5.81 14.42 -24.45
C LEU A 358 -4.69 14.46 -23.41
N GLU A 359 -4.47 15.62 -22.79
CA GLU A 359 -3.42 15.76 -21.78
C GLU A 359 -3.70 14.97 -20.52
N SER A 360 -4.93 14.48 -20.33
CA SER A 360 -5.24 13.70 -19.13
C SER A 360 -4.57 12.35 -19.13
N GLY A 361 -4.09 11.87 -20.29
CA GLY A 361 -3.41 10.59 -20.38
C GLY A 361 -1.95 10.60 -20.01
N ILE A 362 -1.40 11.75 -19.65
CA ILE A 362 0.02 11.87 -19.29
C ILE A 362 0.11 12.39 -17.86
N LYS A 363 0.91 11.71 -17.05
CA LYS A 363 1.06 12.09 -15.66
C LYS A 363 1.93 13.34 -15.53
N SER A 364 2.04 13.83 -14.29
CA SER A 364 2.79 15.05 -14.01
C SER A 364 4.29 14.83 -13.93
N ASP A 365 4.75 13.58 -13.81
CA ASP A 365 6.17 13.28 -13.72
C ASP A 365 6.56 12.30 -14.82
N GLN A 366 7.80 12.41 -15.28
CA GLN A 366 8.25 11.59 -16.40
C GLN A 366 8.37 10.12 -16.02
N VAL A 367 8.84 9.82 -14.81
CA VAL A 367 9.14 8.44 -14.44
C VAL A 367 7.88 7.60 -14.43
N ILE A 368 6.81 8.10 -13.82
CA ILE A 368 5.55 7.35 -13.78
C ILE A 368 4.93 7.28 -15.17
N THR A 369 5.06 8.36 -15.95
CA THR A 369 4.57 8.34 -17.33
C THR A 369 5.30 7.30 -18.16
N ALA A 370 6.61 7.15 -17.95
CA ALA A 370 7.40 6.23 -18.75
C ALA A 370 7.10 4.78 -18.39
N ILE A 371 7.00 4.46 -17.09
CA ILE A 371 6.79 3.08 -16.68
C ILE A 371 5.41 2.60 -17.13
N ASN A 372 4.40 3.46 -17.03
CA ASN A 372 3.07 3.18 -17.56
C ASN A 372 2.91 4.10 -18.78
N GLY A 373 3.41 3.64 -19.92
CA GLY A 373 3.52 4.49 -21.08
C GLY A 373 2.17 4.88 -21.65
N ILE A 374 2.21 5.87 -22.54
CA ILE A 374 0.99 6.29 -23.23
C ILE A 374 0.47 5.15 -24.09
N LYS A 375 -0.84 5.12 -24.27
CA LYS A 375 -1.46 4.08 -25.08
C LYS A 375 -1.28 4.40 -26.55
N ASP A 376 -1.28 3.35 -27.38
CA ASP A 376 -1.00 3.52 -28.80
C ASP A 376 -1.95 4.52 -29.44
N LYS A 377 -3.25 4.32 -29.25
CA LYS A 377 -4.24 5.37 -29.46
C LYS A 377 -4.58 5.98 -28.11
N ASN A 378 -5.30 7.10 -28.14
CA ASN A 378 -5.77 7.73 -26.90
C ASN A 378 -7.02 6.98 -26.43
N PHE A 379 -6.81 5.72 -26.05
CA PHE A 379 -7.88 4.80 -25.75
C PHE A 379 -7.43 3.85 -24.65
N MET A 380 -8.29 3.63 -23.67
CA MET A 380 -8.02 2.68 -22.60
C MET A 380 -9.33 2.09 -22.11
N LEU A 381 -9.24 0.90 -21.54
CA LEU A 381 -10.41 0.20 -21.01
C LEU A 381 -10.13 -0.20 -19.57
N HIS A 382 -10.90 0.36 -18.64
CA HIS A 382 -10.85 -0.05 -17.24
C HIS A 382 -11.92 -1.08 -16.98
N TYR A 383 -11.52 -2.22 -16.44
CA TYR A 383 -12.39 -3.35 -16.20
C TYR A 383 -12.56 -3.56 -14.70
N GLU A 384 -13.81 -3.60 -14.25
CA GLU A 384 -14.13 -3.77 -12.84
C GLU A 384 -14.93 -5.06 -12.66
N PHE A 385 -14.58 -5.82 -11.63
CA PHE A 385 -15.29 -7.05 -11.27
C PHE A 385 -15.69 -6.92 -9.80
N PRO A 386 -16.79 -6.21 -9.52
CA PRO A 386 -17.18 -5.98 -8.14
C PRO A 386 -17.56 -7.29 -7.46
N PRO A 387 -17.37 -7.38 -6.13
CA PRO A 387 -17.71 -8.63 -5.44
C PRO A 387 -19.18 -9.00 -5.52
N TYR A 388 -20.09 -8.04 -5.67
CA TYR A 388 -21.50 -8.36 -5.72
C TYR A 388 -21.93 -9.01 -7.04
N ALA A 389 -21.06 -9.01 -8.05
CA ALA A 389 -21.37 -9.71 -9.29
C ALA A 389 -21.55 -11.20 -9.08
N THR A 390 -20.92 -11.76 -8.05
CA THR A 390 -21.06 -13.17 -7.71
C THR A 390 -21.66 -13.36 -6.33
N ASN A 391 -22.35 -12.34 -5.81
CA ASN A 391 -22.94 -12.38 -4.47
C ASN A 391 -21.90 -12.72 -3.41
N GLU A 392 -20.75 -12.04 -3.49
CA GLU A 392 -19.63 -12.29 -2.60
C GLU A 392 -19.18 -10.98 -1.97
N ILE A 393 -18.29 -11.09 -1.00
CA ILE A 393 -17.74 -9.96 -0.27
C ILE A 393 -16.23 -9.92 -0.52
N GLY A 394 -15.73 -8.75 -0.90
CA GLY A 394 -14.31 -8.59 -1.17
C GLY A 394 -13.89 -7.15 -1.10
N LYS A 395 -12.59 -6.95 -0.94
CA LYS A 395 -12.04 -5.60 -0.86
C LYS A 395 -12.06 -4.92 -2.22
N VAL A 396 -12.11 -3.59 -2.19
CA VAL A 396 -12.15 -2.80 -3.42
C VAL A 396 -11.00 -1.79 -3.44
N ASN A 400 -6.17 -5.26 -8.86
CA ASN A 400 -6.36 -6.70 -8.96
C ASN A 400 -5.72 -7.23 -10.25
N ARG A 401 -4.95 -8.31 -10.13
CA ARG A 401 -4.25 -8.86 -11.28
C ARG A 401 -5.24 -9.41 -12.31
N ARG A 402 -6.27 -10.12 -11.87
CA ARG A 402 -7.23 -10.71 -12.80
C ARG A 402 -8.01 -9.63 -13.53
N GLU A 403 -8.43 -8.58 -12.83
CA GLU A 403 -9.16 -7.50 -13.47
C GLU A 403 -8.28 -6.73 -14.45
N LEU A 404 -6.99 -6.59 -14.14
CA LEU A 404 -6.06 -5.97 -15.08
C LEU A 404 -5.89 -6.81 -16.33
N GLY A 405 -5.80 -8.14 -16.17
CA GLY A 405 -5.67 -9.00 -17.33
C GLY A 405 -6.90 -9.00 -18.21
N HIS A 406 -8.08 -9.07 -17.60
CA HIS A 406 -9.32 -9.04 -18.38
C HIS A 406 -9.50 -7.71 -19.09
N GLY A 407 -9.14 -6.61 -18.43
CA GLY A 407 -9.25 -5.30 -19.06
C GLY A 407 -8.32 -5.15 -20.25
N ALA A 408 -7.11 -5.69 -20.15
CA ALA A 408 -6.17 -5.61 -21.26
C ALA A 408 -6.68 -6.40 -22.46
N LEU A 409 -7.28 -7.57 -22.21
CA LEU A 409 -7.81 -8.38 -23.31
C LEU A 409 -8.97 -7.68 -23.99
N ALA A 410 -9.89 -7.09 -23.22
CA ALA A 410 -10.99 -6.35 -23.81
C ALA A 410 -10.52 -5.11 -24.55
N GLU A 411 -9.48 -4.45 -24.02
CA GLU A 411 -8.90 -3.31 -24.72
C GLU A 411 -8.25 -3.73 -26.02
N LYS A 412 -7.58 -4.88 -26.02
CA LYS A 412 -6.98 -5.40 -27.25
C LYS A 412 -8.04 -5.70 -28.30
N ALA A 413 -9.19 -6.23 -27.88
CA ALA A 413 -10.25 -6.56 -28.83
C ALA A 413 -10.80 -5.32 -29.51
N LEU A 414 -10.98 -4.23 -28.76
CA LEU A 414 -11.58 -3.03 -29.31
C LEU A 414 -10.56 -2.06 -29.92
N TYR A 415 -9.28 -2.27 -29.66
CA TYR A 415 -8.27 -1.33 -30.16
C TYR A 415 -8.23 -1.22 -31.68
N PRO A 416 -8.25 -2.30 -32.47
CA PRO A 416 -8.12 -2.14 -33.92
C PRO A 416 -9.19 -1.27 -34.56
N VAL A 417 -10.42 -1.29 -34.04
CA VAL A 417 -11.51 -0.52 -34.64
C VAL A 417 -11.59 0.90 -34.10
N ILE A 418 -10.78 1.25 -33.12
CA ILE A 418 -10.78 2.64 -32.61
C ILE A 418 -10.22 3.56 -33.67
N PRO A 419 -10.87 4.68 -33.98
CA PRO A 419 -10.35 5.59 -34.99
C PRO A 419 -9.11 6.33 -34.49
N ARG A 420 -8.38 6.91 -35.44
CA ARG A 420 -7.18 7.67 -35.16
C ARG A 420 -7.48 9.16 -35.18
N ASP A 421 -6.66 9.93 -34.47
CA ASP A 421 -6.78 11.39 -34.40
C ASP A 421 -8.13 11.82 -33.85
N PHE A 422 -8.65 11.08 -32.88
CA PHE A 422 -9.86 11.50 -32.20
C PHE A 422 -9.55 12.70 -31.30
N PRO A 423 -10.41 13.72 -31.28
CA PRO A 423 -10.10 14.93 -30.51
C PRO A 423 -10.01 14.71 -29.01
N PHE A 424 -10.59 13.63 -28.48
CA PHE A 424 -10.63 13.38 -27.05
C PHE A 424 -10.01 12.03 -26.72
N THR A 425 -9.63 11.87 -25.45
CA THR A 425 -9.18 10.59 -24.94
C THR A 425 -10.40 9.73 -24.63
N ILE A 426 -10.48 8.57 -25.26
CA ILE A 426 -11.61 7.66 -25.08
C ILE A 426 -11.29 6.72 -23.94
N ARG A 427 -12.14 6.72 -22.90
CA ARG A 427 -11.99 5.84 -21.76
C ARG A 427 -13.26 5.01 -21.62
N VAL A 428 -13.13 3.70 -21.72
CA VAL A 428 -14.24 2.78 -21.61
C VAL A 428 -14.17 2.07 -20.27
N THR A 429 -15.26 2.10 -19.52
CA THR A 429 -15.36 1.45 -18.23
C THR A 429 -16.37 0.32 -18.32
N SER A 430 -15.94 -0.89 -18.02
CA SER A 430 -16.80 -2.06 -18.00
C SER A 430 -16.94 -2.55 -16.57
N GLU A 431 -18.17 -2.66 -16.09
CA GLU A 431 -18.46 -3.12 -14.74
C GLU A 431 -19.35 -4.36 -14.83
N VAL A 432 -18.85 -5.48 -14.34
CA VAL A 432 -19.59 -6.74 -14.36
C VAL A 432 -20.61 -6.68 -13.22
N LEU A 433 -21.87 -6.39 -13.56
CA LEU A 433 -22.92 -6.38 -12.54
C LEU A 433 -23.34 -7.81 -12.17
N GLU A 434 -23.38 -8.70 -13.16
CA GLU A 434 -23.67 -10.11 -12.94
C GLU A 434 -22.66 -10.94 -13.74
N SER A 435 -22.18 -12.02 -13.14
CA SER A 435 -21.14 -12.84 -13.74
C SER A 435 -21.61 -14.27 -13.88
N ASN A 436 -21.57 -14.79 -15.11
CA ASN A 436 -21.79 -16.21 -15.36
C ASN A 436 -20.84 -16.73 -16.44
N GLY A 437 -19.68 -16.13 -16.57
CA GLY A 437 -18.71 -16.54 -17.56
C GLY A 437 -18.65 -15.61 -18.76
N SER A 438 -17.46 -15.48 -19.33
CA SER A 438 -17.22 -14.63 -20.49
C SER A 438 -17.59 -13.17 -20.21
N SER A 439 -17.28 -12.70 -19.01
CA SER A 439 -17.51 -11.30 -18.68
C SER A 439 -16.59 -10.39 -19.49
N SER A 440 -15.34 -10.80 -19.68
CA SER A 440 -14.40 -9.99 -20.46
C SER A 440 -14.82 -9.91 -21.92
N MET A 441 -15.32 -11.02 -22.48
CA MET A 441 -15.81 -11.00 -23.86
C MET A 441 -17.08 -10.18 -23.98
N ALA A 442 -17.95 -10.23 -22.96
CA ALA A 442 -19.13 -9.37 -22.95
C ALA A 442 -18.72 -7.90 -22.83
N SER A 443 -17.61 -7.61 -22.17
CA SER A 443 -17.11 -6.25 -22.11
C SER A 443 -16.68 -5.74 -23.48
N ALA A 444 -16.24 -6.64 -24.36
CA ALA A 444 -15.90 -6.22 -25.72
C ALA A 444 -17.14 -5.90 -26.53
N CYS A 445 -18.19 -6.73 -26.41
CA CYS A 445 -19.43 -6.46 -27.13
C CYS A 445 -20.13 -5.22 -26.59
N GLY A 446 -20.26 -5.13 -25.26
CA GLY A 446 -20.87 -3.95 -24.67
C GLY A 446 -20.06 -2.69 -24.91
N GLY A 447 -18.74 -2.81 -24.89
CA GLY A 447 -17.90 -1.67 -25.19
C GLY A 447 -18.08 -1.16 -26.60
N SER A 448 -18.28 -2.07 -27.56
CA SER A 448 -18.55 -1.66 -28.93
C SER A 448 -19.87 -0.92 -29.03
N LEU A 449 -20.91 -1.42 -28.34
CA LEU A 449 -22.20 -0.74 -28.35
C LEU A 449 -22.09 0.65 -27.72
N ALA A 450 -21.36 0.76 -26.61
CA ALA A 450 -21.20 2.04 -25.94
C ALA A 450 -20.40 3.03 -26.79
N LEU A 451 -19.40 2.53 -27.53
CA LEU A 451 -18.64 3.41 -28.41
C LEU A 451 -19.50 3.93 -29.55
N MET A 452 -20.35 3.08 -30.12
CA MET A 452 -21.27 3.53 -31.16
C MET A 452 -22.33 4.46 -30.59
N ASP A 453 -22.81 4.17 -29.38
CA ASP A 453 -23.82 5.01 -28.74
C ASP A 453 -23.25 6.39 -28.38
N SER A 454 -21.96 6.46 -28.06
CA SER A 454 -21.33 7.73 -27.74
C SER A 454 -20.99 8.55 -28.97
N GLY A 455 -21.08 7.96 -30.17
CA GLY A 455 -20.74 8.67 -31.38
C GLY A 455 -19.34 8.47 -31.88
N VAL A 456 -18.58 7.53 -31.30
CA VAL A 456 -17.23 7.22 -31.75
C VAL A 456 -17.33 6.48 -33.09
N PRO A 457 -16.71 6.99 -34.15
CA PRO A 457 -16.81 6.34 -35.47
C PRO A 457 -15.87 5.16 -35.61
N ILE A 458 -16.21 4.06 -34.94
CA ILE A 458 -15.41 2.84 -35.05
C ILE A 458 -15.62 2.23 -36.43
N SER A 459 -14.56 1.58 -36.94
CA SER A 459 -14.62 1.02 -38.29
C SER A 459 -15.65 -0.10 -38.38
N SER A 460 -15.75 -0.93 -37.35
CA SER A 460 -16.70 -2.03 -37.36
C SER A 460 -17.02 -2.44 -35.94
N ALA A 461 -18.17 -3.10 -35.76
CA ALA A 461 -18.57 -3.60 -34.46
C ALA A 461 -17.71 -4.81 -34.09
N VAL A 462 -17.40 -4.93 -32.81
CA VAL A 462 -16.54 -5.98 -32.29
C VAL A 462 -17.34 -6.85 -31.33
N ALA A 463 -17.32 -8.16 -31.58
CA ALA A 463 -17.97 -9.13 -30.71
C ALA A 463 -16.94 -10.17 -30.28
N GLY A 464 -17.05 -10.62 -29.03
CA GLY A 464 -16.17 -11.65 -28.52
C GLY A 464 -16.97 -12.77 -27.90
N VAL A 465 -16.37 -13.96 -27.93
CA VAL A 465 -17.00 -15.16 -27.38
C VAL A 465 -15.91 -16.04 -26.77
N ALA A 466 -16.34 -16.92 -25.87
CA ALA A 466 -15.46 -17.90 -25.25
C ALA A 466 -15.85 -19.30 -25.72
N ILE A 467 -14.85 -20.09 -26.09
CA ILE A 467 -15.04 -21.45 -26.57
C ILE A 467 -14.50 -22.41 -25.53
N GLY A 468 -15.34 -23.34 -25.09
CA GLY A 468 -14.91 -24.37 -24.17
C GLY A 468 -14.40 -25.61 -24.87
N LEU A 469 -13.95 -26.57 -24.07
CA LEU A 469 -13.41 -27.81 -24.60
C LEU A 469 -13.59 -28.90 -23.57
N VAL A 470 -14.06 -30.06 -24.02
CA VAL A 470 -14.23 -31.24 -23.18
C VAL A 470 -13.63 -32.42 -23.93
N THR A 471 -12.55 -32.98 -23.39
CA THR A 471 -11.83 -34.05 -24.04
C THR A 471 -11.92 -35.33 -23.22
N LYS A 472 -11.82 -36.46 -23.91
CA LYS A 472 -11.57 -37.76 -23.30
C LYS A 472 -10.17 -38.19 -23.67
N THR A 473 -9.31 -38.33 -22.68
CA THR A 473 -7.89 -38.58 -22.89
C THR A 473 -7.53 -39.98 -22.40
N ASP A 474 -6.66 -40.65 -23.15
CA ASP A 474 -6.18 -41.98 -22.78
C ASP A 474 -5.41 -41.89 -21.47
N PRO A 475 -5.79 -42.68 -20.45
CA PRO A 475 -5.07 -42.61 -19.17
C PRO A 475 -3.61 -43.04 -19.25
N GLU A 476 -3.22 -43.80 -20.28
CA GLU A 476 -1.86 -44.30 -20.40
C GLU A 476 -1.05 -43.51 -21.43
N LYS A 477 -1.54 -43.43 -22.67
CA LYS A 477 -0.83 -42.71 -23.71
C LYS A 477 -0.91 -41.20 -23.54
N GLY A 478 -1.95 -40.70 -22.88
CA GLY A 478 -2.12 -39.27 -22.74
C GLY A 478 -2.56 -38.57 -24.01
N GLU A 479 -3.13 -39.29 -24.95
CA GLU A 479 -3.57 -38.73 -26.22
C GLU A 479 -5.06 -38.45 -26.19
N ILE A 480 -5.48 -37.42 -26.93
CA ILE A 480 -6.88 -37.03 -26.98
C ILE A 480 -7.61 -37.93 -27.96
N GLU A 481 -8.61 -38.67 -27.46
CA GLU A 481 -9.38 -39.57 -28.32
C GLU A 481 -10.46 -38.80 -29.07
N ASP A 482 -11.38 -38.19 -28.33
CA ASP A 482 -12.44 -37.36 -28.92
C ASP A 482 -12.63 -36.13 -28.04
N TYR A 483 -13.24 -35.10 -28.62
CA TYR A 483 -13.38 -33.83 -27.94
C TYR A 483 -14.62 -33.12 -28.47
N ARG A 484 -15.14 -32.21 -27.65
CA ARG A 484 -16.25 -31.35 -28.02
C ARG A 484 -15.87 -29.91 -27.77
N LEU A 485 -16.09 -29.07 -28.77
CA LEU A 485 -15.90 -27.63 -28.64
C LEU A 485 -17.25 -26.99 -28.34
N LEU A 486 -17.30 -26.18 -27.29
CA LEU A 486 -18.53 -25.57 -26.81
C LEU A 486 -18.54 -24.08 -27.11
N THR A 487 -19.70 -23.57 -27.51
CA THR A 487 -19.86 -22.17 -27.85
C THR A 487 -20.53 -21.43 -26.70
N ASP A 488 -19.90 -20.33 -26.27
CA ASP A 488 -20.44 -19.46 -25.23
C ASP A 488 -20.66 -20.23 -23.93
N ILE A 489 -19.54 -20.71 -23.36
CA ILE A 489 -19.61 -21.57 -22.19
C ILE A 489 -20.10 -20.79 -20.97
N LEU A 490 -20.77 -21.51 -20.08
CA LEU A 490 -21.15 -20.97 -18.78
C LEU A 490 -19.94 -20.97 -17.85
N GLY A 491 -20.14 -20.45 -16.64
CA GLY A 491 -19.08 -20.51 -15.65
C GLY A 491 -18.76 -21.93 -15.21
N ILE A 492 -19.78 -22.77 -15.10
CA ILE A 492 -19.57 -24.16 -14.68
C ILE A 492 -18.82 -24.94 -15.74
N GLU A 493 -19.04 -24.61 -17.03
CA GLU A 493 -18.33 -25.30 -18.10
C GLU A 493 -16.88 -24.87 -18.20
N ASP A 494 -16.57 -23.64 -17.82
CA ASP A 494 -15.17 -23.22 -17.68
C ASP A 494 -14.49 -23.99 -16.54
N TYR A 495 -15.18 -24.10 -15.40
CA TYR A 495 -14.59 -24.73 -14.23
C TYR A 495 -14.32 -26.22 -14.48
N ASN A 496 -15.25 -26.89 -15.14
CA ASN A 496 -15.12 -28.31 -15.43
C ASN A 496 -14.54 -28.60 -16.80
N GLY A 497 -14.15 -27.57 -17.55
CA GLY A 497 -13.65 -27.75 -18.90
C GLY A 497 -12.14 -27.90 -18.93
N ASP A 498 -11.62 -27.96 -20.17
CA ASP A 498 -10.19 -28.11 -20.40
C ASP A 498 -9.52 -26.83 -20.84
N MET A 499 -10.28 -25.87 -21.36
CA MET A 499 -9.71 -24.60 -21.78
C MET A 499 -10.83 -23.57 -21.87
N ASP A 500 -10.44 -22.30 -21.86
CA ASP A 500 -11.37 -21.19 -21.98
C ASP A 500 -10.79 -20.30 -23.09
N PHE A 501 -11.34 -20.44 -24.29
CA PHE A 501 -10.76 -19.89 -25.51
C PHE A 501 -11.48 -18.59 -25.85
N LYS A 502 -10.97 -17.48 -25.31
CA LYS A 502 -11.57 -16.18 -25.53
C LYS A 502 -11.00 -15.57 -26.81
N ILE A 503 -11.88 -15.30 -27.77
CA ILE A 503 -11.48 -14.74 -29.06
C ILE A 503 -12.52 -13.71 -29.49
N ALA A 504 -12.04 -12.58 -29.99
CA ALA A 504 -12.92 -11.49 -30.41
C ALA A 504 -12.49 -10.98 -31.77
N GLY A 505 -13.40 -10.32 -32.45
CA GLY A 505 -13.10 -9.72 -33.74
C GLY A 505 -14.33 -9.14 -34.37
N THR A 506 -14.12 -8.52 -35.53
CA THR A 506 -15.21 -7.99 -36.33
C THR A 506 -15.79 -9.10 -37.19
N ASN A 507 -16.73 -8.76 -38.07
CA ASN A 507 -17.33 -9.77 -38.93
C ASN A 507 -16.36 -10.27 -40.01
N LYS A 508 -15.22 -9.60 -40.19
CA LYS A 508 -14.30 -9.92 -41.27
C LYS A 508 -12.87 -10.16 -40.78
N GLY A 509 -12.68 -10.39 -39.49
CA GLY A 509 -11.32 -10.61 -39.00
C GLY A 509 -11.30 -10.87 -37.51
N ILE A 510 -10.10 -11.11 -37.02
CA ILE A 510 -9.83 -11.41 -35.61
C ILE A 510 -9.01 -10.27 -35.04
N THR A 511 -9.40 -9.78 -33.86
CA THR A 511 -8.72 -8.67 -33.20
C THR A 511 -7.97 -9.07 -31.94
N ALA A 512 -8.44 -10.07 -31.21
CA ALA A 512 -7.77 -10.47 -29.98
C ALA A 512 -8.01 -11.95 -29.74
N LEU A 513 -7.13 -12.55 -28.93
CA LEU A 513 -7.24 -13.96 -28.59
C LEU A 513 -6.47 -14.22 -27.31
N GLN A 514 -7.05 -15.03 -26.42
CA GLN A 514 -6.37 -15.46 -25.20
C GLN A 514 -6.88 -16.86 -24.88
N ALA A 515 -6.04 -17.87 -25.11
CA ALA A 515 -6.39 -19.26 -24.87
C ALA A 515 -5.85 -19.67 -23.51
N ASP A 516 -6.74 -19.90 -22.55
CA ASP A 516 -6.37 -20.35 -21.21
C ASP A 516 -6.53 -21.87 -21.18
N ILE A 517 -5.48 -22.58 -21.55
CA ILE A 517 -5.50 -24.03 -21.67
C ILE A 517 -5.08 -24.63 -20.33
N LYS A 518 -5.98 -25.42 -19.74
CA LYS A 518 -5.70 -26.11 -18.48
C LYS A 518 -5.11 -27.50 -18.70
N LEU A 519 -5.09 -27.99 -19.94
CA LEU A 519 -4.46 -29.26 -20.26
C LEU A 519 -2.96 -29.07 -20.45
N PRO A 520 -2.17 -30.15 -20.36
CA PRO A 520 -0.74 -30.09 -20.69
C PRO A 520 -0.46 -30.01 -22.18
N GLY A 521 -1.08 -29.05 -22.84
CA GLY A 521 -0.98 -28.89 -24.27
C GLY A 521 -2.13 -29.54 -25.00
N ILE A 522 -2.55 -28.94 -26.10
CA ILE A 522 -3.62 -29.46 -26.94
C ILE A 522 -3.15 -29.48 -28.39
N PRO A 523 -3.65 -30.40 -29.22
CA PRO A 523 -3.21 -30.44 -30.62
C PRO A 523 -3.62 -29.19 -31.37
N ILE A 524 -2.84 -28.85 -32.41
CA ILE A 524 -3.13 -27.68 -33.22
C ILE A 524 -4.44 -27.83 -33.98
N LYS A 525 -4.89 -29.06 -34.22
CA LYS A 525 -6.16 -29.26 -34.91
C LYS A 525 -7.33 -28.75 -34.08
N ILE A 526 -7.28 -28.96 -32.75
CA ILE A 526 -8.33 -28.46 -31.87
C ILE A 526 -8.35 -26.94 -31.88
N VAL A 527 -7.19 -26.31 -31.88
CA VAL A 527 -7.12 -24.85 -31.88
C VAL A 527 -7.71 -24.29 -33.17
N MET A 528 -7.39 -24.91 -34.30
CA MET A 528 -7.90 -24.42 -35.59
C MET A 528 -9.41 -24.50 -35.65
N GLU A 529 -9.99 -25.60 -35.16
CA GLU A 529 -11.44 -25.75 -35.19
C GLU A 529 -12.12 -24.81 -34.21
N ALA A 530 -11.47 -24.50 -33.08
CA ALA A 530 -12.04 -23.56 -32.13
C ALA A 530 -12.15 -22.17 -32.72
N ILE A 531 -11.14 -21.76 -33.50
CA ILE A 531 -11.20 -20.46 -34.17
C ILE A 531 -12.32 -20.43 -35.18
N GLN A 532 -12.47 -21.52 -35.96
CA GLN A 532 -13.56 -21.58 -36.94
C GLN A 532 -14.92 -21.59 -36.26
N GLN A 533 -15.06 -22.36 -35.19
CA GLN A 533 -16.33 -22.42 -34.47
C GLN A 533 -16.70 -21.06 -33.89
N ALA A 534 -15.71 -20.34 -33.37
CA ALA A 534 -15.95 -19.01 -32.83
C ALA A 534 -16.32 -18.01 -33.90
N SER A 535 -15.92 -18.24 -35.15
CA SER A 535 -16.32 -17.35 -36.23
C SER A 535 -17.82 -17.41 -36.47
N VAL A 536 -18.41 -18.60 -36.40
CA VAL A 536 -19.85 -18.74 -36.58
C VAL A 536 -20.60 -18.04 -35.45
N ALA A 537 -20.14 -18.23 -34.20
CA ALA A 537 -20.79 -17.58 -33.07
C ALA A 537 -20.65 -16.07 -33.14
N LYS A 538 -19.50 -15.58 -33.58
CA LYS A 538 -19.25 -14.15 -33.63
C LYS A 538 -20.20 -13.47 -34.62
N LYS A 539 -20.48 -14.11 -35.75
CA LYS A 539 -21.42 -13.54 -36.72
C LYS A 539 -22.81 -13.43 -36.12
N GLU A 540 -23.26 -14.46 -35.39
CA GLU A 540 -24.59 -14.43 -34.81
C GLU A 540 -24.72 -13.34 -33.76
N ILE A 541 -23.70 -13.17 -32.92
CA ILE A 541 -23.72 -12.12 -31.91
C ILE A 541 -23.76 -10.75 -32.57
N LEU A 542 -22.95 -10.55 -33.62
CA LEU A 542 -22.94 -9.27 -34.31
C LEU A 542 -24.28 -8.97 -34.95
N GLN A 543 -25.02 -10.00 -35.38
CA GLN A 543 -26.35 -9.78 -35.94
C GLN A 543 -27.30 -9.24 -34.89
N ILE A 544 -27.23 -9.77 -33.66
CA ILE A 544 -28.09 -9.29 -32.59
C ILE A 544 -27.71 -7.85 -32.21
N MET A 545 -26.41 -7.59 -32.08
CA MET A 545 -25.97 -6.24 -31.70
C MET A 545 -26.35 -5.21 -32.74
N ASN A 546 -26.39 -5.60 -34.02
CA ASN A 546 -26.76 -4.65 -35.07
C ASN A 546 -28.22 -4.22 -34.95
N LYS A 547 -29.08 -5.10 -34.42
CA LYS A 547 -30.48 -4.72 -34.21
C LYS A 547 -30.61 -3.60 -33.20
N THR A 548 -29.84 -3.66 -32.12
CA THR A 548 -29.86 -2.59 -31.12
C THR A 548 -29.27 -1.30 -31.69
N ILE A 549 -28.10 -1.40 -32.30
CA ILE A 549 -27.48 -0.27 -32.99
C ILE A 549 -26.48 -0.82 -34.00
N SER A 550 -26.52 -0.31 -35.23
CA SER A 550 -25.69 -0.83 -36.30
C SER A 550 -24.62 0.13 -36.78
N LYS A 551 -24.76 1.42 -36.51
CA LYS A 551 -23.80 2.42 -36.93
C LYS A 551 -23.62 3.43 -35.80
N PRO A 552 -22.48 4.11 -35.76
CA PRO A 552 -22.30 5.16 -34.75
C PRO A 552 -23.24 6.32 -34.99
N ARG A 553 -23.57 7.02 -33.90
CA ARG A 553 -24.44 8.19 -34.00
C ARG A 553 -23.75 9.28 -34.81
N ALA A 554 -24.57 10.10 -35.48
CA ALA A 554 -24.04 11.12 -36.37
C ALA A 554 -23.16 12.12 -35.62
N SER A 555 -23.39 12.31 -34.34
CA SER A 555 -22.60 13.23 -33.54
C SER A 555 -22.66 12.79 -32.08
N ARG A 556 -21.77 13.37 -31.27
CA ARG A 556 -21.76 13.10 -29.85
C ARG A 556 -23.00 13.70 -29.19
N LYS A 557 -23.25 13.27 -27.95
CA LYS A 557 -24.39 13.78 -27.21
C LYS A 557 -24.22 15.26 -26.91
N GLU A 558 -25.35 15.97 -26.76
CA GLU A 558 -25.30 17.40 -26.52
C GLU A 558 -24.66 17.74 -25.18
N ASN A 559 -24.64 16.81 -24.24
CA ASN A 559 -23.99 17.02 -22.95
C ASN A 559 -22.50 16.67 -22.98
N GLY A 560 -21.98 16.27 -24.13
CA GLY A 560 -20.61 15.83 -24.25
C GLY A 560 -19.61 16.96 -24.09
N PRO A 561 -18.33 16.60 -23.99
CA PRO A 561 -17.30 17.62 -23.78
C PRO A 561 -17.06 18.46 -25.02
N VAL A 562 -16.46 19.62 -24.80
CA VAL A 562 -16.15 20.55 -25.88
C VAL A 562 -14.85 21.27 -25.52
N VAL A 563 -14.03 21.53 -26.54
CA VAL A 563 -12.79 22.28 -26.38
C VAL A 563 -12.92 23.60 -27.11
N GLU A 564 -12.42 24.66 -26.48
CA GLU A 564 -12.37 25.98 -27.11
C GLU A 564 -11.28 26.78 -26.43
N THR A 565 -10.68 27.68 -27.20
CA THR A 565 -9.52 28.46 -26.75
C THR A 565 -9.96 29.88 -26.45
N VAL A 566 -9.54 30.39 -25.29
CA VAL A 566 -9.84 31.76 -24.88
C VAL A 566 -8.56 32.58 -24.99
N GLN A 567 -8.73 33.87 -25.22
CA GLN A 567 -7.62 34.79 -25.40
C GLN A 567 -7.31 35.50 -24.09
N VAL A 568 -6.04 35.49 -23.69
CA VAL A 568 -5.57 36.16 -22.49
C VAL A 568 -4.43 37.09 -22.89
N PRO A 569 -4.58 38.40 -22.73
CA PRO A 569 -3.49 39.32 -23.08
C PRO A 569 -2.29 39.13 -22.17
N LEU A 570 -1.12 39.53 -22.69
CA LEU A 570 0.12 39.40 -21.93
C LEU A 570 0.06 40.17 -20.62
N SER A 571 -0.62 41.32 -20.61
CA SER A 571 -0.75 42.08 -19.37
C SER A 571 -1.55 41.31 -18.33
N LYS A 572 -2.61 40.62 -18.75
CA LYS A 572 -3.46 39.87 -17.85
C LYS A 572 -2.96 38.45 -17.57
N ARG A 573 -1.84 38.06 -18.17
CA ARG A 573 -1.32 36.71 -17.96
C ARG A 573 -0.94 36.49 -16.51
N ALA A 574 -0.34 37.49 -15.87
CA ALA A 574 0.08 37.36 -14.48
C ALA A 574 -1.11 37.13 -13.56
N LYS A 575 -2.18 37.91 -13.74
CA LYS A 575 -3.36 37.75 -12.90
C LYS A 575 -4.10 36.46 -13.23
N PHE A 576 -4.22 36.12 -14.51
CA PHE A 576 -4.97 34.93 -14.90
C PHE A 576 -4.27 33.66 -14.44
N VAL A 577 -2.97 33.54 -14.74
CA VAL A 577 -2.24 32.34 -14.36
C VAL A 577 -2.02 32.29 -12.85
N GLY A 578 -1.65 33.42 -12.25
CA GLY A 578 -1.42 33.49 -10.83
C GLY A 578 0.01 33.14 -10.46
N PRO A 579 0.28 32.99 -9.16
CA PRO A 579 1.64 32.67 -8.69
C PRO A 579 1.98 31.21 -8.97
N GLY A 580 2.84 31.00 -9.96
CA GLY A 580 3.22 29.64 -10.34
C GLY A 580 2.07 28.79 -10.83
N GLY A 581 1.12 29.40 -11.55
CA GLY A 581 -0.03 28.67 -12.02
C GLY A 581 -1.04 28.33 -10.95
N TYR A 582 -1.01 29.01 -9.80
CA TYR A 582 -1.92 28.69 -8.71
C TYR A 582 -3.37 28.97 -9.10
N ASN A 583 -3.62 30.11 -9.76
CA ASN A 583 -4.99 30.45 -10.13
C ASN A 583 -5.56 29.46 -11.14
N LEU A 584 -4.74 29.05 -12.13
CA LEU A 584 -5.20 28.04 -13.08
C LEU A 584 -5.45 26.71 -12.39
N LYS A 585 -4.55 26.30 -11.49
CA LYS A 585 -4.71 25.02 -10.82
C LYS A 585 -5.94 24.99 -9.93
N LYS A 586 -6.29 26.12 -9.31
CA LYS A 586 -7.49 26.19 -8.49
C LYS A 586 -8.74 25.99 -9.34
N LEU A 587 -8.78 26.61 -10.52
CA LEU A 587 -9.95 26.47 -11.38
C LEU A 587 -10.12 25.03 -11.87
N GLN A 588 -9.03 24.37 -12.25
CA GLN A 588 -9.12 23.03 -12.80
C GLN A 588 -9.54 22.00 -11.74
N ALA A 589 -9.52 22.35 -10.46
CA ALA A 589 -10.00 21.47 -9.41
C ALA A 589 -11.40 21.81 -8.94
N GLU A 590 -11.85 23.05 -9.14
CA GLU A 590 -13.18 23.44 -8.70
C GLU A 590 -14.25 23.06 -9.72
N THR A 591 -14.15 23.62 -10.93
CA THR A 591 -15.18 23.41 -11.96
C THR A 591 -14.95 22.16 -12.80
N GLY A 592 -13.79 21.50 -12.67
CA GLY A 592 -13.52 20.29 -13.40
C GLY A 592 -12.94 20.48 -14.79
N VAL A 593 -12.74 21.72 -15.23
CA VAL A 593 -12.20 21.99 -16.57
C VAL A 593 -10.69 21.77 -16.56
N THR A 594 -10.09 21.72 -17.74
CA THR A 594 -8.65 21.59 -17.89
C THR A 594 -8.15 22.70 -18.81
N ILE A 595 -7.18 23.47 -18.34
CA ILE A 595 -6.62 24.58 -19.12
C ILE A 595 -5.16 24.25 -19.41
N SER A 596 -4.81 24.25 -20.70
CA SER A 596 -3.44 24.00 -21.14
C SER A 596 -3.00 25.15 -22.05
N GLN A 597 -1.87 25.76 -21.72
CA GLN A 597 -1.37 26.87 -22.50
C GLN A 597 -0.70 26.36 -23.78
N VAL A 598 -1.19 26.82 -24.93
CA VAL A 598 -0.65 26.39 -26.21
C VAL A 598 0.29 27.40 -26.85
N ASP A 599 0.24 28.66 -26.44
CA ASP A 599 1.16 29.67 -26.95
C ASP A 599 1.14 30.85 -25.98
N GLU A 600 1.77 31.95 -26.38
CA GLU A 600 1.93 33.10 -25.49
C GLU A 600 0.62 33.81 -25.19
N GLU A 601 -0.38 33.70 -26.06
CA GLU A 601 -1.58 34.51 -25.95
C GLU A 601 -2.86 33.72 -25.69
N THR A 602 -2.94 32.46 -26.10
CA THR A 602 -4.18 31.71 -26.04
C THR A 602 -4.02 30.50 -25.11
N PHE A 603 -5.10 30.17 -24.41
CA PHE A 603 -5.16 29.01 -23.54
C PHE A 603 -6.28 28.09 -24.01
N SER A 604 -5.96 26.81 -24.19
CA SER A 604 -6.96 25.83 -24.58
C SER A 604 -7.71 25.34 -23.35
N VAL A 605 -9.04 25.33 -23.43
CA VAL A 605 -9.90 24.93 -22.33
C VAL A 605 -10.70 23.71 -22.75
N PHE A 606 -10.66 22.67 -21.93
CA PHE A 606 -11.44 21.46 -22.13
C PHE A 606 -12.43 21.34 -20.97
N ALA A 607 -13.71 21.22 -21.30
CA ALA A 607 -14.74 21.10 -20.29
C ALA A 607 -15.50 19.78 -20.47
N PRO A 608 -15.65 18.97 -19.43
CA PRO A 608 -16.37 17.71 -19.58
C PRO A 608 -17.82 17.87 -20.03
N THR A 609 -18.48 18.93 -19.62
CA THR A 609 -19.87 19.21 -19.98
C THR A 609 -20.00 20.66 -20.42
N PRO A 610 -21.00 20.97 -21.25
CA PRO A 610 -21.24 22.38 -21.59
C PRO A 610 -21.54 23.24 -20.38
N SER A 611 -22.21 22.69 -19.36
CA SER A 611 -22.43 23.44 -18.13
C SER A 611 -21.11 23.74 -17.43
N ALA A 612 -20.19 22.77 -17.41
CA ALA A 612 -18.88 23.02 -16.82
C ALA A 612 -18.13 24.11 -17.59
N MET A 613 -18.29 24.14 -18.91
CA MET A 613 -17.71 25.23 -19.70
C MET A 613 -18.33 26.56 -19.30
N HIS A 614 -19.64 26.58 -19.04
CA HIS A 614 -20.30 27.81 -18.63
C HIS A 614 -19.76 28.32 -17.29
N GLU A 615 -19.51 27.41 -16.35
CA GLU A 615 -18.98 27.81 -15.05
C GLU A 615 -17.59 28.43 -15.18
N ALA A 616 -16.71 27.77 -15.94
CA ALA A 616 -15.35 28.29 -16.11
C ALA A 616 -15.33 29.56 -16.95
N ARG A 617 -16.24 29.68 -17.92
CA ARG A 617 -16.25 30.86 -18.77
C ARG A 617 -16.59 32.11 -17.98
N ASP A 618 -17.62 32.05 -17.14
CA ASP A 618 -18.02 33.22 -16.36
C ASP A 618 -16.93 33.64 -15.40
N PHE A 619 -16.28 32.67 -14.74
CA PHE A 619 -15.22 33.01 -13.80
C PHE A 619 -14.03 33.63 -14.53
N ILE A 620 -13.69 33.11 -15.71
CA ILE A 620 -12.55 33.62 -16.46
C ILE A 620 -12.82 35.06 -16.92
N THR A 621 -14.06 35.36 -17.29
CA THR A 621 -14.37 36.68 -17.84
C THR A 621 -14.12 37.80 -16.84
N GLU A 622 -14.49 37.58 -15.57
CA GLU A 622 -14.34 38.64 -14.58
C GLU A 622 -12.87 38.94 -14.30
N ILE A 623 -12.00 37.93 -14.35
CA ILE A 623 -10.57 38.18 -14.21
C ILE A 623 -10.04 38.95 -15.42
N CYS A 624 -10.41 38.50 -16.62
CA CYS A 624 -9.96 39.16 -17.84
C CYS A 624 -10.93 40.26 -18.25
N ALA B 2 12.99 16.46 36.56
CA ALA B 2 13.81 16.89 35.43
C ALA B 2 15.29 16.89 35.79
N VAL B 3 16.12 16.50 34.82
CA VAL B 3 17.56 16.43 35.00
C VAL B 3 18.23 17.09 33.80
N ALA B 4 19.21 17.94 34.06
CA ALA B 4 19.99 18.60 33.01
C ALA B 4 21.39 17.98 32.98
N VAL B 5 21.78 17.47 31.82
CA VAL B 5 23.07 16.82 31.63
C VAL B 5 23.94 17.73 30.76
N ASP B 6 25.13 18.06 31.24
CA ASP B 6 26.04 18.94 30.53
C ASP B 6 27.01 18.12 29.70
N LEU B 7 27.13 18.46 28.42
CA LEU B 7 28.04 17.79 27.48
C LEU B 7 28.85 18.88 26.79
N GLY B 8 29.93 19.31 27.43
CA GLY B 8 30.72 20.40 26.88
C GLY B 8 29.89 21.67 26.82
N ASN B 9 29.66 22.17 25.60
CA ASN B 9 28.83 23.34 25.38
C ASN B 9 27.37 23.00 25.13
N ARG B 10 27.00 21.72 25.19
CA ARG B 10 25.63 21.28 25.02
C ARG B 10 24.98 20.98 26.36
N LYS B 11 23.64 21.04 26.38
CA LYS B 11 22.87 20.70 27.55
C LYS B 11 21.70 19.82 27.12
N LEU B 12 21.49 18.73 27.86
CA LEU B 12 20.45 17.76 27.56
C LEU B 12 19.41 17.81 28.68
N GLU B 13 18.24 18.37 28.39
CA GLU B 13 17.17 18.47 29.36
C GLU B 13 16.26 17.26 29.22
N ILE B 14 16.14 16.47 30.28
CA ILE B 14 15.34 15.26 30.29
C ILE B 14 14.26 15.40 31.36
N SER B 15 13.02 15.14 30.98
CA SER B 15 11.90 15.28 31.90
C SER B 15 10.84 14.24 31.57
N SER B 16 9.94 14.02 32.52
CA SER B 16 8.88 13.04 32.36
C SER B 16 7.76 13.37 33.34
N GLY B 17 6.59 12.79 33.07
CA GLY B 17 5.44 12.94 33.94
C GLY B 17 4.42 13.97 33.53
N LYS B 18 4.55 14.55 32.34
CA LYS B 18 3.65 15.58 31.86
C LYS B 18 2.84 15.18 30.65
N LEU B 19 3.45 14.56 29.65
CA LEU B 19 2.79 14.20 28.41
C LEU B 19 2.71 12.68 28.27
N ALA B 20 1.58 12.21 27.74
CA ALA B 20 1.36 10.79 27.45
C ALA B 20 1.59 9.93 28.69
N ARG B 21 0.78 10.20 29.72
CA ARG B 21 0.93 9.53 31.00
C ARG B 21 0.29 8.14 31.02
N PHE B 22 -0.54 7.80 30.05
CA PHE B 22 -1.16 6.47 30.02
C PHE B 22 -0.19 5.39 29.58
N ALA B 23 0.90 5.75 28.91
CA ALA B 23 1.84 4.78 28.40
C ALA B 23 2.65 4.14 29.52
N ASP B 24 3.23 2.98 29.22
CA ASP B 24 4.09 2.32 30.19
C ASP B 24 5.28 3.18 30.55
N GLY B 25 5.88 3.83 29.56
CA GLY B 25 6.95 4.77 29.80
C GLY B 25 6.95 5.91 28.81
N SER B 26 7.26 7.12 29.28
CA SER B 26 7.31 8.28 28.41
C SER B 26 8.40 9.21 28.90
N ALA B 27 8.97 9.98 27.97
CA ALA B 27 10.04 10.90 28.32
C ALA B 27 10.13 11.97 27.24
N VAL B 28 10.50 13.18 27.66
CA VAL B 28 10.75 14.29 26.75
C VAL B 28 12.22 14.68 26.89
N VAL B 29 12.95 14.63 25.78
CA VAL B 29 14.35 15.01 25.74
C VAL B 29 14.46 16.27 24.90
N GLN B 30 15.04 17.31 25.47
CA GLN B 30 15.11 18.63 24.84
C GLN B 30 16.55 19.09 24.77
N SER B 31 16.97 19.52 23.60
CA SER B 31 18.28 20.16 23.40
C SER B 31 18.04 21.44 22.62
N GLY B 32 18.39 22.57 23.23
CA GLY B 32 18.03 23.85 22.62
C GLY B 32 16.53 23.99 22.56
N ASP B 33 16.01 24.23 21.37
CA ASP B 33 14.57 24.33 21.14
C ASP B 33 13.99 23.09 20.49
N THR B 34 14.75 22.00 20.39
CA THR B 34 14.29 20.76 19.80
C THR B 34 13.88 19.80 20.92
N ALA B 35 12.62 19.36 20.88
CA ALA B 35 12.09 18.47 21.90
C ALA B 35 11.52 17.23 21.22
N VAL B 36 11.88 16.06 21.73
CA VAL B 36 11.41 14.78 21.23
C VAL B 36 10.75 14.03 22.38
N MET B 37 9.51 13.63 22.19
CA MET B 37 8.80 12.78 23.15
C MET B 37 8.88 11.35 22.66
N VAL B 38 9.45 10.47 23.48
CA VAL B 38 9.61 9.07 23.15
C VAL B 38 8.75 8.24 24.10
N THR B 39 8.05 7.26 23.55
CA THR B 39 7.09 6.46 24.29
C THR B 39 7.43 4.98 24.14
N ALA B 40 7.32 4.24 25.23
CA ALA B 40 7.55 2.80 25.24
C ALA B 40 6.30 2.11 25.76
N VAL B 41 5.76 1.18 24.97
CA VAL B 41 4.61 0.39 25.36
C VAL B 41 4.95 -1.08 25.17
N SER B 42 4.75 -1.87 26.21
CA SER B 42 5.02 -3.31 26.16
C SER B 42 3.78 -4.05 26.63
N LYS B 43 3.35 -5.03 25.83
CA LYS B 43 2.18 -5.82 26.17
C LYS B 43 2.49 -6.74 27.35
N THR B 44 1.44 -7.11 28.08
CA THR B 44 1.58 -7.99 29.23
C THR B 44 1.45 -9.45 28.89
N LYS B 45 0.62 -9.80 27.92
CA LYS B 45 0.49 -11.20 27.52
C LYS B 45 1.65 -11.59 26.61
N PRO B 46 2.12 -12.84 26.70
CA PRO B 46 3.20 -13.30 25.83
C PRO B 46 2.80 -13.23 24.37
N SER B 47 3.76 -12.85 23.53
CA SER B 47 3.52 -12.76 22.11
C SER B 47 3.44 -14.16 21.49
N PRO B 48 2.59 -14.36 20.48
CA PRO B 48 2.59 -15.64 19.77
C PRO B 48 3.91 -15.94 19.10
N SER B 49 4.62 -14.93 18.64
CA SER B 49 5.92 -15.13 18.01
C SER B 49 6.94 -15.62 19.03
N GLN B 50 7.81 -16.52 18.60
CA GLN B 50 8.85 -17.06 19.47
C GLN B 50 10.16 -16.28 19.37
N PHE B 51 10.06 -14.96 19.51
CA PHE B 51 11.23 -14.08 19.52
C PHE B 51 10.79 -12.74 20.11
N MET B 52 11.70 -11.76 20.04
CA MET B 52 11.41 -10.43 20.56
C MET B 52 10.70 -9.60 19.49
N PRO B 53 9.43 -9.26 19.67
CA PRO B 53 8.72 -8.43 18.68
C PRO B 53 8.84 -6.94 18.98
N LEU B 54 10.08 -6.46 19.09
CA LEU B 54 10.32 -5.04 19.31
C LEU B 54 10.29 -4.30 17.98
N VAL B 55 9.52 -3.21 17.93
CA VAL B 55 9.42 -2.37 16.76
C VAL B 55 9.64 -0.93 17.17
N VAL B 56 10.49 -0.22 16.44
CA VAL B 56 10.77 1.19 16.69
C VAL B 56 10.27 1.99 15.50
N ASP B 57 9.43 2.99 15.76
CA ASP B 57 8.86 3.83 14.72
C ASP B 57 9.22 5.28 15.03
N TYR B 58 10.23 5.80 14.34
CA TYR B 58 10.64 7.19 14.46
C TYR B 58 9.95 7.98 13.36
N ARG B 59 8.98 8.80 13.73
CA ARG B 59 8.17 9.56 12.79
C ARG B 59 8.51 11.03 12.89
N GLN B 60 8.68 11.68 11.74
CA GLN B 60 9.00 13.10 11.68
C GLN B 60 7.78 13.88 11.24
N LYS B 61 7.43 14.91 12.00
CA LYS B 61 6.43 15.88 11.58
C LYS B 61 7.13 16.99 10.82
N ALA B 62 6.62 17.31 9.63
CA ALA B 62 7.24 18.29 8.74
C ALA B 62 8.67 17.86 8.40
N ALA B 63 8.80 16.65 7.88
CA ALA B 63 10.11 16.06 7.58
C ALA B 63 10.69 16.70 6.34
N ALA B 64 11.55 17.71 6.53
CA ALA B 64 12.23 18.38 5.44
C ALA B 64 13.32 19.27 6.01
N ALA B 65 14.24 19.69 5.13
CA ALA B 65 15.23 20.68 5.49
C ALA B 65 14.55 22.05 5.51
N GLY B 66 14.40 22.62 6.70
CA GLY B 66 13.62 23.82 6.88
C GLY B 66 12.23 23.60 7.44
N ARG B 67 11.86 22.35 7.74
CA ARG B 67 10.60 21.98 8.37
C ARG B 67 9.40 22.45 7.54
N ILE B 68 9.28 21.84 6.36
CA ILE B 68 8.10 22.03 5.53
C ILE B 68 7.03 21.04 5.97
N PRO B 69 5.87 21.49 6.46
CA PRO B 69 4.82 20.56 6.89
C PRO B 69 4.25 19.78 5.72
N THR B 70 4.50 18.48 5.70
CA THR B 70 4.02 17.62 4.62
C THR B 70 2.51 17.53 4.59
N ASN B 71 1.92 16.91 5.62
CA ASN B 71 0.48 16.63 5.71
C ASN B 71 -0.19 16.33 4.38
N ILE B 77 2.10 9.19 3.86
CA ILE B 77 1.54 7.88 3.56
C ILE B 77 2.62 6.82 3.71
N GLY B 78 3.85 7.18 3.37
CA GLY B 78 4.98 6.27 3.44
C GLY B 78 6.08 6.82 4.34
N THR B 79 6.76 5.93 5.04
CA THR B 79 7.88 6.33 5.89
C THR B 79 9.07 6.72 5.03
N SER B 80 9.68 7.86 5.37
CA SER B 80 10.85 8.32 4.65
C SER B 80 12.06 7.44 4.96
N ASP B 81 13.03 7.44 4.04
CA ASP B 81 14.23 6.64 4.24
C ASP B 81 15.04 7.13 5.45
N LYS B 82 15.06 8.44 5.69
CA LYS B 82 15.73 8.96 6.88
C LYS B 82 15.05 8.47 8.14
N GLU B 83 13.71 8.42 8.15
CA GLU B 83 12.99 7.91 9.30
C GLU B 83 13.25 6.42 9.50
N ILE B 84 13.37 5.67 8.40
CA ILE B 84 13.66 4.24 8.51
C ILE B 84 15.04 4.00 9.10
N LEU B 85 16.04 4.75 8.62
CA LEU B 85 17.40 4.59 9.14
C LEU B 85 17.49 4.98 10.60
N THR B 86 16.82 6.07 10.99
CA THR B 86 16.85 6.50 12.38
C THR B 86 16.20 5.46 13.29
N SER B 87 15.11 4.84 12.82
CA SER B 87 14.45 3.79 13.61
C SER B 87 15.38 2.60 13.81
N ARG B 88 16.14 2.24 12.78
CA ARG B 88 17.06 1.11 12.90
C ARG B 88 18.19 1.41 13.87
N ILE B 89 18.68 2.65 13.88
CA ILE B 89 19.73 3.03 14.83
C ILE B 89 19.22 2.95 16.26
N ILE B 90 18.00 3.46 16.50
CA ILE B 90 17.42 3.37 17.83
C ILE B 90 17.19 1.92 18.22
N ASP B 91 16.70 1.11 17.27
CA ASP B 91 16.44 -0.30 17.56
C ASP B 91 17.72 -1.03 17.95
N ARG B 92 18.82 -0.76 17.26
CA ARG B 92 20.08 -1.39 17.58
C ARG B 92 20.65 -0.91 18.90
N SER B 93 20.27 0.28 19.35
CA SER B 93 20.79 0.80 20.62
C SER B 93 20.11 0.17 21.83
N ILE B 94 18.86 -0.26 21.69
CA ILE B 94 18.09 -0.72 22.84
C ILE B 94 17.81 -2.22 22.82
N ARG B 95 17.82 -2.86 21.65
CA ARG B 95 17.56 -4.30 21.59
C ARG B 95 18.55 -5.14 22.39
N PRO B 96 19.86 -4.90 22.36
CA PRO B 96 20.77 -5.75 23.15
C PRO B 96 20.51 -5.70 24.65
N LEU B 97 20.00 -4.59 25.16
CA LEU B 97 19.82 -4.43 26.60
C LEU B 97 18.57 -5.12 27.12
N PHE B 98 17.70 -5.60 26.25
CA PHE B 98 16.52 -6.32 26.72
C PHE B 98 16.91 -7.68 27.29
N PRO B 99 16.23 -8.15 28.33
CA PRO B 99 16.54 -9.46 28.89
C PRO B 99 16.23 -10.57 27.92
N ALA B 100 16.97 -11.68 28.06
CA ALA B 100 16.75 -12.84 27.23
C ALA B 100 15.41 -13.49 27.56
N GLY B 101 14.69 -13.92 26.52
CA GLY B 101 13.40 -14.54 26.70
C GLY B 101 12.25 -13.57 26.86
N TYR B 102 12.47 -12.28 26.65
CA TYR B 102 11.40 -11.28 26.77
C TYR B 102 10.59 -11.27 25.48
N PHE B 103 9.70 -12.25 25.36
CA PHE B 103 8.90 -12.41 24.15
C PHE B 103 7.54 -11.73 24.33
N TYR B 104 7.61 -10.40 24.39
CA TYR B 104 6.42 -9.57 24.55
C TYR B 104 6.45 -8.46 23.51
N ASP B 105 5.31 -8.23 22.87
CA ASP B 105 5.22 -7.18 21.86
C ASP B 105 5.56 -5.84 22.49
N THR B 106 6.51 -5.13 21.89
CA THR B 106 7.00 -3.86 22.41
C THR B 106 7.15 -2.88 21.26
N GLN B 107 6.61 -1.68 21.45
CA GLN B 107 6.70 -0.63 20.45
C GLN B 107 7.28 0.62 21.08
N VAL B 108 8.26 1.22 20.42
CA VAL B 108 8.83 2.50 20.84
C VAL B 108 8.52 3.50 19.75
N LEU B 109 7.81 4.56 20.11
CA LEU B 109 7.37 5.58 19.16
C LEU B 109 8.02 6.91 19.52
N CYS B 110 8.49 7.62 18.49
CA CYS B 110 9.15 8.91 18.66
C CYS B 110 8.31 9.99 18.01
N ASN B 111 7.94 11.01 18.79
CA ASN B 111 7.15 12.13 18.33
C ASN B 111 8.00 13.39 18.39
N LEU B 112 8.13 14.08 17.27
CA LEU B 112 8.93 15.30 17.19
C LEU B 112 8.04 16.46 17.62
N LEU B 113 8.08 16.77 18.92
CA LEU B 113 7.27 17.86 19.45
C LEU B 113 7.67 19.19 18.83
N ALA B 114 8.97 19.44 18.69
CA ALA B 114 9.45 20.67 18.11
C ALA B 114 10.85 20.45 17.56
N VAL B 115 11.15 21.08 16.43
CA VAL B 115 12.47 21.00 15.80
C VAL B 115 12.88 22.43 15.43
N ASP B 116 14.02 22.87 15.93
CA ASP B 116 14.50 24.23 15.68
C ASP B 116 15.41 24.33 14.46
N GLY B 117 15.69 23.22 13.79
CA GLY B 117 16.58 23.26 12.65
C GLY B 117 18.04 23.44 12.98
N VAL B 118 18.42 23.32 14.25
CA VAL B 118 19.79 23.46 14.71
C VAL B 118 20.27 22.20 15.41
N ASN B 119 19.49 21.69 16.36
CA ASN B 119 19.83 20.47 17.09
C ASN B 119 19.14 19.29 16.42
N GLU B 120 19.93 18.28 16.07
CA GLU B 120 19.40 17.13 15.36
C GLU B 120 18.57 16.27 16.29
N PRO B 121 17.31 15.97 15.97
CA PRO B 121 16.46 15.19 16.88
C PRO B 121 16.75 13.70 16.89
N ASP B 122 17.56 13.19 15.95
CA ASP B 122 17.79 11.75 15.90
C ASP B 122 18.55 11.25 17.13
N VAL B 123 19.57 11.99 17.57
CA VAL B 123 20.31 11.59 18.75
C VAL B 123 19.45 11.72 20.01
N LEU B 124 18.63 12.78 20.07
CA LEU B 124 17.73 12.95 21.20
C LEU B 124 16.72 11.81 21.29
N ALA B 125 16.33 11.24 20.14
CA ALA B 125 15.38 10.15 20.15
C ALA B 125 15.96 8.89 20.76
N ILE B 126 17.26 8.65 20.58
CA ILE B 126 17.89 7.48 21.19
C ILE B 126 17.93 7.63 22.70
N ASN B 127 18.34 8.80 23.18
CA ASN B 127 18.35 9.05 24.62
C ASN B 127 16.93 9.01 25.19
N GLY B 128 15.97 9.55 24.45
CA GLY B 128 14.57 9.48 24.89
C GLY B 128 14.08 8.06 25.01
N ALA B 129 14.48 7.19 24.08
CA ALA B 129 14.13 5.78 24.19
C ALA B 129 14.75 5.16 25.43
N SER B 130 15.97 5.56 25.77
CA SER B 130 16.61 5.05 26.97
C SER B 130 15.89 5.51 28.23
N VAL B 131 15.51 6.79 28.28
CA VAL B 131 14.85 7.32 29.48
C VAL B 131 13.46 6.73 29.62
N ALA B 132 12.71 6.63 28.50
CA ALA B 132 11.37 6.08 28.56
C ALA B 132 11.39 4.63 29.05
N LEU B 133 12.35 3.84 28.56
CA LEU B 133 12.48 2.47 29.04
C LEU B 133 12.96 2.42 30.48
N SER B 134 13.86 3.32 30.86
CA SER B 134 14.38 3.33 32.22
C SER B 134 13.29 3.66 33.24
N LEU B 135 12.46 4.65 32.93
CA LEU B 135 11.42 5.07 33.86
C LEU B 135 10.18 4.18 33.82
N SER B 136 10.05 3.35 32.78
CA SER B 136 8.90 2.47 32.66
C SER B 136 9.06 1.24 33.55
N ASP B 137 8.04 0.40 33.57
CA ASP B 137 8.12 -0.90 34.23
C ASP B 137 8.62 -1.99 33.31
N ILE B 138 8.97 -1.65 32.07
CA ILE B 138 9.47 -2.64 31.12
C ILE B 138 10.85 -3.12 31.57
N PRO B 139 11.08 -4.42 31.70
CA PRO B 139 12.43 -4.89 32.04
C PRO B 139 13.44 -4.50 30.98
N TRP B 140 14.51 -3.84 31.42
CA TRP B 140 15.52 -3.32 30.51
C TRP B 140 16.79 -3.08 31.31
N ASN B 141 17.90 -3.63 30.84
CA ASN B 141 19.14 -3.67 31.62
C ASN B 141 19.93 -2.40 31.39
N GLY B 142 19.79 -1.45 32.32
CA GLY B 142 20.65 -0.30 32.36
C GLY B 142 20.32 0.74 31.31
N PRO B 143 20.45 2.02 31.66
CA PRO B 143 20.26 3.08 30.67
C PRO B 143 21.41 3.13 29.68
N VAL B 144 21.14 3.71 28.53
CA VAL B 144 22.17 3.95 27.52
C VAL B 144 22.22 5.44 27.24
N GLY B 145 23.39 5.89 26.78
CA GLY B 145 23.56 7.26 26.35
C GLY B 145 24.08 7.30 24.94
N ALA B 146 23.53 8.21 24.14
CA ALA B 146 23.88 8.32 22.74
C ALA B 146 24.34 9.73 22.44
N VAL B 147 25.50 9.84 21.81
CA VAL B 147 26.03 11.13 21.35
C VAL B 147 26.48 10.95 19.91
N ARG B 148 26.63 12.08 19.22
CA ARG B 148 27.21 12.13 17.89
C ARG B 148 28.54 12.86 17.97
N ILE B 149 29.57 12.29 17.36
CA ILE B 149 30.91 12.87 17.36
C ILE B 149 31.27 13.24 15.93
N GLY B 150 31.66 14.50 15.73
CA GLY B 150 32.16 14.96 14.46
C GLY B 150 33.56 15.54 14.63
N ILE B 151 34.23 15.74 13.51
CA ILE B 151 35.57 16.32 13.49
C ILE B 151 35.51 17.56 12.60
N ILE B 152 35.51 18.73 13.23
CA ILE B 152 35.45 20.01 12.52
C ILE B 152 36.77 20.72 12.74
N ASP B 153 37.52 20.92 11.66
CA ASP B 153 38.84 21.56 11.70
C ASP B 153 39.77 20.86 12.68
N GLY B 154 39.70 19.53 12.71
CA GLY B 154 40.55 18.73 13.56
C GLY B 154 40.15 18.70 15.02
N GLU B 155 38.98 19.24 15.37
CA GLU B 155 38.51 19.28 16.75
C GLU B 155 37.29 18.38 16.86
N TYR B 156 37.30 17.49 17.85
CA TYR B 156 36.15 16.62 18.09
C TYR B 156 35.03 17.40 18.75
N VAL B 157 33.83 17.29 18.20
CA VAL B 157 32.67 18.04 18.66
C VAL B 157 31.57 17.05 19.03
N VAL B 158 31.00 17.24 20.22
CA VAL B 158 29.90 16.40 20.69
C VAL B 158 28.58 17.03 20.30
N ASN B 159 27.70 16.21 19.70
CA ASN B 159 26.41 16.65 19.21
C ASN B 159 26.52 17.92 18.34
N PRO B 160 27.19 17.83 17.19
CA PRO B 160 27.31 19.01 16.33
C PRO B 160 25.96 19.44 15.79
N THR B 161 25.81 20.74 15.59
CA THR B 161 24.59 21.29 15.01
C THR B 161 24.54 20.95 13.53
N ARG B 162 23.46 21.39 12.87
CA ARG B 162 23.30 21.11 11.45
C ARG B 162 24.40 21.79 10.64
N LYS B 163 24.77 23.02 11.01
CA LYS B 163 25.84 23.72 10.30
C LYS B 163 27.18 23.02 10.49
N GLU B 164 27.45 22.56 11.71
CA GLU B 164 28.73 21.88 11.97
C GLU B 164 28.78 20.53 11.27
N MET B 165 27.65 19.82 11.20
CA MET B 165 27.61 18.52 10.53
C MET B 165 27.93 18.65 9.04
N SER B 166 27.54 19.76 8.42
CA SER B 166 27.78 19.94 6.99
C SER B 166 29.26 20.15 6.67
N SER B 167 30.07 20.53 7.65
CA SER B 167 31.50 20.73 7.45
C SER B 167 32.33 19.73 8.24
N SER B 168 31.76 18.59 8.60
CA SER B 168 32.43 17.59 9.41
C SER B 168 32.94 16.45 8.54
N THR B 169 34.17 16.02 8.80
CA THR B 169 34.75 14.88 8.11
C THR B 169 34.34 13.55 8.74
N LEU B 170 33.58 13.57 9.82
CA LEU B 170 33.12 12.36 10.48
C LEU B 170 31.69 12.55 10.96
N ASN B 171 30.86 11.52 10.78
CA ASN B 171 29.50 11.48 11.30
C ASN B 171 29.36 10.15 12.03
N LEU B 172 29.74 10.14 13.30
CA LEU B 172 29.77 8.93 14.11
C LEU B 172 28.77 9.06 15.25
N VAL B 173 27.95 8.03 15.44
CA VAL B 173 26.99 7.98 16.53
C VAL B 173 27.38 6.82 17.43
N VAL B 174 27.58 7.11 18.72
CA VAL B 174 28.01 6.12 19.70
C VAL B 174 26.91 5.97 20.74
N ALA B 175 26.51 4.74 21.00
CA ALA B 175 25.60 4.42 22.09
C ALA B 175 26.37 3.61 23.13
N GLY B 176 26.42 4.11 24.35
CA GLY B 176 27.20 3.49 25.41
C GLY B 176 26.32 2.97 26.52
N ALA B 177 26.83 1.94 27.20
CA ALA B 177 26.20 1.31 28.34
C ALA B 177 26.98 1.63 29.61
N PRO B 178 26.44 1.27 30.79
CA PRO B 178 27.21 1.46 32.02
C PRO B 178 28.53 0.69 31.98
N LYS B 179 29.53 1.25 32.67
CA LYS B 179 30.89 0.73 32.73
C LYS B 179 31.62 0.85 31.39
N SER B 180 31.34 1.93 30.66
CA SER B 180 32.05 2.27 29.42
C SER B 180 31.97 1.14 28.39
N GLN B 181 30.81 0.50 28.30
CA GLN B 181 30.56 -0.48 27.27
C GLN B 181 29.98 0.19 26.02
N ILE B 182 30.11 -0.49 24.89
CA ILE B 182 29.60 -0.01 23.61
C ILE B 182 28.53 -0.96 23.12
N VAL B 183 27.35 -0.44 22.82
CA VAL B 183 26.25 -1.25 22.32
C VAL B 183 25.92 -0.97 20.86
N MET B 184 26.28 0.20 20.33
CA MET B 184 25.96 0.55 18.96
C MET B 184 27.00 1.51 18.41
N LEU B 185 27.43 1.27 17.18
CA LEU B 185 28.31 2.16 16.45
C LEU B 185 27.80 2.30 15.02
N GLU B 186 27.63 3.54 14.58
CA GLU B 186 27.24 3.84 13.20
C GLU B 186 27.99 5.08 12.77
N ALA B 187 28.91 4.94 11.81
CA ALA B 187 29.74 6.05 11.41
C ALA B 187 29.87 6.09 9.90
N SER B 188 30.11 7.30 9.39
CA SER B 188 30.47 7.52 8.00
C SER B 188 31.47 8.66 7.97
N ALA B 189 32.64 8.40 7.39
CA ALA B 189 33.75 9.35 7.43
C ALA B 189 34.25 9.64 6.03
N GLU B 190 34.85 10.82 5.87
CA GLU B 190 35.40 11.24 4.60
C GLU B 190 36.83 10.71 4.43
N ASN B 191 36.94 9.38 4.48
CA ASN B 191 38.21 8.67 4.30
C ASN B 191 39.27 9.18 5.28
N ILE B 192 38.90 9.24 6.56
CA ILE B 192 39.77 9.78 7.59
C ILE B 192 40.70 8.67 8.08
N LEU B 193 41.78 9.09 8.74
CA LEU B 193 42.78 8.15 9.24
C LEU B 193 42.19 7.27 10.34
N GLN B 194 42.75 6.07 10.47
CA GLN B 194 42.28 5.14 11.49
C GLN B 194 42.53 5.68 12.89
N GLN B 195 43.66 6.37 13.09
CA GLN B 195 43.98 6.92 14.41
C GLN B 195 42.96 7.97 14.83
N ASP B 196 42.56 8.85 13.91
CA ASP B 196 41.53 9.83 14.21
C ASP B 196 40.20 9.16 14.50
N PHE B 197 39.88 8.10 13.74
CA PHE B 197 38.64 7.37 13.95
C PHE B 197 38.62 6.72 15.33
N CYS B 198 39.75 6.18 15.76
CA CYS B 198 39.81 5.49 17.05
C CYS B 198 39.63 6.46 18.20
N HIS B 199 40.20 7.67 18.09
CA HIS B 199 40.09 8.64 19.17
C HIS B 199 38.67 9.18 19.30
N ALA B 200 37.94 9.28 18.18
CA ALA B 200 36.57 9.76 18.25
C ALA B 200 35.67 8.80 19.01
N ILE B 201 35.90 7.49 18.88
CA ILE B 201 35.13 6.53 19.66
C ILE B 201 35.44 6.66 21.14
N LYS B 202 36.70 6.94 21.47
CA LYS B 202 37.07 7.13 22.88
C LYS B 202 36.37 8.36 23.46
N VAL B 203 36.33 9.45 22.71
CA VAL B 203 35.67 10.66 23.18
C VAL B 203 34.17 10.42 23.33
N GLY B 204 33.57 9.74 22.35
CA GLY B 204 32.13 9.51 22.40
C GLY B 204 31.72 8.67 23.59
N VAL B 205 32.47 7.61 23.88
CA VAL B 205 32.13 6.74 25.01
C VAL B 205 32.21 7.50 26.32
N LYS B 206 33.16 8.44 26.44
CA LYS B 206 33.25 9.25 27.65
C LYS B 206 32.00 10.11 27.83
N TYR B 207 31.50 10.70 26.75
CA TYR B 207 30.33 11.56 26.85
C TYR B 207 29.06 10.79 27.17
N THR B 208 28.94 9.55 26.67
CA THR B 208 27.75 8.76 26.96
C THR B 208 27.65 8.41 28.44
N GLN B 209 28.78 8.33 29.14
CA GLN B 209 28.75 8.03 30.57
C GLN B 209 28.13 9.18 31.36
N GLN B 210 28.37 10.42 30.93
CA GLN B 210 27.76 11.56 31.59
C GLN B 210 26.24 11.55 31.42
N ILE B 211 25.77 11.18 30.22
CA ILE B 211 24.33 11.06 29.99
C ILE B 211 23.76 9.94 30.84
N ILE B 212 24.49 8.82 30.97
CA ILE B 212 24.00 7.67 31.71
C ILE B 212 23.80 8.03 33.18
N GLN B 213 24.76 8.73 33.77
CA GLN B 213 24.62 9.10 35.18
C GLN B 213 23.56 10.18 35.38
N GLY B 214 23.33 11.01 34.37
CA GLY B 214 22.21 11.94 34.44
C GLY B 214 20.86 11.22 34.43
N ILE B 215 20.73 10.22 33.56
CA ILE B 215 19.50 9.44 33.52
C ILE B 215 19.33 8.64 34.80
N GLN B 216 20.43 8.14 35.36
CA GLN B 216 20.36 7.40 36.61
C GLN B 216 19.87 8.28 37.76
N GLN B 217 20.24 9.56 37.75
CA GLN B 217 19.72 10.49 38.75
C GLN B 217 18.21 10.66 38.60
N LEU B 218 17.73 10.79 37.36
CA LEU B 218 16.29 10.92 37.13
C LEU B 218 15.55 9.66 37.57
N VAL B 219 16.12 8.49 37.30
CA VAL B 219 15.49 7.24 37.73
C VAL B 219 15.48 7.16 39.25
N LYS B 220 16.51 7.67 39.91
CA LYS B 220 16.55 7.66 41.37
C LYS B 220 15.46 8.55 41.97
N GLU B 221 15.25 9.74 41.38
CA GLU B 221 14.31 10.68 41.95
C GLU B 221 12.88 10.17 41.87
N THR B 222 12.45 9.72 40.70
CA THR B 222 11.11 9.20 40.51
C THR B 222 11.13 7.68 40.70
N GLY B 223 10.33 7.20 41.65
CA GLY B 223 10.30 5.78 41.95
C GLY B 223 9.93 4.92 40.76
N VAL B 224 10.78 3.96 40.43
CA VAL B 224 10.57 3.06 39.30
C VAL B 224 10.53 1.64 39.83
N THR B 225 9.42 0.96 39.62
CA THR B 225 9.26 -0.45 39.98
C THR B 225 9.10 -1.25 38.70
N LYS B 226 9.98 -2.21 38.48
CA LYS B 226 9.94 -3.03 37.28
C LYS B 226 8.85 -4.08 37.39
N ARG B 227 8.15 -4.32 36.28
CA ARG B 227 7.15 -5.36 36.24
C ARG B 227 7.79 -6.74 36.33
N THR B 228 6.99 -7.72 36.70
CA THR B 228 7.44 -9.11 36.73
C THR B 228 6.75 -9.88 35.62
N PRO B 229 7.44 -10.17 34.52
CA PRO B 229 6.81 -10.94 33.43
C PRO B 229 6.36 -12.31 33.94
N GLN B 230 5.22 -12.77 33.43
CA GLN B 230 4.69 -14.06 33.87
C GLN B 230 5.60 -15.21 33.48
N LYS B 231 6.47 -15.03 32.49
CA LYS B 231 7.41 -16.06 32.09
C LYS B 231 8.49 -15.43 31.22
N LEU B 232 9.74 -15.81 31.47
CA LEU B 232 10.85 -15.48 30.60
C LEU B 232 11.17 -16.71 29.76
N PHE B 233 11.08 -16.57 28.44
CA PHE B 233 11.15 -17.71 27.53
C PHE B 233 12.62 -18.01 27.20
N THR B 234 13.30 -18.58 28.19
CA THR B 234 14.64 -19.09 28.02
C THR B 234 14.66 -20.59 28.31
N PRO B 235 15.42 -21.38 27.55
CA PRO B 235 15.44 -22.82 27.77
C PRO B 235 15.91 -23.16 29.18
N SER B 236 15.32 -24.20 29.75
CA SER B 236 15.72 -24.62 31.09
C SER B 236 17.15 -25.11 31.07
N PRO B 237 17.97 -24.77 32.06
CA PRO B 237 19.35 -25.25 32.09
C PRO B 237 19.46 -26.77 32.17
N GLU B 238 18.53 -27.43 32.84
CA GLU B 238 18.62 -28.88 33.00
C GLU B 238 18.22 -29.63 31.72
N ILE B 239 17.43 -29.01 30.85
CA ILE B 239 17.17 -29.60 29.53
C ILE B 239 18.16 -29.11 28.47
N VAL B 240 18.86 -28.00 28.72
CA VAL B 240 19.92 -27.58 27.81
C VAL B 240 21.12 -28.52 27.92
N LYS B 241 21.50 -28.87 29.14
CA LYS B 241 22.67 -29.73 29.34
C LYS B 241 22.39 -31.17 28.91
N TYR B 242 21.13 -31.61 28.93
CA TYR B 242 20.82 -32.92 28.37
C TYR B 242 20.93 -32.90 26.85
N THR B 243 20.54 -31.79 26.22
CA THR B 243 20.75 -31.65 24.77
C THR B 243 22.24 -31.64 24.45
N HIS B 244 23.06 -31.09 25.34
CA HIS B 244 24.51 -31.11 25.14
C HIS B 244 25.03 -32.53 25.10
N LYS B 245 24.53 -33.40 25.98
CA LYS B 245 24.98 -34.79 25.99
C LYS B 245 24.63 -35.49 24.68
N LEU B 246 23.44 -35.22 24.14
CA LEU B 246 22.99 -35.96 22.97
C LEU B 246 23.71 -35.51 21.69
N ALA B 247 23.94 -34.21 21.53
CA ALA B 247 24.31 -33.66 20.24
C ALA B 247 25.69 -33.01 20.19
N MET B 248 26.47 -33.04 21.26
CA MET B 248 27.77 -32.38 21.25
C MET B 248 28.72 -33.04 20.26
N GLU B 249 28.80 -34.38 20.29
CA GLU B 249 29.76 -35.07 19.43
C GLU B 249 29.39 -34.94 17.97
N ARG B 250 28.11 -35.11 17.63
CA ARG B 250 27.69 -34.99 16.24
C ARG B 250 27.89 -33.58 15.72
N LEU B 251 27.56 -32.57 16.53
CA LEU B 251 27.78 -31.19 16.12
C LEU B 251 29.25 -30.87 15.98
N TYR B 252 30.08 -31.41 16.88
CA TYR B 252 31.52 -31.15 16.83
C TYR B 252 32.13 -31.65 15.53
N ALA B 253 31.73 -32.86 15.10
CA ALA B 253 32.23 -33.39 13.83
C ALA B 253 31.79 -32.54 12.66
N VAL B 254 30.54 -32.06 12.68
CA VAL B 254 30.04 -31.24 11.59
C VAL B 254 30.80 -29.93 11.49
N PHE B 255 31.09 -29.29 12.63
CA PHE B 255 31.76 -28.01 12.61
C PHE B 255 33.26 -28.12 12.37
N THR B 256 33.83 -29.32 12.50
CA THR B 256 35.20 -29.58 12.10
C THR B 256 35.30 -30.21 10.72
N ASP B 257 34.17 -30.37 10.03
CA ASP B 257 34.14 -30.95 8.69
C ASP B 257 34.43 -29.80 7.73
N TYR B 258 35.68 -29.71 7.27
CA TYR B 258 36.18 -28.49 6.65
C TYR B 258 35.80 -28.34 5.19
N GLU B 259 35.26 -29.36 4.54
CA GLU B 259 34.88 -29.27 3.13
C GLU B 259 33.38 -29.05 2.95
N HIS B 260 32.67 -28.74 4.02
CA HIS B 260 31.27 -28.36 3.93
C HIS B 260 31.12 -27.01 3.24
N ASP B 261 29.98 -26.82 2.59
CA ASP B 261 29.55 -25.52 2.09
C ASP B 261 28.36 -25.05 2.91
N LYS B 262 27.78 -23.92 2.52
CA LYS B 262 26.69 -23.34 3.30
C LYS B 262 25.51 -24.28 3.41
N VAL B 263 25.04 -24.82 2.28
CA VAL B 263 23.86 -25.67 2.30
C VAL B 263 24.17 -27.02 2.95
N SER B 264 25.33 -27.59 2.64
CA SER B 264 25.68 -28.90 3.19
C SER B 264 25.81 -28.84 4.71
N ARG B 265 26.46 -27.80 5.23
CA ARG B 265 26.60 -27.67 6.68
C ARG B 265 25.24 -27.47 7.35
N ASP B 266 24.39 -26.63 6.76
CA ASP B 266 23.06 -26.40 7.34
C ASP B 266 22.22 -27.67 7.33
N GLU B 267 22.27 -28.42 6.23
CA GLU B 267 21.53 -29.67 6.15
C GLU B 267 22.06 -30.70 7.15
N ALA B 268 23.38 -30.74 7.34
CA ALA B 268 23.96 -31.67 8.30
C ALA B 268 23.53 -31.32 9.73
N VAL B 269 23.49 -30.03 10.07
CA VAL B 269 23.05 -29.62 11.39
C VAL B 269 21.57 -29.96 11.57
N ASN B 270 20.75 -29.68 10.55
CA ASN B 270 19.33 -29.99 10.62
C ASN B 270 19.09 -31.48 10.75
N LYS B 271 19.97 -32.30 10.18
CA LYS B 271 19.85 -33.74 10.34
C LYS B 271 20.03 -34.15 11.81
N ILE B 272 20.97 -33.53 12.51
CA ILE B 272 21.15 -33.80 13.93
C ILE B 272 19.98 -33.25 14.72
N ARG B 273 19.47 -32.07 14.34
CA ARG B 273 18.37 -31.46 15.07
C ARG B 273 17.11 -32.32 15.01
N LEU B 274 16.80 -32.87 13.84
CA LEU B 274 15.64 -33.76 13.74
C LEU B 274 15.89 -35.07 14.49
N ASP B 275 17.15 -35.48 14.61
CA ASP B 275 17.50 -36.70 15.32
C ASP B 275 17.68 -36.50 16.82
N THR B 276 17.56 -35.26 17.30
CA THR B 276 17.67 -34.97 18.73
C THR B 276 16.43 -34.31 19.31
N GLU B 277 15.69 -33.53 18.52
CA GLU B 277 14.50 -32.88 19.04
C GLU B 277 13.44 -33.89 19.45
N GLU B 278 13.28 -34.97 18.67
CA GLU B 278 12.32 -36.00 19.04
C GLU B 278 12.72 -36.70 20.33
N GLN B 279 14.03 -36.91 20.55
CA GLN B 279 14.48 -37.49 21.81
C GLN B 279 14.24 -36.55 22.97
N LEU B 280 14.36 -35.25 22.75
CA LEU B 280 14.06 -34.27 23.79
C LEU B 280 12.58 -34.32 24.17
N LYS B 281 11.71 -34.53 23.18
CA LYS B 281 10.27 -34.53 23.45
C LYS B 281 9.87 -35.69 24.35
N GLU B 282 10.41 -36.89 24.09
CA GLU B 282 10.09 -38.02 24.95
C GLU B 282 10.71 -37.85 26.34
N LYS B 283 11.93 -37.31 26.41
CA LYS B 283 12.57 -37.13 27.70
C LYS B 283 11.83 -36.10 28.56
N PHE B 284 11.32 -35.05 27.94
CA PHE B 284 10.60 -33.98 28.64
C PHE B 284 9.26 -33.76 27.94
N PRO B 285 8.27 -34.61 28.19
CA PRO B 285 6.97 -34.44 27.55
C PRO B 285 6.29 -33.13 27.89
N GLU B 286 6.49 -32.61 29.10
CA GLU B 286 5.85 -31.38 29.52
C GLU B 286 6.55 -30.13 28.99
N ALA B 287 7.69 -30.28 28.33
CA ALA B 287 8.43 -29.13 27.86
C ALA B 287 7.69 -28.40 26.73
N ASP B 288 7.88 -27.09 26.69
CA ASP B 288 7.29 -26.28 25.63
C ASP B 288 7.88 -26.71 24.28
N PRO B 289 7.04 -26.88 23.24
CA PRO B 289 7.60 -27.22 21.93
C PRO B 289 8.62 -26.22 21.42
N TYR B 290 8.43 -24.93 21.71
CA TYR B 290 9.46 -23.95 21.35
C TYR B 290 10.71 -24.14 22.20
N GLU B 291 10.54 -24.47 23.48
CA GLU B 291 11.69 -24.65 24.37
C GLU B 291 12.61 -25.76 23.86
N ILE B 292 12.03 -26.81 23.26
CA ILE B 292 12.84 -27.86 22.65
C ILE B 292 13.66 -27.29 21.50
N ILE B 293 13.05 -26.43 20.68
CA ILE B 293 13.75 -25.85 19.54
C ILE B 293 14.90 -24.97 20.02
N GLU B 294 14.66 -24.14 21.04
CA GLU B 294 15.67 -23.19 21.46
C GLU B 294 16.82 -23.86 22.21
N SER B 295 16.56 -25.00 22.85
CA SER B 295 17.63 -25.70 23.55
C SER B 295 18.68 -26.21 22.57
N PHE B 296 18.25 -26.74 21.42
CA PHE B 296 19.20 -27.18 20.41
C PHE B 296 19.99 -25.99 19.86
N ASN B 297 19.32 -24.85 19.67
CA ASN B 297 20.02 -23.66 19.20
C ASN B 297 21.06 -23.20 20.21
N VAL B 298 20.73 -23.31 21.51
CA VAL B 298 21.69 -22.94 22.54
C VAL B 298 22.90 -23.88 22.51
N VAL B 299 22.64 -25.19 22.44
CA VAL B 299 23.73 -26.17 22.46
C VAL B 299 24.58 -26.06 21.20
N ALA B 300 23.94 -25.87 20.04
CA ALA B 300 24.69 -25.74 18.80
C ALA B 300 25.55 -24.48 18.81
N LYS B 301 25.01 -23.38 19.35
CA LYS B 301 25.75 -22.12 19.36
C LYS B 301 27.01 -22.22 20.23
N GLU B 302 26.89 -22.83 21.42
CA GLU B 302 28.04 -22.90 22.31
C GLU B 302 29.07 -23.91 21.82
N VAL B 303 28.62 -25.02 21.22
CA VAL B 303 29.57 -25.95 20.61
C VAL B 303 30.31 -25.29 19.46
N PHE B 304 29.59 -24.51 18.65
CA PHE B 304 30.21 -23.79 17.55
C PHE B 304 31.26 -22.81 18.03
N ARG B 305 30.96 -22.08 19.10
CA ARG B 305 31.90 -21.08 19.62
C ARG B 305 33.05 -21.69 20.38
N SER B 306 32.83 -22.84 21.04
CA SER B 306 33.90 -23.48 21.81
C SER B 306 35.04 -23.92 20.90
N ILE B 307 34.73 -24.33 19.67
CA ILE B 307 35.79 -24.72 18.73
C ILE B 307 36.68 -23.54 18.40
N VAL B 308 36.09 -22.37 18.17
CA VAL B 308 36.87 -21.18 17.84
C VAL B 308 37.73 -20.76 19.02
N LEU B 309 37.17 -20.79 20.23
CA LEU B 309 37.93 -20.33 21.40
C LEU B 309 39.06 -21.29 21.75
N ASN B 310 38.75 -22.59 21.79
CA ASN B 310 39.74 -23.57 22.24
C ASN B 310 40.81 -23.83 21.19
N GLU B 311 40.42 -23.97 19.93
CA GLU B 311 41.33 -24.45 18.89
C GLU B 311 41.76 -23.38 17.90
N TYR B 312 41.21 -22.17 17.98
CA TYR B 312 41.55 -21.06 17.09
C TYR B 312 41.31 -21.41 15.62
N LYS B 313 40.44 -22.38 15.35
CA LYS B 313 40.14 -22.82 13.99
C LYS B 313 38.64 -22.67 13.77
N ARG B 314 38.28 -22.32 12.53
CA ARG B 314 36.90 -22.03 12.19
C ARG B 314 36.24 -23.23 11.50
N CYS B 315 34.96 -23.08 11.20
CA CYS B 315 34.19 -24.20 10.65
C CYS B 315 34.63 -24.57 9.25
N ASP B 316 35.17 -23.62 8.49
CA ASP B 316 35.64 -23.89 7.13
C ASP B 316 37.15 -24.07 7.05
N GLY B 317 37.82 -24.23 8.18
CA GLY B 317 39.21 -24.62 8.20
C GLY B 317 40.23 -23.51 8.06
N ARG B 318 39.82 -22.25 8.12
CA ARG B 318 40.77 -21.15 8.01
C ARG B 318 40.96 -20.49 9.37
N ASP B 319 42.08 -19.79 9.51
CA ASP B 319 42.42 -19.13 10.76
C ASP B 319 41.64 -17.84 10.93
N LEU B 320 41.82 -17.20 12.08
CA LEU B 320 40.98 -16.06 12.46
C LEU B 320 41.18 -14.84 11.59
N THR B 321 42.25 -14.78 10.80
CA THR B 321 42.60 -13.56 10.08
C THR B 321 42.50 -13.67 8.57
N SER B 322 42.31 -14.87 8.02
CA SER B 322 42.30 -15.04 6.57
C SER B 322 40.90 -14.83 6.01
N LEU B 323 40.84 -14.43 4.76
CA LEU B 323 39.59 -14.19 4.07
C LEU B 323 39.12 -15.44 3.34
N ARG B 324 37.92 -15.34 2.77
CA ARG B 324 37.41 -16.38 1.87
C ARG B 324 38.02 -16.18 0.48
N ASN B 325 37.68 -17.09 -0.43
CA ASN B 325 38.15 -16.97 -1.80
C ASN B 325 37.41 -15.81 -2.48
N VAL B 326 38.18 -14.84 -3.00
CA VAL B 326 37.62 -13.64 -3.59
C VAL B 326 37.99 -13.60 -5.06
N SER B 327 36.98 -13.47 -5.92
CA SER B 327 37.19 -13.37 -7.36
C SER B 327 36.16 -12.40 -7.92
N CYS B 328 36.57 -11.62 -8.91
CA CYS B 328 35.70 -10.60 -9.47
C CYS B 328 35.97 -10.43 -10.95
N GLU B 329 35.00 -9.86 -11.65
CA GLU B 329 35.10 -9.62 -13.08
C GLU B 329 34.26 -8.40 -13.43
N VAL B 330 34.59 -7.79 -14.56
CA VAL B 330 33.92 -6.58 -15.03
C VAL B 330 33.47 -6.79 -16.47
N ASP B 331 32.65 -5.86 -16.95
CA ASP B 331 32.12 -5.88 -18.32
C ASP B 331 31.36 -7.19 -18.59
N MET B 332 30.42 -7.50 -17.70
CA MET B 332 29.62 -8.71 -17.86
C MET B 332 28.74 -8.63 -19.11
N PHE B 333 28.12 -7.47 -19.33
CA PHE B 333 27.16 -7.31 -20.42
C PHE B 333 27.46 -6.05 -21.20
N LYS B 334 27.17 -6.11 -22.51
CA LYS B 334 27.58 -5.04 -23.41
C LYS B 334 26.76 -3.76 -23.22
N THR B 335 25.46 -3.89 -22.95
CA THR B 335 24.59 -2.73 -22.91
C THR B 335 24.61 -1.99 -21.58
N LEU B 336 25.12 -2.60 -20.52
CA LEU B 336 25.20 -1.91 -19.24
C LEU B 336 26.30 -0.87 -19.27
N HIS B 337 26.00 0.31 -18.70
CA HIS B 337 27.01 1.37 -18.62
C HIS B 337 28.21 0.92 -17.81
N GLY B 338 27.96 0.19 -16.72
CA GLY B 338 29.02 -0.42 -15.94
C GLY B 338 28.49 -1.64 -15.25
N SER B 339 29.36 -2.63 -15.07
CA SER B 339 28.95 -3.88 -14.47
C SER B 339 30.12 -4.54 -13.77
N ALA B 340 29.82 -5.35 -12.76
CA ALA B 340 30.84 -6.08 -12.03
C ALA B 340 30.16 -7.22 -11.29
N LEU B 341 30.80 -8.38 -11.29
CA LEU B 341 30.33 -9.54 -10.54
C LEU B 341 31.38 -9.85 -9.48
N PHE B 342 31.05 -9.58 -8.22
CA PHE B 342 31.96 -9.79 -7.10
C PHE B 342 31.55 -11.04 -6.34
N GLN B 343 32.49 -11.95 -6.16
CA GLN B 343 32.26 -13.19 -5.44
C GLN B 343 33.22 -13.27 -4.26
N ARG B 344 32.69 -13.66 -3.10
CA ARG B 344 33.47 -13.81 -1.88
C ARG B 344 32.92 -15.02 -1.14
N GLY B 345 33.65 -16.12 -1.18
CA GLY B 345 33.12 -17.36 -0.63
C GLY B 345 31.93 -17.80 -1.43
N GLN B 346 30.78 -17.97 -0.77
CA GLN B 346 29.52 -18.29 -1.43
C GLN B 346 28.59 -17.09 -1.52
N THR B 347 29.13 -15.88 -1.39
CA THR B 347 28.36 -14.65 -1.55
C THR B 347 28.67 -14.05 -2.91
N GLN B 348 27.63 -13.83 -3.71
CA GLN B 348 27.79 -13.24 -5.04
C GLN B 348 26.88 -12.03 -5.17
N VAL B 349 27.44 -10.93 -5.64
CA VAL B 349 26.70 -9.69 -5.84
C VAL B 349 26.96 -9.19 -7.25
N LEU B 350 25.90 -8.87 -7.97
CA LEU B 350 26.00 -8.25 -9.28
C LEU B 350 25.73 -6.76 -9.13
N CYS B 351 26.71 -5.94 -9.48
CA CYS B 351 26.63 -4.49 -9.35
C CYS B 351 26.56 -3.87 -10.73
N THR B 352 25.57 -3.00 -10.94
CA THR B 352 25.36 -2.33 -12.20
C THR B 352 25.37 -0.83 -11.98
N VAL B 353 26.10 -0.11 -12.82
CA VAL B 353 26.16 1.34 -12.79
C VAL B 353 25.38 1.86 -13.99
N THR B 354 24.34 2.65 -13.72
CA THR B 354 23.55 3.28 -14.78
C THR B 354 23.64 4.79 -14.61
N PHE B 355 24.01 5.48 -15.68
CA PHE B 355 24.04 6.93 -15.67
C PHE B 355 22.68 7.48 -16.03
N ASP B 356 22.34 8.62 -15.43
CA ASP B 356 21.03 9.22 -15.59
C ASP B 356 21.19 10.73 -15.70
N SER B 357 20.12 11.39 -16.13
CA SER B 357 20.12 12.84 -16.17
C SER B 357 20.19 13.41 -14.76
N LEU B 358 20.86 14.56 -14.63
CA LEU B 358 20.92 15.23 -13.34
C LEU B 358 19.53 15.65 -12.87
N GLU B 359 18.59 15.84 -13.80
CA GLU B 359 17.23 16.22 -13.47
C GLU B 359 16.42 15.05 -12.94
N SER B 360 16.90 13.81 -13.08
CA SER B 360 16.21 12.67 -12.49
C SER B 360 16.44 12.58 -10.99
N GLY B 361 17.47 13.25 -10.46
CA GLY B 361 17.64 13.31 -9.02
C GLY B 361 16.51 14.06 -8.34
N ILE B 362 16.09 15.18 -8.93
CA ILE B 362 14.91 15.89 -8.47
C ILE B 362 13.68 15.28 -9.12
N LYS B 363 12.52 15.53 -8.53
CA LYS B 363 11.26 15.00 -9.02
C LYS B 363 10.21 16.09 -9.01
N SER B 364 9.03 15.76 -9.52
CA SER B 364 7.84 16.54 -9.22
C SER B 364 7.46 16.33 -7.76
N ASP B 365 6.39 16.98 -7.31
CA ASP B 365 5.96 16.91 -5.91
C ASP B 365 7.09 17.39 -4.99
N GLN B 366 7.36 18.68 -5.07
CA GLN B 366 8.48 19.26 -4.33
C GLN B 366 8.38 19.02 -2.83
N VAL B 367 7.17 18.81 -2.30
CA VAL B 367 7.03 18.40 -0.91
C VAL B 367 7.60 17.00 -0.71
N ILE B 368 7.26 16.07 -1.59
CA ILE B 368 7.81 14.72 -1.54
C ILE B 368 9.32 14.75 -1.81
N THR B 369 9.76 15.64 -2.71
CA THR B 369 11.18 15.75 -3.00
C THR B 369 11.98 16.12 -1.76
N ALA B 370 11.47 17.06 -0.96
CA ALA B 370 12.14 17.44 0.27
C ALA B 370 12.06 16.35 1.33
N ILE B 371 11.10 15.43 1.22
CA ILE B 371 10.97 14.37 2.21
C ILE B 371 12.19 13.47 2.20
N ASN B 372 12.58 12.99 1.02
CA ASN B 372 13.76 12.15 0.88
C ASN B 372 15.01 12.94 0.54
N GLY B 373 14.89 14.25 0.31
CA GLY B 373 16.04 15.09 0.04
C GLY B 373 16.62 14.85 -1.35
N ILE B 374 17.72 15.55 -1.60
CA ILE B 374 18.48 15.42 -2.83
C ILE B 374 19.89 15.00 -2.46
N LYS B 375 20.39 13.94 -3.10
CA LYS B 375 21.73 13.46 -2.81
C LYS B 375 22.76 14.52 -3.20
N ASP B 376 23.73 14.75 -2.30
CA ASP B 376 24.67 15.84 -2.49
C ASP B 376 25.52 15.66 -3.74
N LYS B 377 26.00 14.44 -3.98
CA LYS B 377 26.85 14.16 -5.13
C LYS B 377 26.09 13.55 -6.29
N ASN B 378 24.76 13.62 -6.27
CA ASN B 378 23.91 12.97 -7.27
C ASN B 378 24.24 11.48 -7.37
N PHE B 379 24.51 10.87 -6.22
CA PHE B 379 24.92 9.49 -6.13
C PHE B 379 23.99 8.75 -5.19
N MET B 380 23.49 7.61 -5.64
CA MET B 380 22.63 6.76 -4.82
C MET B 380 22.92 5.30 -5.12
N LEU B 381 22.66 4.46 -4.15
CA LEU B 381 22.87 3.02 -4.27
C LEU B 381 21.58 2.31 -3.90
N HIS B 382 21.01 1.57 -4.85
CA HIS B 382 19.82 0.76 -4.61
C HIS B 382 20.28 -0.67 -4.36
N TYR B 383 19.88 -1.22 -3.22
CA TYR B 383 20.32 -2.54 -2.78
C TYR B 383 19.13 -3.48 -2.78
N GLU B 384 19.28 -4.62 -3.44
CA GLU B 384 18.22 -5.62 -3.56
C GLU B 384 18.69 -6.93 -2.97
N PHE B 385 17.81 -7.59 -2.23
CA PHE B 385 18.09 -8.88 -1.61
C PHE B 385 16.97 -9.84 -2.03
N PRO B 386 17.06 -10.40 -3.24
CA PRO B 386 15.97 -11.23 -3.74
C PRO B 386 15.80 -12.48 -2.91
N PRO B 387 14.59 -13.02 -2.82
CA PRO B 387 14.39 -14.24 -2.03
C PRO B 387 15.20 -15.44 -2.51
N TYR B 388 15.50 -15.52 -3.81
CA TYR B 388 16.24 -16.67 -4.31
C TYR B 388 17.71 -16.65 -3.91
N ALA B 389 18.21 -15.54 -3.37
CA ALA B 389 19.58 -15.50 -2.88
C ALA B 389 19.81 -16.50 -1.76
N THR B 390 18.77 -16.86 -1.02
CA THR B 390 18.86 -17.86 0.04
C THR B 390 17.92 -19.04 -0.22
N ASN B 391 17.48 -19.22 -1.47
CA ASN B 391 16.56 -20.29 -1.85
C ASN B 391 15.27 -20.24 -1.03
N GLU B 392 14.64 -19.07 -1.03
CA GLU B 392 13.43 -18.84 -0.25
C GLU B 392 12.36 -18.20 -1.12
N ILE B 393 11.13 -18.23 -0.63
CA ILE B 393 10.00 -17.56 -1.25
C ILE B 393 9.71 -16.30 -0.45
N GLY B 394 9.51 -15.19 -1.16
CA GLY B 394 9.22 -13.94 -0.48
C GLY B 394 8.62 -12.92 -1.42
N LYS B 395 7.89 -11.98 -0.83
CA LYS B 395 7.32 -10.89 -1.61
C LYS B 395 8.41 -9.97 -2.12
N VAL B 396 8.27 -9.52 -3.36
CA VAL B 396 9.24 -8.63 -3.97
C VAL B 396 8.73 -7.21 -4.12
N THR B 397 7.46 -6.96 -3.82
CA THR B 397 6.92 -5.61 -3.90
C THR B 397 7.45 -4.76 -2.75
N GLY B 398 7.91 -3.55 -3.07
CA GLY B 398 8.47 -2.68 -2.06
C GLY B 398 9.88 -3.06 -1.68
N LEU B 399 10.36 -2.40 -0.62
CA LEU B 399 11.70 -2.64 -0.10
C LEU B 399 11.62 -2.86 1.40
N ASN B 400 12.40 -3.83 1.89
CA ASN B 400 12.42 -4.12 3.31
C ASN B 400 13.18 -3.03 4.06
N ARG B 401 13.03 -3.04 5.39
CA ARG B 401 13.86 -2.19 6.23
C ARG B 401 15.32 -2.60 6.13
N ARG B 402 15.59 -3.90 6.11
CA ARG B 402 16.96 -4.39 6.02
C ARG B 402 17.60 -3.99 4.69
N GLU B 403 16.86 -4.07 3.59
CA GLU B 403 17.41 -3.69 2.30
C GLU B 403 17.71 -2.20 2.25
N LEU B 404 16.84 -1.37 2.82
CA LEU B 404 17.10 0.06 2.87
C LEU B 404 18.33 0.37 3.71
N GLY B 405 18.46 -0.30 4.86
CA GLY B 405 19.62 -0.05 5.70
C GLY B 405 20.92 -0.51 5.08
N HIS B 406 20.91 -1.69 4.45
CA HIS B 406 22.11 -2.20 3.80
C HIS B 406 22.52 -1.31 2.64
N GLY B 407 21.54 -0.80 1.89
CA GLY B 407 21.86 0.12 0.81
C GLY B 407 22.47 1.41 1.29
N ALA B 408 21.98 1.94 2.40
CA ALA B 408 22.53 3.17 2.95
C ALA B 408 23.98 2.97 3.41
N LEU B 409 24.26 1.82 4.04
CA LEU B 409 25.62 1.56 4.51
C LEU B 409 26.59 1.45 3.35
N ALA B 410 26.20 0.72 2.30
CA ALA B 410 27.06 0.60 1.13
C ALA B 410 27.19 1.92 0.39
N GLU B 411 26.12 2.73 0.36
CA GLU B 411 26.19 4.01 -0.33
C GLU B 411 27.17 4.95 0.35
N LYS B 412 27.14 5.02 1.69
CA LYS B 412 28.06 5.90 2.40
C LYS B 412 29.47 5.32 2.47
N ALA B 413 29.64 4.02 2.20
CA ALA B 413 30.97 3.47 2.06
C ALA B 413 31.63 3.96 0.77
N LEU B 414 30.86 4.09 -0.30
CA LEU B 414 31.37 4.56 -1.58
C LEU B 414 31.27 6.07 -1.74
N TYR B 415 30.49 6.74 -0.90
CA TYR B 415 30.29 8.18 -1.08
C TYR B 415 31.57 9.01 -1.03
N PRO B 416 32.51 8.79 -0.10
CA PRO B 416 33.71 9.65 -0.06
C PRO B 416 34.53 9.63 -1.34
N VAL B 417 34.59 8.49 -2.04
CA VAL B 417 35.41 8.42 -3.25
C VAL B 417 34.67 8.82 -4.52
N ILE B 418 33.37 9.03 -4.44
CA ILE B 418 32.61 9.46 -5.63
C ILE B 418 33.05 10.87 -6.02
N PRO B 419 33.35 11.13 -7.29
CA PRO B 419 33.78 12.46 -7.69
C PRO B 419 32.67 13.48 -7.58
N ARG B 420 33.07 14.74 -7.39
CA ARG B 420 32.12 15.83 -7.38
C ARG B 420 31.80 16.28 -8.80
N ASP B 421 30.65 16.96 -8.94
CA ASP B 421 30.12 17.48 -10.20
C ASP B 421 30.35 16.56 -11.38
N PHE B 422 29.96 15.29 -11.25
CA PHE B 422 29.93 14.40 -12.39
C PHE B 422 28.82 14.82 -13.34
N PRO B 423 29.02 14.68 -14.65
CA PRO B 423 28.00 15.14 -15.61
C PRO B 423 26.66 14.43 -15.49
N PHE B 424 26.62 13.23 -14.90
CA PHE B 424 25.40 12.46 -14.82
C PHE B 424 25.13 12.02 -13.39
N THR B 425 23.86 11.75 -13.11
CA THR B 425 23.50 11.10 -11.85
C THR B 425 23.99 9.66 -11.88
N ILE B 426 24.68 9.25 -10.82
CA ILE B 426 25.24 7.91 -10.72
C ILE B 426 24.34 7.07 -9.84
N ARG B 427 23.76 6.02 -10.41
CA ARG B 427 22.96 5.07 -9.65
C ARG B 427 23.62 3.70 -9.74
N VAL B 428 23.86 3.10 -8.58
CA VAL B 428 24.48 1.78 -8.48
C VAL B 428 23.45 0.81 -7.93
N THR B 429 23.21 -0.27 -8.67
CA THR B 429 22.24 -1.29 -8.28
C THR B 429 23.01 -2.55 -7.91
N SER B 430 22.98 -2.92 -6.64
CA SER B 430 23.62 -4.14 -6.16
C SER B 430 22.53 -5.18 -5.89
N GLU B 431 22.61 -6.30 -6.58
CA GLU B 431 21.66 -7.40 -6.41
C GLU B 431 22.41 -8.59 -5.86
N VAL B 432 21.99 -9.07 -4.67
CA VAL B 432 22.61 -10.21 -4.03
C VAL B 432 22.07 -11.46 -4.72
N LEU B 433 22.84 -12.02 -5.65
CA LEU B 433 22.43 -13.26 -6.31
C LEU B 433 22.64 -14.46 -5.40
N GLU B 434 23.69 -14.46 -4.59
CA GLU B 434 23.95 -15.50 -3.61
C GLU B 434 24.35 -14.85 -2.30
N SER B 435 23.87 -15.39 -1.19
CA SER B 435 24.07 -14.78 0.13
C SER B 435 24.67 -15.80 1.08
N ASN B 436 25.84 -15.48 1.63
CA ASN B 436 26.44 -16.25 2.72
C ASN B 436 27.10 -15.33 3.73
N GLY B 437 26.58 -14.12 3.90
CA GLY B 437 27.12 -13.17 4.84
C GLY B 437 27.93 -12.09 4.16
N SER B 438 27.95 -10.91 4.79
CA SER B 438 28.69 -9.74 4.29
C SER B 438 28.26 -9.38 2.88
N SER B 439 26.96 -9.49 2.62
CA SER B 439 26.43 -9.08 1.31
C SER B 439 26.57 -7.58 1.10
N SER B 440 26.32 -6.79 2.15
CA SER B 440 26.43 -5.34 2.04
C SER B 440 27.87 -4.90 1.79
N MET B 441 28.82 -5.55 2.48
CA MET B 441 30.23 -5.23 2.23
C MET B 441 30.66 -5.63 0.83
N ALA B 442 30.17 -6.78 0.35
CA ALA B 442 30.45 -7.17 -1.03
C ALA B 442 29.84 -6.18 -2.02
N SER B 443 28.74 -5.53 -1.65
CA SER B 443 28.16 -4.52 -2.51
C SER B 443 29.07 -3.30 -2.64
N ALA B 444 29.87 -3.02 -1.61
CA ALA B 444 30.81 -1.90 -1.69
C ALA B 444 31.99 -2.23 -2.60
N CYS B 445 32.54 -3.44 -2.49
CA CYS B 445 33.65 -3.85 -3.34
C CYS B 445 33.20 -3.96 -4.79
N GLY B 446 32.08 -4.67 -5.04
CA GLY B 446 31.55 -4.74 -6.38
C GLY B 446 31.10 -3.41 -6.91
N GLY B 447 30.58 -2.54 -6.04
CA GLY B 447 30.18 -1.21 -6.49
C GLY B 447 31.35 -0.39 -6.98
N SER B 448 32.48 -0.46 -6.28
CA SER B 448 33.66 0.28 -6.73
C SER B 448 34.25 -0.33 -8.00
N LEU B 449 34.19 -1.65 -8.15
CA LEU B 449 34.64 -2.28 -9.38
C LEU B 449 33.78 -1.85 -10.56
N ALA B 450 32.45 -1.83 -10.36
CA ALA B 450 31.55 -1.41 -11.42
C ALA B 450 31.68 0.08 -11.71
N LEU B 451 31.96 0.89 -10.69
CA LEU B 451 32.21 2.31 -10.91
C LEU B 451 33.47 2.53 -11.74
N MET B 452 34.51 1.75 -11.47
CA MET B 452 35.72 1.83 -12.28
C MET B 452 35.49 1.28 -13.68
N ASP B 453 34.63 0.27 -13.81
CA ASP B 453 34.33 -0.29 -15.13
C ASP B 453 33.49 0.67 -15.96
N SER B 454 32.61 1.44 -15.32
CA SER B 454 31.79 2.41 -16.05
C SER B 454 32.57 3.65 -16.44
N GLY B 455 33.79 3.83 -15.92
CA GLY B 455 34.58 5.00 -16.23
C GLY B 455 34.45 6.15 -15.28
N VAL B 456 33.82 5.94 -14.12
CA VAL B 456 33.73 6.99 -13.10
C VAL B 456 35.09 7.13 -12.43
N PRO B 457 35.68 8.31 -12.43
CA PRO B 457 37.04 8.49 -11.86
C PRO B 457 37.03 8.63 -10.34
N ILE B 458 36.74 7.52 -9.65
CA ILE B 458 36.75 7.53 -8.20
C ILE B 458 38.19 7.69 -7.71
N SER B 459 38.34 8.29 -6.54
CA SER B 459 39.67 8.58 -6.00
C SER B 459 40.42 7.29 -5.67
N SER B 460 39.73 6.32 -5.09
CA SER B 460 40.38 5.06 -4.72
C SER B 460 39.34 3.95 -4.68
N ALA B 461 39.82 2.72 -4.81
CA ALA B 461 38.95 1.56 -4.68
C ALA B 461 38.55 1.37 -3.23
N VAL B 462 37.29 0.99 -3.02
CA VAL B 462 36.72 0.81 -1.69
C VAL B 462 36.47 -0.67 -1.47
N ALA B 463 36.93 -1.19 -0.34
CA ALA B 463 36.71 -2.58 0.04
C ALA B 463 36.07 -2.63 1.42
N GLY B 464 35.08 -3.50 1.56
CA GLY B 464 34.41 -3.68 2.83
C GLY B 464 34.63 -5.07 3.39
N VAL B 465 34.55 -5.21 4.72
CA VAL B 465 34.75 -6.49 5.37
C VAL B 465 33.94 -6.51 6.65
N ALA B 466 33.56 -7.71 7.08
CA ALA B 466 32.81 -7.90 8.31
C ALA B 466 33.67 -8.68 9.30
N ILE B 467 33.74 -8.19 10.53
CA ILE B 467 34.54 -8.81 11.58
C ILE B 467 33.58 -9.37 12.62
N GLY B 468 33.69 -10.68 12.88
CA GLY B 468 32.91 -11.31 13.91
C GLY B 468 33.61 -11.31 15.25
N LEU B 469 32.93 -11.89 16.24
CA LEU B 469 33.47 -11.94 17.59
C LEU B 469 32.85 -13.11 18.34
N VAL B 470 33.68 -13.85 19.05
CA VAL B 470 33.25 -14.94 19.91
C VAL B 470 33.90 -14.73 21.27
N THR B 471 33.08 -14.59 22.30
CA THR B 471 33.57 -14.28 23.65
C THR B 471 33.24 -15.40 24.62
N LYS B 472 34.09 -15.54 25.62
CA LYS B 472 33.82 -16.36 26.79
C LYS B 472 33.49 -15.41 27.93
N THR B 473 32.23 -15.39 28.35
CA THR B 473 31.75 -14.46 29.36
C THR B 473 31.30 -15.25 30.59
N ASP B 474 31.88 -14.94 31.74
CA ASP B 474 31.53 -15.65 32.96
C ASP B 474 30.12 -15.28 33.39
N PRO B 475 29.32 -16.24 33.85
CA PRO B 475 27.97 -15.92 34.34
C PRO B 475 27.96 -15.25 35.70
N GLU B 476 29.09 -15.25 36.41
CA GLU B 476 29.13 -14.65 37.75
C GLU B 476 28.95 -13.14 37.68
N LYS B 477 29.69 -12.48 36.78
CA LYS B 477 29.66 -11.02 36.69
C LYS B 477 29.32 -10.50 35.31
N GLY B 478 29.37 -11.31 34.26
CA GLY B 478 29.14 -10.83 32.92
C GLY B 478 30.36 -10.18 32.27
N GLU B 479 31.55 -10.36 32.83
CA GLU B 479 32.76 -9.79 32.27
C GLU B 479 33.36 -10.73 31.23
N ILE B 480 34.02 -10.13 30.24
CA ILE B 480 34.66 -10.88 29.17
C ILE B 480 36.08 -11.23 29.60
N GLU B 481 36.43 -12.51 29.59
CA GLU B 481 37.77 -12.96 29.92
C GLU B 481 38.61 -13.27 28.69
N ASP B 482 38.04 -13.95 27.70
CA ASP B 482 38.75 -14.26 26.47
C ASP B 482 37.82 -14.03 25.29
N TYR B 483 38.41 -13.72 24.14
CA TYR B 483 37.61 -13.46 22.94
C TYR B 483 38.47 -13.71 21.71
N ARG B 484 37.79 -13.93 20.59
CA ARG B 484 38.42 -14.12 19.29
C ARG B 484 37.76 -13.19 18.28
N LEU B 485 38.57 -12.55 17.44
CA LEU B 485 38.08 -11.72 16.35
C LEU B 485 38.25 -12.47 15.04
N LEU B 486 37.16 -12.58 14.28
CA LEU B 486 37.14 -13.37 13.05
C LEU B 486 37.04 -12.43 11.85
N THR B 487 37.83 -12.73 10.82
CA THR B 487 37.88 -11.92 9.61
C THR B 487 36.99 -12.52 8.53
N ASP B 488 36.15 -11.69 7.93
CA ASP B 488 35.31 -12.10 6.81
C ASP B 488 34.40 -13.27 7.20
N ILE B 489 33.50 -13.00 8.15
CA ILE B 489 32.71 -14.06 8.76
C ILE B 489 31.70 -14.62 7.77
N LEU B 490 31.36 -15.90 7.96
CA LEU B 490 30.30 -16.54 7.21
C LEU B 490 28.94 -16.18 7.82
N GLY B 491 27.88 -16.70 7.21
CA GLY B 491 26.54 -16.49 7.76
C GLY B 491 26.36 -17.15 9.10
N ILE B 492 26.88 -18.37 9.25
CA ILE B 492 26.75 -19.09 10.52
C ILE B 492 27.57 -18.44 11.61
N GLU B 493 28.70 -17.81 11.25
CA GLU B 493 29.52 -17.13 12.25
C GLU B 493 28.86 -15.84 12.72
N ASP B 494 28.15 -15.15 11.84
CA ASP B 494 27.34 -14.01 12.27
C ASP B 494 26.17 -14.45 13.14
N TYR B 495 25.51 -15.55 12.77
CA TYR B 495 24.34 -16.01 13.51
C TYR B 495 24.72 -16.47 14.92
N ASN B 496 25.83 -17.19 15.05
CA ASN B 496 26.29 -17.71 16.33
C ASN B 496 27.31 -16.80 17.01
N GLY B 497 27.59 -15.63 16.44
CA GLY B 497 28.58 -14.73 16.97
C GLY B 497 27.98 -13.71 17.93
N ASP B 498 28.83 -12.74 18.29
CA ASP B 498 28.43 -11.67 19.20
C ASP B 498 28.23 -10.33 18.52
N MET B 499 28.75 -10.14 17.31
CA MET B 499 28.61 -8.89 16.61
C MET B 499 28.91 -9.11 15.13
N ASP B 500 28.50 -8.15 14.31
CA ASP B 500 28.77 -8.16 12.87
C ASP B 500 29.36 -6.79 12.55
N PHE B 501 30.68 -6.68 12.71
CA PHE B 501 31.40 -5.42 12.63
C PHE B 501 31.73 -5.13 11.17
N LYS B 502 30.79 -4.49 10.48
CA LYS B 502 30.95 -4.17 9.06
C LYS B 502 31.65 -2.83 8.94
N ILE B 503 32.84 -2.83 8.33
CA ILE B 503 33.63 -1.62 8.18
C ILE B 503 34.26 -1.61 6.80
N ALA B 504 34.19 -0.47 6.13
CA ALA B 504 34.70 -0.32 4.76
C ALA B 504 35.57 0.92 4.70
N GLY B 505 36.43 0.95 3.68
CA GLY B 505 37.26 2.12 3.45
C GLY B 505 38.24 1.85 2.33
N THR B 506 39.02 2.88 2.02
CA THR B 506 40.08 2.75 1.04
C THR B 506 41.33 2.18 1.72
N ASN B 507 42.42 2.09 0.96
CA ASN B 507 43.67 1.58 1.52
C ASN B 507 44.32 2.55 2.49
N LYS B 508 43.83 3.78 2.57
CA LYS B 508 44.43 4.81 3.42
C LYS B 508 43.46 5.43 4.40
N GLY B 509 42.28 4.85 4.59
CA GLY B 509 41.32 5.46 5.50
C GLY B 509 40.05 4.65 5.60
N ILE B 510 39.16 5.13 6.46
CA ILE B 510 37.88 4.48 6.74
C ILE B 510 36.76 5.37 6.24
N THR B 511 35.78 4.77 5.55
CA THR B 511 34.68 5.51 4.98
C THR B 511 33.33 5.21 5.62
N ALA B 512 33.12 4.01 6.15
CA ALA B 512 31.85 3.66 6.75
C ALA B 512 32.07 2.62 7.85
N LEU B 513 31.11 2.53 8.75
CA LEU B 513 31.16 1.58 9.85
C LEU B 513 29.76 1.33 10.37
N GLN B 514 29.46 0.07 10.67
CA GLN B 514 28.20 -0.29 11.32
C GLN B 514 28.48 -1.51 12.19
N ALA B 515 28.56 -1.29 13.50
CA ALA B 515 28.81 -2.35 14.46
C ALA B 515 27.47 -2.79 15.04
N ASP B 516 26.98 -3.95 14.58
CA ASP B 516 25.73 -4.52 15.09
C ASP B 516 26.09 -5.48 16.22
N ILE B 517 26.12 -4.94 17.44
CA ILE B 517 26.55 -5.69 18.61
C ILE B 517 25.34 -6.37 19.23
N LYS B 518 25.39 -7.70 19.32
CA LYS B 518 24.34 -8.48 19.95
C LYS B 518 24.56 -8.66 21.45
N LEU B 519 25.73 -8.31 21.96
CA LEU B 519 26.01 -8.37 23.38
C LEU B 519 25.47 -7.13 24.08
N PRO B 520 25.30 -7.19 25.41
CA PRO B 520 24.84 -6.01 26.15
C PRO B 520 25.90 -4.93 26.27
N GLY B 521 27.00 -5.07 25.52
CA GLY B 521 28.07 -4.11 25.53
C GLY B 521 29.43 -4.77 25.43
N ILE B 522 30.34 -4.16 24.67
CA ILE B 522 31.68 -4.71 24.50
C ILE B 522 32.69 -3.63 24.88
N PRO B 523 33.83 -4.00 25.45
CA PRO B 523 34.84 -3.00 25.80
C PRO B 523 35.40 -2.31 24.57
N ILE B 524 35.85 -1.06 24.78
CA ILE B 524 36.44 -0.30 23.69
C ILE B 524 37.74 -0.93 23.20
N LYS B 525 38.37 -1.77 24.03
CA LYS B 525 39.57 -2.48 23.60
C LYS B 525 39.26 -3.43 22.44
N ILE B 526 38.14 -4.14 22.53
CA ILE B 526 37.74 -5.05 21.46
C ILE B 526 37.45 -4.29 20.17
N VAL B 527 36.79 -3.13 20.29
CA VAL B 527 36.45 -2.34 19.12
C VAL B 527 37.70 -1.88 18.41
N MET B 528 38.70 -1.42 19.15
CA MET B 528 39.94 -0.95 18.54
C MET B 528 40.66 -2.08 17.82
N GLU B 529 40.69 -3.27 18.43
CA GLU B 529 41.35 -4.41 17.79
C GLU B 529 40.59 -4.87 16.55
N ALA B 530 39.27 -4.77 16.55
CA ALA B 530 38.49 -5.13 15.37
C ALA B 530 38.76 -4.17 14.21
N ILE B 531 38.94 -2.89 14.51
CA ILE B 531 39.24 -1.91 13.47
C ILE B 531 40.62 -2.19 12.87
N GLN B 532 41.60 -2.47 13.72
CA GLN B 532 42.94 -2.78 13.22
C GLN B 532 42.95 -4.08 12.42
N GLN B 533 42.25 -5.10 12.91
CA GLN B 533 42.19 -6.37 12.19
C GLN B 533 41.53 -6.20 10.82
N ALA B 534 40.50 -5.36 10.75
CA ALA B 534 39.82 -5.14 9.48
C ALA B 534 40.68 -4.37 8.50
N SER B 535 41.60 -3.54 8.98
CA SER B 535 42.46 -2.78 8.08
C SER B 535 43.39 -3.72 7.31
N VAL B 536 43.93 -4.75 7.97
CA VAL B 536 44.80 -5.70 7.30
C VAL B 536 44.00 -6.52 6.28
N ALA B 537 42.80 -6.96 6.66
CA ALA B 537 41.97 -7.71 5.72
C ALA B 537 41.57 -6.85 4.53
N LYS B 538 41.29 -5.57 4.77
CA LYS B 538 40.95 -4.66 3.68
C LYS B 538 42.09 -4.52 2.69
N LYS B 539 43.34 -4.58 3.17
CA LYS B 539 44.49 -4.53 2.27
C LYS B 539 44.50 -5.71 1.32
N GLU B 540 44.25 -6.91 1.84
CA GLU B 540 44.27 -8.11 1.00
C GLU B 540 43.17 -8.09 -0.03
N ILE B 541 41.96 -7.65 0.36
CA ILE B 541 40.85 -7.57 -0.58
C ILE B 541 41.17 -6.58 -1.69
N LEU B 542 41.74 -5.42 -1.33
CA LEU B 542 42.06 -4.42 -2.33
C LEU B 542 43.12 -4.90 -3.31
N GLN B 543 44.09 -5.68 -2.83
CA GLN B 543 45.10 -6.24 -3.72
C GLN B 543 44.49 -7.19 -4.73
N ILE B 544 43.55 -8.03 -4.30
CA ILE B 544 42.85 -8.92 -5.22
C ILE B 544 42.01 -8.12 -6.20
N MET B 545 41.30 -7.10 -5.70
CA MET B 545 40.46 -6.29 -6.58
C MET B 545 41.26 -5.54 -7.63
N ASN B 546 42.47 -5.09 -7.27
CA ASN B 546 43.27 -4.30 -8.20
C ASN B 546 43.75 -5.14 -9.38
N LYS B 547 43.89 -6.46 -9.19
CA LYS B 547 44.28 -7.32 -10.31
C LYS B 547 43.22 -7.35 -11.39
N THR B 548 41.95 -7.44 -11.00
CA THR B 548 40.86 -7.40 -11.98
C THR B 548 40.83 -6.06 -12.70
N ILE B 549 40.81 -4.97 -11.94
CA ILE B 549 40.91 -3.62 -12.49
C ILE B 549 41.48 -2.72 -11.40
N SER B 550 42.49 -1.91 -11.76
CA SER B 550 43.18 -1.07 -10.81
C SER B 550 42.88 0.41 -10.97
N LYS B 551 42.53 0.86 -12.17
CA LYS B 551 42.26 2.25 -12.44
C LYS B 551 40.97 2.37 -13.24
N PRO B 552 40.28 3.50 -13.13
CA PRO B 552 39.07 3.71 -13.95
C PRO B 552 39.43 3.75 -15.43
N ARG B 553 38.48 3.32 -16.26
CA ARG B 553 38.68 3.36 -17.70
C ARG B 553 38.80 4.80 -18.18
N ALA B 554 39.57 4.99 -19.25
CA ALA B 554 39.86 6.33 -19.73
C ALA B 554 38.60 7.08 -20.15
N SER B 555 37.56 6.35 -20.55
CA SER B 555 36.30 6.98 -20.96
C SER B 555 35.16 6.01 -20.68
N ARG B 556 33.95 6.57 -20.66
CA ARG B 556 32.76 5.76 -20.46
C ARG B 556 32.52 4.89 -21.69
N LYS B 557 31.68 3.87 -21.51
CA LYS B 557 31.39 2.94 -22.60
C LYS B 557 30.70 3.67 -23.74
N GLU B 558 30.96 3.20 -24.97
CA GLU B 558 30.48 3.89 -26.16
C GLU B 558 28.96 3.89 -26.27
N ASN B 559 28.28 3.00 -25.56
CA ASN B 559 26.82 2.98 -25.55
C ASN B 559 26.24 3.81 -24.40
N GLY B 560 27.06 4.65 -23.78
CA GLY B 560 26.62 5.43 -22.64
C GLY B 560 25.79 6.63 -23.05
N PRO B 561 25.31 7.36 -22.05
CA PRO B 561 24.44 8.51 -22.33
C PRO B 561 25.20 9.67 -22.93
N VAL B 562 24.45 10.53 -23.63
CA VAL B 562 24.99 11.73 -24.24
C VAL B 562 24.01 12.88 -24.00
N VAL B 563 24.54 14.05 -23.69
CA VAL B 563 23.74 15.26 -23.49
C VAL B 563 24.14 16.26 -24.56
N GLU B 564 23.16 16.69 -25.37
CA GLU B 564 23.40 17.66 -26.43
C GLU B 564 22.22 18.63 -26.48
N THR B 565 22.50 19.83 -26.97
CA THR B 565 21.50 20.88 -27.09
C THR B 565 20.94 20.93 -28.50
N VAL B 566 19.66 21.27 -28.59
CA VAL B 566 18.95 21.41 -29.86
C VAL B 566 18.41 22.82 -29.96
N GLN B 567 18.69 23.48 -31.08
CA GLN B 567 18.21 24.83 -31.31
C GLN B 567 16.79 24.78 -31.85
N VAL B 568 15.86 25.44 -31.16
CA VAL B 568 14.46 25.48 -31.53
C VAL B 568 14.07 26.94 -31.71
N PRO B 569 13.67 27.37 -32.91
CA PRO B 569 13.27 28.77 -33.11
C PRO B 569 12.03 29.11 -32.29
N LEU B 570 11.94 30.39 -31.90
CA LEU B 570 10.80 30.85 -31.13
C LEU B 570 9.48 30.73 -31.89
N SER B 571 9.53 30.70 -33.22
CA SER B 571 8.32 30.53 -34.00
C SER B 571 7.83 29.08 -33.97
N LYS B 572 8.76 28.14 -33.95
CA LYS B 572 8.42 26.72 -33.99
C LYS B 572 8.32 26.08 -32.61
N ARG B 573 8.58 26.83 -31.54
CA ARG B 573 8.59 26.21 -30.21
C ARG B 573 7.19 25.83 -29.76
N ALA B 574 6.15 26.51 -30.25
CA ALA B 574 4.80 26.14 -29.88
C ALA B 574 4.45 24.73 -30.35
N LYS B 575 4.85 24.38 -31.58
CA LYS B 575 4.65 23.02 -32.05
C LYS B 575 5.58 22.04 -31.32
N PHE B 576 6.79 22.49 -30.97
CA PHE B 576 7.76 21.62 -30.32
C PHE B 576 7.23 21.12 -28.98
N VAL B 577 6.77 22.03 -28.13
CA VAL B 577 6.30 21.63 -26.81
C VAL B 577 4.83 21.21 -26.82
N GLY B 578 4.04 21.75 -27.75
CA GLY B 578 2.64 21.41 -27.84
C GLY B 578 1.81 22.11 -26.77
N PRO B 579 0.56 21.66 -26.61
CA PRO B 579 -0.31 22.27 -25.59
C PRO B 579 0.05 21.85 -24.18
N GLY B 580 0.62 22.76 -23.40
CA GLY B 580 1.02 22.47 -22.03
C GLY B 580 2.13 21.45 -21.93
N GLY B 581 3.08 21.47 -22.86
CA GLY B 581 4.15 20.51 -22.84
C GLY B 581 3.74 19.10 -23.20
N TYR B 582 2.64 18.95 -23.93
CA TYR B 582 2.15 17.62 -24.28
C TYR B 582 3.10 16.90 -25.22
N ASN B 583 3.59 17.60 -26.25
CA ASN B 583 4.48 16.96 -27.21
C ASN B 583 5.80 16.54 -26.57
N LEU B 584 6.34 17.38 -25.67
CA LEU B 584 7.58 17.04 -24.99
C LEU B 584 7.40 15.82 -24.10
N LYS B 585 6.30 15.79 -23.33
CA LYS B 585 6.07 14.67 -22.42
C LYS B 585 5.79 13.37 -23.18
N LYS B 586 5.09 13.46 -24.31
CA LYS B 586 4.83 12.27 -25.11
C LYS B 586 6.12 11.69 -25.67
N LEU B 587 7.04 12.54 -26.13
CA LEU B 587 8.32 12.08 -26.64
C LEU B 587 9.17 11.46 -25.54
N GLN B 588 9.04 11.96 -24.31
CA GLN B 588 9.78 11.43 -23.18
C GLN B 588 9.22 10.10 -22.66
N ALA B 589 8.07 9.67 -23.18
CA ALA B 589 7.48 8.39 -22.81
C ALA B 589 7.78 7.28 -23.81
N GLU B 590 7.61 7.56 -25.10
CA GLU B 590 7.96 6.58 -26.12
C GLU B 590 9.45 6.35 -26.22
N THR B 591 10.26 7.30 -25.75
CA THR B 591 11.71 7.18 -25.73
C THR B 591 12.22 7.64 -24.38
N GLY B 592 13.37 7.11 -23.98
CA GLY B 592 13.97 7.50 -22.72
C GLY B 592 14.58 8.89 -22.72
N VAL B 593 14.53 9.60 -23.84
CA VAL B 593 15.14 10.92 -23.94
C VAL B 593 14.39 11.90 -23.06
N THR B 594 15.14 12.63 -22.23
CA THR B 594 14.58 13.66 -21.36
C THR B 594 14.94 15.03 -21.94
N ILE B 595 13.93 15.85 -22.19
CA ILE B 595 14.12 17.19 -22.74
C ILE B 595 13.77 18.21 -21.68
N SER B 596 14.71 19.10 -21.39
CA SER B 596 14.51 20.17 -20.40
C SER B 596 14.91 21.49 -21.05
N GLN B 597 14.02 22.48 -20.97
CA GLN B 597 14.31 23.78 -21.55
C GLN B 597 15.41 24.48 -20.78
N VAL B 598 16.33 25.10 -21.51
CA VAL B 598 17.45 25.83 -20.93
C VAL B 598 17.28 27.34 -21.12
N ASP B 599 16.98 27.76 -22.35
CA ASP B 599 16.76 29.18 -22.63
C ASP B 599 15.48 29.35 -23.45
N GLU B 600 15.23 30.57 -23.93
CA GLU B 600 14.04 30.84 -24.73
C GLU B 600 14.13 30.25 -26.13
N GLU B 601 15.32 29.85 -26.58
CA GLU B 601 15.50 29.35 -27.93
C GLU B 601 16.32 28.07 -27.98
N THR B 602 16.65 27.46 -26.85
CA THR B 602 17.44 26.24 -26.82
C THR B 602 16.84 25.25 -25.83
N PHE B 603 17.08 23.97 -26.09
CA PHE B 603 16.64 22.89 -25.23
C PHE B 603 17.80 21.93 -25.00
N SER B 604 17.83 21.33 -23.81
CA SER B 604 18.84 20.34 -23.46
C SER B 604 18.23 18.95 -23.55
N VAL B 605 18.85 18.08 -24.32
CA VAL B 605 18.36 16.72 -24.56
C VAL B 605 19.34 15.73 -23.95
N PHE B 606 18.83 14.86 -23.09
CA PHE B 606 19.61 13.79 -22.50
C PHE B 606 19.13 12.46 -23.07
N ALA B 607 20.03 11.73 -23.71
CA ALA B 607 19.71 10.45 -24.33
C ALA B 607 20.41 9.33 -23.56
N PRO B 608 19.69 8.38 -22.97
CA PRO B 608 20.36 7.30 -22.23
C PRO B 608 21.27 6.46 -23.09
N THR B 609 20.94 6.27 -24.36
CA THR B 609 21.77 5.51 -25.30
C THR B 609 21.92 6.30 -26.59
N PRO B 610 23.01 6.07 -27.34
CA PRO B 610 23.16 6.74 -28.63
C PRO B 610 22.04 6.40 -29.60
N SER B 611 21.47 5.20 -29.52
CA SER B 611 20.33 4.85 -30.37
C SER B 611 19.12 5.72 -30.04
N ALA B 612 18.86 5.94 -28.76
CA ALA B 612 17.77 6.80 -28.35
C ALA B 612 17.99 8.23 -28.82
N MET B 613 19.25 8.67 -28.91
CA MET B 613 19.55 9.99 -29.44
C MET B 613 19.14 10.09 -30.92
N HIS B 614 19.40 9.03 -31.68
CA HIS B 614 19.00 9.02 -33.09
C HIS B 614 17.48 9.08 -33.23
N GLU B 615 16.76 8.30 -32.42
CA GLU B 615 15.30 8.31 -32.49
C GLU B 615 14.74 9.69 -32.13
N ALA B 616 15.28 10.31 -31.08
CA ALA B 616 14.82 11.64 -30.70
C ALA B 616 15.15 12.66 -31.78
N ARG B 617 16.36 12.58 -32.35
CA ARG B 617 16.77 13.55 -33.36
C ARG B 617 15.85 13.50 -34.58
N ASP B 618 15.37 12.30 -34.93
CA ASP B 618 14.44 12.19 -36.04
C ASP B 618 13.12 12.90 -35.73
N PHE B 619 12.63 12.77 -34.49
CA PHE B 619 11.39 13.43 -34.13
C PHE B 619 11.54 14.95 -34.07
N ILE B 620 12.69 15.42 -33.57
CA ILE B 620 12.90 16.86 -33.45
C ILE B 620 12.92 17.52 -34.83
N THR B 621 13.61 16.90 -35.79
CA THR B 621 13.65 17.45 -37.14
C THR B 621 12.28 17.40 -37.81
N GLU B 622 11.55 16.30 -37.61
CA GLU B 622 10.22 16.19 -38.21
C GLU B 622 9.26 17.22 -37.62
N ILE B 623 9.31 17.43 -36.31
CA ILE B 623 8.46 18.43 -35.67
C ILE B 623 8.82 19.82 -36.17
N CYS B 624 10.12 20.12 -36.23
CA CYS B 624 10.58 21.43 -36.69
C CYS B 624 10.88 21.41 -38.18
N ALA C 2 -40.71 0.28 -8.75
CA ALA C 2 -40.72 1.60 -9.35
C ALA C 2 -41.64 2.55 -8.59
N VAL C 3 -41.13 3.15 -7.52
CA VAL C 3 -41.89 4.03 -6.66
C VAL C 3 -41.22 5.40 -6.65
N ALA C 4 -42.01 6.44 -6.82
CA ALA C 4 -41.53 7.82 -6.79
C ALA C 4 -42.01 8.49 -5.51
N VAL C 5 -41.08 9.15 -4.82
CA VAL C 5 -41.36 9.86 -3.57
C VAL C 5 -41.18 11.35 -3.83
N ASP C 6 -42.17 12.13 -3.46
CA ASP C 6 -42.16 13.57 -3.67
C ASP C 6 -41.73 14.27 -2.38
N LEU C 7 -40.64 15.02 -2.45
CA LEU C 7 -40.13 15.79 -1.31
C LEU C 7 -40.12 17.25 -1.73
N GLY C 8 -41.25 17.93 -1.55
CA GLY C 8 -41.38 19.30 -1.99
C GLY C 8 -41.26 19.43 -3.50
N ASN C 9 -40.15 20.01 -3.96
CA ASN C 9 -39.87 20.16 -5.38
C ASN C 9 -38.88 19.13 -5.90
N ARG C 10 -38.56 18.11 -5.11
CA ARG C 10 -37.65 17.04 -5.52
C ARG C 10 -38.41 15.74 -5.64
N LYS C 11 -37.83 14.80 -6.39
CA LYS C 11 -38.39 13.47 -6.57
C LYS C 11 -37.32 12.42 -6.34
N LEU C 12 -37.72 11.28 -5.80
CA LEU C 12 -36.83 10.15 -5.55
C LEU C 12 -37.40 8.94 -6.27
N GLU C 13 -36.83 8.61 -7.42
CA GLU C 13 -37.22 7.43 -8.17
C GLU C 13 -36.44 6.24 -7.64
N ILE C 14 -37.15 5.21 -7.18
CA ILE C 14 -36.53 4.03 -6.59
C ILE C 14 -37.04 2.81 -7.32
N SER C 15 -36.12 1.92 -7.71
CA SER C 15 -36.47 0.75 -8.50
C SER C 15 -35.53 -0.40 -8.14
N SER C 16 -35.87 -1.59 -8.62
CA SER C 16 -35.09 -2.79 -8.34
C SER C 16 -35.45 -3.85 -9.37
N GLY C 17 -34.67 -4.93 -9.36
CA GLY C 17 -34.91 -6.07 -10.22
C GLY C 17 -34.34 -5.97 -11.61
N LYS C 18 -33.60 -4.90 -11.92
CA LYS C 18 -33.05 -4.69 -13.26
C LYS C 18 -31.55 -4.95 -13.32
N LEU C 19 -30.78 -4.37 -12.41
CA LEU C 19 -29.32 -4.47 -12.43
C LEU C 19 -28.82 -5.25 -11.23
N ALA C 20 -27.76 -6.03 -11.46
CA ALA C 20 -27.06 -6.78 -10.42
C ALA C 20 -28.03 -7.66 -9.63
N ARG C 21 -28.73 -8.53 -10.36
CA ARG C 21 -29.74 -9.38 -9.74
C ARG C 21 -29.13 -10.50 -8.91
N PHE C 22 -27.82 -10.72 -8.99
CA PHE C 22 -27.19 -11.77 -8.20
C PHE C 22 -27.01 -11.37 -6.74
N ALA C 23 -26.90 -10.07 -6.47
CA ALA C 23 -26.71 -9.60 -5.09
C ALA C 23 -27.95 -9.91 -4.25
N ASP C 24 -27.73 -10.08 -2.95
CA ASP C 24 -28.83 -10.33 -2.03
C ASP C 24 -29.83 -9.18 -2.06
N GLY C 25 -29.34 -7.95 -2.13
CA GLY C 25 -30.19 -6.79 -2.29
C GLY C 25 -29.60 -5.79 -3.25
N SER C 26 -30.45 -5.19 -4.08
CA SER C 26 -29.99 -4.20 -5.04
C SER C 26 -31.09 -3.18 -5.25
N ALA C 27 -30.68 -1.95 -5.53
CA ALA C 27 -31.65 -0.87 -5.75
C ALA C 27 -30.96 0.25 -6.50
N VAL C 28 -31.75 0.96 -7.31
CA VAL C 28 -31.29 2.15 -8.01
C VAL C 28 -32.13 3.32 -7.53
N VAL C 29 -31.47 4.34 -7.00
CA VAL C 29 -32.13 5.55 -6.52
C VAL C 29 -31.68 6.70 -7.41
N GLN C 30 -32.65 7.41 -7.99
CA GLN C 30 -32.37 8.45 -8.97
C GLN C 30 -33.05 9.74 -8.55
N SER C 31 -32.31 10.84 -8.60
CA SER C 31 -32.86 12.18 -8.41
C SER C 31 -32.35 13.04 -9.55
N GLY C 32 -33.27 13.57 -10.35
CA GLY C 32 -32.85 14.24 -11.57
C GLY C 32 -32.18 13.26 -12.50
N ASP C 33 -30.98 13.61 -12.95
CA ASP C 33 -30.19 12.74 -13.81
C ASP C 33 -29.13 11.96 -13.06
N THR C 34 -29.06 12.08 -11.74
CA THR C 34 -28.09 11.34 -10.93
C THR C 34 -28.71 10.03 -10.48
N ALA C 35 -28.02 8.92 -10.79
CA ALA C 35 -28.49 7.59 -10.42
C ALA C 35 -27.39 6.86 -9.66
N VAL C 36 -27.78 6.18 -8.59
CA VAL C 36 -26.86 5.43 -7.75
C VAL C 36 -27.43 4.04 -7.55
N MET C 37 -26.61 3.02 -7.80
CA MET C 37 -26.98 1.64 -7.51
C MET C 37 -26.27 1.21 -6.23
N VAL C 38 -27.03 0.64 -5.30
CA VAL C 38 -26.49 0.17 -4.04
C VAL C 38 -26.80 -1.31 -3.90
N THR C 39 -25.79 -2.10 -3.57
CA THR C 39 -25.93 -3.53 -3.39
C THR C 39 -25.61 -3.90 -1.95
N ALA C 40 -26.25 -4.95 -1.46
CA ALA C 40 -26.04 -5.46 -0.12
C ALA C 40 -25.83 -6.96 -0.18
N VAL C 41 -24.67 -7.42 0.28
CA VAL C 41 -24.34 -8.84 0.32
C VAL C 41 -24.02 -9.22 1.75
N SER C 42 -24.68 -10.25 2.25
CA SER C 42 -24.43 -10.75 3.60
C SER C 42 -24.20 -12.25 3.52
N LYS C 43 -23.12 -12.72 4.12
CA LYS C 43 -22.79 -14.14 4.09
C LYS C 43 -23.75 -14.93 4.96
N THR C 44 -23.88 -16.22 4.64
CA THR C 44 -24.75 -17.10 5.39
C THR C 44 -24.01 -17.79 6.54
N LYS C 45 -22.73 -18.07 6.38
CA LYS C 45 -21.96 -18.66 7.46
C LYS C 45 -21.53 -17.58 8.45
N PRO C 46 -21.68 -17.83 9.75
CA PRO C 46 -21.29 -16.82 10.74
C PRO C 46 -19.82 -16.47 10.67
N SER C 47 -19.51 -15.21 10.93
CA SER C 47 -18.13 -14.76 10.92
C SER C 47 -17.38 -15.35 12.11
N PRO C 48 -16.11 -15.71 11.93
CA PRO C 48 -15.32 -16.20 13.08
C PRO C 48 -15.13 -15.15 14.16
N SER C 49 -15.25 -13.87 13.83
CA SER C 49 -15.12 -12.81 14.83
C SER C 49 -16.33 -12.82 15.77
N GLN C 50 -16.20 -12.06 16.85
CA GLN C 50 -17.22 -11.99 17.89
C GLN C 50 -17.95 -10.65 17.91
N PHE C 51 -18.03 -9.99 16.76
CA PHE C 51 -18.77 -8.74 16.63
C PHE C 51 -19.44 -8.71 15.27
N MET C 52 -19.92 -7.53 14.88
CA MET C 52 -20.64 -7.38 13.61
C MET C 52 -19.66 -6.89 12.54
N PRO C 53 -19.36 -7.70 11.53
CA PRO C 53 -18.45 -7.26 10.45
C PRO C 53 -19.20 -6.59 9.30
N LEU C 54 -19.68 -5.38 9.54
CA LEU C 54 -20.35 -4.58 8.52
C LEU C 54 -19.38 -3.55 7.96
N VAL C 55 -19.21 -3.56 6.64
CA VAL C 55 -18.33 -2.63 5.95
C VAL C 55 -19.13 -1.96 4.83
N VAL C 56 -19.03 -0.64 4.76
CA VAL C 56 -19.68 0.14 3.71
C VAL C 56 -18.59 0.78 2.86
N ASP C 57 -18.69 0.59 1.55
CA ASP C 57 -17.70 1.12 0.60
C ASP C 57 -18.44 1.98 -0.42
N TYR C 58 -18.43 3.29 -0.21
CA TYR C 58 -19.00 4.23 -1.17
C TYR C 58 -17.90 4.65 -2.14
N ARG C 59 -18.08 4.30 -3.41
CA ARG C 59 -17.07 4.52 -4.44
C ARG C 59 -17.58 5.49 -5.49
N GLN C 60 -16.71 6.41 -5.90
CA GLN C 60 -17.00 7.35 -6.97
C GLN C 60 -16.16 7.00 -8.19
N LYS C 61 -16.71 7.29 -9.36
CA LYS C 61 -16.00 7.07 -10.62
C LYS C 61 -15.40 8.35 -11.19
N ALA C 62 -15.62 9.48 -10.54
CA ALA C 62 -15.07 10.75 -11.00
C ALA C 62 -15.08 11.73 -9.83
N ALA C 63 -14.34 12.82 -9.99
CA ALA C 63 -14.22 13.85 -8.97
C ALA C 63 -14.73 15.18 -9.52
N ALA C 64 -14.92 16.14 -8.61
CA ALA C 64 -15.44 17.47 -8.93
C ALA C 64 -16.81 17.37 -9.61
N ALA C 65 -17.78 16.85 -8.84
CA ALA C 65 -19.15 16.66 -9.32
C ALA C 65 -19.20 15.76 -10.54
N GLY C 66 -18.36 14.72 -10.54
CA GLY C 66 -18.32 13.77 -11.64
C GLY C 66 -17.85 14.36 -12.96
N ARG C 67 -16.83 15.19 -12.94
CA ARG C 67 -16.30 15.83 -14.14
C ARG C 67 -15.02 15.17 -14.65
N ILE C 68 -14.04 14.97 -13.76
CA ILE C 68 -12.76 14.36 -14.12
C ILE C 68 -12.79 12.90 -13.69
N PRO C 69 -12.74 11.94 -14.62
CA PRO C 69 -12.77 10.53 -14.22
C PRO C 69 -11.54 10.17 -13.39
N THR C 70 -11.76 9.27 -12.42
CA THR C 70 -10.69 8.79 -11.56
C THR C 70 -10.72 7.28 -11.35
N ASN C 71 -11.64 6.56 -12.00
CA ASN C 71 -11.74 5.12 -11.79
C ASN C 71 -10.48 4.40 -12.29
N TYR C 72 -9.92 4.85 -13.41
CA TYR C 72 -8.74 4.20 -13.97
C TYR C 72 -7.55 4.33 -13.04
N LEU C 73 -7.43 5.47 -12.36
CA LEU C 73 -6.32 5.72 -11.45
C LEU C 73 -6.62 5.30 -10.01
N ARG C 74 -7.72 4.59 -9.78
CA ARG C 74 -8.11 4.22 -8.42
C ARG C 74 -7.09 3.31 -7.76
N ARG C 75 -6.39 2.49 -8.55
CA ARG C 75 -5.39 1.60 -7.97
C ARG C 75 -4.24 2.37 -7.35
N GLU C 76 -3.88 3.51 -7.95
CA GLU C 76 -2.77 4.32 -7.44
C GLU C 76 -3.23 5.42 -6.50
N ILE C 77 -4.40 6.02 -6.75
CA ILE C 77 -4.87 7.12 -5.93
C ILE C 77 -5.63 6.65 -4.70
N GLY C 78 -6.10 5.40 -4.68
CA GLY C 78 -6.80 4.91 -3.51
C GLY C 78 -8.19 5.52 -3.35
N THR C 79 -8.66 5.50 -2.11
CA THR C 79 -9.97 6.02 -1.76
C THR C 79 -9.84 7.45 -1.24
N SER C 80 -10.60 8.36 -1.83
CA SER C 80 -10.52 9.77 -1.48
C SER C 80 -11.12 10.01 -0.09
N ASP C 81 -10.82 11.18 0.47
CA ASP C 81 -11.33 11.54 1.78
C ASP C 81 -12.84 11.70 1.79
N LYS C 82 -13.40 12.27 0.71
CA LYS C 82 -14.84 12.42 0.63
C LYS C 82 -15.55 11.08 0.60
N GLU C 83 -14.97 10.11 -0.11
CA GLU C 83 -15.56 8.77 -0.16
C GLU C 83 -15.58 8.12 1.21
N ILE C 84 -14.49 8.28 1.97
CA ILE C 84 -14.42 7.67 3.29
C ILE C 84 -15.45 8.28 4.23
N LEU C 85 -15.60 9.61 4.20
CA LEU C 85 -16.59 10.27 5.05
C LEU C 85 -18.01 9.86 4.68
N THR C 86 -18.29 9.74 3.38
CA THR C 86 -19.63 9.31 2.95
C THR C 86 -19.90 7.88 3.40
N SER C 87 -18.89 7.01 3.33
CA SER C 87 -19.06 5.64 3.80
C SER C 87 -19.37 5.59 5.30
N ARG C 88 -18.80 6.53 6.04
CA ARG C 88 -19.03 6.54 7.51
C ARG C 88 -20.46 7.02 7.79
N ILE C 89 -20.97 7.96 7.01
CA ILE C 89 -22.34 8.44 7.21
C ILE C 89 -23.34 7.34 6.87
N ILE C 90 -23.11 6.62 5.77
CA ILE C 90 -23.98 5.50 5.41
C ILE C 90 -23.92 4.41 6.48
N ASP C 91 -22.70 4.12 6.98
CA ASP C 91 -22.55 3.12 8.02
C ASP C 91 -23.30 3.52 9.28
N ARG C 92 -23.21 4.80 9.66
CA ARG C 92 -23.90 5.27 10.86
C ARG C 92 -25.42 5.19 10.70
N SER C 93 -25.92 5.32 9.47
CA SER C 93 -27.36 5.34 9.27
C SER C 93 -27.96 3.94 9.36
N ILE C 94 -27.24 2.92 8.91
CA ILE C 94 -27.80 1.58 8.81
C ILE C 94 -27.31 0.63 9.90
N ARG C 95 -26.21 0.97 10.54
CA ARG C 95 -25.66 0.08 11.59
C ARG C 95 -26.66 -0.15 12.74
N PRO C 96 -27.29 0.88 13.35
CA PRO C 96 -28.17 0.62 14.52
C PRO C 96 -29.38 -0.25 14.22
N LEU C 97 -29.82 -0.32 12.97
CA LEU C 97 -31.04 -1.04 12.64
C LEU C 97 -30.83 -2.54 12.44
N PHE C 98 -29.59 -2.99 12.39
CA PHE C 98 -29.34 -4.43 12.31
C PHE C 98 -29.70 -5.08 13.64
N PRO C 99 -30.25 -6.30 13.62
CA PRO C 99 -30.58 -6.97 14.87
C PRO C 99 -29.34 -7.33 15.67
N ALA C 100 -29.50 -7.37 16.99
CA ALA C 100 -28.40 -7.74 17.87
C ALA C 100 -28.04 -9.21 17.68
N GLY C 101 -26.73 -9.49 17.71
CA GLY C 101 -26.24 -10.84 17.49
C GLY C 101 -26.05 -11.22 16.04
N TYR C 102 -26.20 -10.28 15.10
CA TYR C 102 -26.03 -10.57 13.68
C TYR C 102 -24.54 -10.52 13.34
N PHE C 103 -23.85 -11.61 13.67
CA PHE C 103 -22.42 -11.71 13.45
C PHE C 103 -22.14 -12.40 12.12
N TYR C 104 -22.49 -11.70 11.05
CA TYR C 104 -22.31 -12.19 9.69
C TYR C 104 -21.67 -11.10 8.85
N ASP C 105 -20.68 -11.49 8.04
CA ASP C 105 -20.00 -10.53 7.19
C ASP C 105 -20.99 -9.88 6.23
N THR C 106 -21.02 -8.55 6.22
CA THR C 106 -21.96 -7.81 5.41
C THR C 106 -21.23 -6.67 4.73
N GLN C 107 -21.43 -6.52 3.43
CA GLN C 107 -20.83 -5.45 2.65
C GLN C 107 -21.91 -4.70 1.90
N VAL C 108 -21.90 -3.37 2.03
CA VAL C 108 -22.81 -2.50 1.29
C VAL C 108 -21.96 -1.66 0.35
N LEU C 109 -22.18 -1.84 -0.94
CA LEU C 109 -21.38 -1.20 -1.97
C LEU C 109 -22.24 -0.23 -2.77
N CYS C 110 -21.74 0.99 -2.95
CA CYS C 110 -22.45 2.02 -3.69
C CYS C 110 -21.70 2.27 -4.99
N ASN C 111 -22.41 2.15 -6.11
CA ASN C 111 -21.86 2.35 -7.45
C ASN C 111 -22.56 3.54 -8.09
N LEU C 112 -21.78 4.58 -8.39
CA LEU C 112 -22.35 5.81 -8.97
C LEU C 112 -22.55 5.59 -10.46
N LEU C 113 -23.77 5.21 -10.83
CA LEU C 113 -24.08 4.98 -12.24
C LEU C 113 -23.93 6.25 -13.06
N ALA C 114 -24.42 7.37 -12.55
CA ALA C 114 -24.35 8.63 -13.28
C ALA C 114 -24.54 9.78 -12.29
N VAL C 115 -23.88 10.89 -12.58
CA VAL C 115 -24.02 12.12 -11.80
C VAL C 115 -24.16 13.29 -12.77
N ASP C 116 -25.11 14.17 -12.50
CA ASP C 116 -25.36 15.32 -13.36
C ASP C 116 -24.69 16.59 -12.87
N GLY C 117 -23.95 16.55 -11.77
CA GLY C 117 -23.37 17.75 -11.22
C GLY C 117 -24.34 18.67 -10.54
N VAL C 118 -25.58 18.22 -10.33
CA VAL C 118 -26.63 19.02 -9.70
C VAL C 118 -27.14 18.36 -8.43
N ASN C 119 -27.55 17.09 -8.53
CA ASN C 119 -28.03 16.34 -7.38
C ASN C 119 -26.87 15.57 -6.76
N GLU C 120 -26.65 15.80 -5.47
CA GLU C 120 -25.54 15.14 -4.78
C GLU C 120 -25.86 13.66 -4.58
N PRO C 121 -24.98 12.75 -5.00
CA PRO C 121 -25.26 11.32 -4.86
C PRO C 121 -25.07 10.78 -3.46
N ASP C 122 -24.47 11.53 -2.54
CA ASP C 122 -24.23 11.01 -1.20
C ASP C 122 -25.53 10.74 -0.46
N VAL C 123 -26.52 11.62 -0.60
CA VAL C 123 -27.81 11.40 0.06
C VAL C 123 -28.53 10.22 -0.55
N LEU C 124 -28.48 10.09 -1.89
CA LEU C 124 -29.13 8.96 -2.55
C LEU C 124 -28.48 7.64 -2.18
N ALA C 125 -27.19 7.65 -1.85
CA ALA C 125 -26.52 6.41 -1.45
C ALA C 125 -27.05 5.89 -0.13
N ILE C 126 -27.39 6.79 0.80
CA ILE C 126 -27.97 6.36 2.07
C ILE C 126 -29.34 5.74 1.85
N ASN C 127 -30.17 6.38 1.03
CA ASN C 127 -31.49 5.84 0.72
C ASN C 127 -31.38 4.54 -0.05
N GLY C 128 -30.43 4.45 -0.98
CA GLY C 128 -30.23 3.21 -1.72
C GLY C 128 -29.80 2.07 -0.84
N ALA C 129 -28.98 2.36 0.19
CA ALA C 129 -28.63 1.33 1.16
C ALA C 129 -29.86 0.85 1.92
N SER C 130 -30.77 1.77 2.25
CA SER C 130 -31.99 1.39 2.95
C SER C 130 -32.88 0.51 2.07
N VAL C 131 -33.06 0.89 0.81
CA VAL C 131 -33.92 0.12 -0.08
C VAL C 131 -33.29 -1.25 -0.36
N ALA C 132 -31.97 -1.29 -0.59
CA ALA C 132 -31.31 -2.55 -0.89
C ALA C 132 -31.44 -3.52 0.28
N LEU C 133 -31.29 -3.03 1.51
CA LEU C 133 -31.45 -3.88 2.67
C LEU C 133 -32.92 -4.27 2.87
N SER C 134 -33.84 -3.35 2.60
CA SER C 134 -35.26 -3.64 2.78
C SER C 134 -35.74 -4.72 1.82
N LEU C 135 -35.32 -4.65 0.56
CA LEU C 135 -35.75 -5.61 -0.45
C LEU C 135 -34.95 -6.91 -0.41
N SER C 136 -33.83 -6.93 0.32
CA SER C 136 -33.01 -8.13 0.42
C SER C 136 -33.60 -9.10 1.45
N ASP C 137 -32.97 -10.26 1.57
CA ASP C 137 -33.29 -11.22 2.61
C ASP C 137 -32.48 -11.00 3.87
N ILE C 138 -31.63 -9.97 3.91
CA ILE C 138 -30.82 -9.68 5.09
C ILE C 138 -31.74 -9.22 6.22
N PRO C 139 -31.66 -9.80 7.41
CA PRO C 139 -32.47 -9.30 8.54
C PRO C 139 -32.08 -7.88 8.88
N TRP C 140 -33.03 -6.97 8.71
CA TRP C 140 -32.81 -5.56 8.96
C TRP C 140 -34.12 -4.94 9.43
N ASN C 141 -34.01 -3.86 10.19
CA ASN C 141 -35.19 -3.22 10.76
C ASN C 141 -35.87 -2.37 9.69
N GLY C 142 -36.81 -1.53 10.10
CA GLY C 142 -37.60 -0.74 9.20
C GLY C 142 -36.78 0.13 8.28
N PRO C 143 -37.38 0.61 7.20
CA PRO C 143 -36.65 1.44 6.24
C PRO C 143 -36.18 2.75 6.87
N VAL C 144 -35.07 3.25 6.36
CA VAL C 144 -34.47 4.50 6.81
C VAL C 144 -34.53 5.49 5.67
N GLY C 145 -35.07 6.68 5.94
CA GLY C 145 -35.07 7.76 4.98
C GLY C 145 -34.01 8.78 5.38
N ALA C 146 -33.31 9.31 4.37
CA ALA C 146 -32.25 10.27 4.60
C ALA C 146 -32.45 11.48 3.70
N VAL C 147 -32.34 12.67 4.28
CA VAL C 147 -32.44 13.92 3.54
C VAL C 147 -31.33 14.85 4.01
N ARG C 148 -31.03 15.85 3.18
CA ARG C 148 -30.16 16.95 3.55
C ARG C 148 -30.99 18.22 3.66
N ILE C 149 -30.75 18.99 4.71
CA ILE C 149 -31.46 20.24 4.96
C ILE C 149 -30.47 21.38 4.89
N GLY C 150 -30.74 22.36 4.05
CA GLY C 150 -29.93 23.56 3.99
C GLY C 150 -30.75 24.79 4.27
N ILE C 151 -30.11 25.86 4.72
CA ILE C 151 -30.78 27.13 4.99
C ILE C 151 -30.22 28.14 4.00
N ILE C 152 -30.97 28.39 2.93
CA ILE C 152 -30.59 29.34 1.89
C ILE C 152 -31.54 30.53 1.98
N ASP C 153 -30.98 31.70 2.28
CA ASP C 153 -31.75 32.94 2.40
C ASP C 153 -32.87 32.81 3.44
N GLY C 154 -32.59 32.08 4.51
CA GLY C 154 -33.51 31.98 5.62
C GLY C 154 -34.62 30.96 5.48
N GLU C 155 -34.63 30.17 4.40
CA GLU C 155 -35.64 29.14 4.21
C GLU C 155 -34.99 27.77 4.20
N TYR C 156 -35.78 26.75 4.55
CA TYR C 156 -35.28 25.38 4.67
C TYR C 156 -35.53 24.65 3.36
N VAL C 157 -34.46 24.07 2.80
CA VAL C 157 -34.50 23.39 1.52
C VAL C 157 -34.14 21.92 1.73
N VAL C 158 -34.96 21.02 1.20
CA VAL C 158 -34.70 19.59 1.29
C VAL C 158 -33.92 19.15 0.07
N ASN C 159 -32.87 18.36 0.30
CA ASN C 159 -31.91 17.87 -0.69
C ASN C 159 -31.46 19.00 -1.61
N PRO C 160 -30.72 19.98 -1.09
CA PRO C 160 -30.30 21.10 -1.94
C PRO C 160 -29.36 20.65 -3.04
N THR C 161 -29.39 21.37 -4.16
CA THR C 161 -28.47 21.10 -5.24
C THR C 161 -27.06 21.54 -4.87
N ARG C 162 -26.11 21.25 -5.75
CA ARG C 162 -24.73 21.67 -5.54
C ARG C 162 -24.62 23.20 -5.50
N LYS C 163 -25.37 23.87 -6.37
CA LYS C 163 -25.36 25.34 -6.38
C LYS C 163 -25.93 25.91 -5.08
N GLU C 164 -27.00 25.30 -4.56
CA GLU C 164 -27.62 25.82 -3.35
C GLU C 164 -26.78 25.53 -2.12
N MET C 165 -26.10 24.38 -2.09
CA MET C 165 -25.28 24.03 -0.94
C MET C 165 -24.13 25.01 -0.75
N SER C 166 -23.58 25.54 -1.84
CA SER C 166 -22.50 26.52 -1.75
C SER C 166 -22.96 27.86 -1.21
N SER C 167 -24.28 28.09 -1.10
CA SER C 167 -24.82 29.32 -0.55
C SER C 167 -25.58 29.09 0.75
N SER C 168 -25.53 27.87 1.29
CA SER C 168 -26.27 27.52 2.49
C SER C 168 -25.42 27.76 3.73
N THR C 169 -26.08 28.14 4.82
CA THR C 169 -25.45 28.31 6.11
C THR C 169 -25.56 27.06 6.98
N LEU C 170 -26.15 25.98 6.46
CA LEU C 170 -26.27 24.75 7.22
C LEU C 170 -26.20 23.57 6.26
N ASN C 171 -25.36 22.59 6.59
CA ASN C 171 -25.23 21.35 5.83
C ASN C 171 -25.57 20.22 6.81
N LEU C 172 -26.86 19.93 6.94
CA LEU C 172 -27.35 18.95 7.90
C LEU C 172 -27.93 17.75 7.17
N VAL C 173 -27.49 16.56 7.55
CA VAL C 173 -28.00 15.31 7.01
C VAL C 173 -28.71 14.57 8.13
N VAL C 174 -29.97 14.22 7.88
CA VAL C 174 -30.81 13.55 8.87
C VAL C 174 -31.22 12.20 8.31
N ALA C 175 -31.01 11.15 9.09
CA ALA C 175 -31.52 9.82 8.78
C ALA C 175 -32.57 9.47 9.81
N GLY C 176 -33.77 9.12 9.34
CA GLY C 176 -34.89 8.87 10.21
C GLY C 176 -35.41 7.44 10.05
N ALA C 177 -35.93 6.91 11.14
CA ALA C 177 -36.58 5.61 11.20
C ALA C 177 -38.08 5.79 11.25
N PRO C 178 -38.85 4.72 11.08
CA PRO C 178 -40.32 4.84 11.20
C PRO C 178 -40.72 5.34 12.58
N LYS C 179 -41.88 5.99 12.63
CA LYS C 179 -42.42 6.63 13.84
C LYS C 179 -41.57 7.80 14.31
N SER C 180 -40.85 8.44 13.37
CA SER C 180 -40.08 9.65 13.64
C SER C 180 -39.06 9.42 14.76
N GLN C 181 -38.12 8.51 14.48
CA GLN C 181 -37.02 8.21 15.39
C GLN C 181 -35.72 8.55 14.69
N ILE C 182 -35.01 9.57 15.19
CA ILE C 182 -33.75 9.98 14.58
C ILE C 182 -32.71 8.91 14.82
N VAL C 183 -32.06 8.47 13.75
CA VAL C 183 -31.04 7.42 13.83
C VAL C 183 -29.65 7.92 13.49
N MET C 184 -29.50 9.02 12.76
CA MET C 184 -28.20 9.58 12.48
C MET C 184 -28.33 11.07 12.25
N LEU C 185 -27.42 11.83 12.85
CA LEU C 185 -27.33 13.26 12.62
C LEU C 185 -25.88 13.63 12.33
N GLU C 186 -25.69 14.47 11.32
CA GLU C 186 -24.37 14.96 10.96
C GLU C 186 -24.57 16.33 10.31
N ALA C 187 -23.93 17.35 10.86
CA ALA C 187 -24.19 18.70 10.40
C ALA C 187 -22.93 19.55 10.51
N SER C 188 -22.87 20.57 9.66
CA SER C 188 -21.84 21.61 9.74
C SER C 188 -22.53 22.93 9.43
N ALA C 189 -22.62 23.80 10.43
CA ALA C 189 -23.33 25.06 10.31
C ALA C 189 -22.34 26.22 10.40
N GLU C 190 -22.70 27.33 9.77
CA GLU C 190 -21.87 28.54 9.79
C GLU C 190 -22.23 29.42 10.98
N ASN C 191 -22.06 28.84 12.17
CA ASN C 191 -22.30 29.53 13.45
C ASN C 191 -23.73 30.08 13.50
N ILE C 192 -24.69 29.18 13.34
CA ILE C 192 -26.08 29.54 13.27
C ILE C 192 -26.72 29.39 14.65
N LEU C 193 -27.86 30.03 14.84
CA LEU C 193 -28.54 30.01 16.12
C LEU C 193 -29.06 28.60 16.43
N GLN C 194 -29.17 28.32 17.74
CA GLN C 194 -29.67 27.02 18.16
C GLN C 194 -31.13 26.83 17.75
N GLN C 195 -31.93 27.89 17.80
CA GLN C 195 -33.33 27.80 17.42
C GLN C 195 -33.48 27.43 15.95
N ASP C 196 -32.68 28.06 15.08
CA ASP C 196 -32.71 27.72 13.67
C ASP C 196 -32.23 26.30 13.43
N PHE C 197 -31.23 25.87 14.20
CA PHE C 197 -30.73 24.51 14.06
C PHE C 197 -31.77 23.48 14.45
N CYS C 198 -32.52 23.74 15.52
CA CYS C 198 -33.50 22.76 15.99
C CYS C 198 -34.67 22.63 15.02
N HIS C 199 -35.09 23.73 14.42
CA HIS C 199 -36.19 23.67 13.46
C HIS C 199 -35.81 22.86 12.22
N ALA C 200 -34.55 22.97 11.79
CA ALA C 200 -34.10 22.21 10.63
C ALA C 200 -34.15 20.71 10.88
N ILE C 201 -33.84 20.28 12.10
CA ILE C 201 -33.94 18.86 12.43
C ILE C 201 -35.37 18.38 12.35
N LYS C 202 -36.31 19.17 12.88
CA LYS C 202 -37.72 18.79 12.82
C LYS C 202 -38.21 18.71 11.38
N VAL C 203 -37.79 19.66 10.54
CA VAL C 203 -38.16 19.62 9.12
C VAL C 203 -37.60 18.38 8.46
N GLY C 204 -36.33 18.05 8.74
CA GLY C 204 -35.70 16.91 8.11
C GLY C 204 -36.39 15.60 8.45
N VAL C 205 -36.77 15.41 9.71
CA VAL C 205 -37.44 14.18 10.11
C VAL C 205 -38.78 14.04 9.43
N LYS C 206 -39.48 15.15 9.20
CA LYS C 206 -40.76 15.10 8.50
C LYS C 206 -40.59 14.60 7.07
N TYR C 207 -39.48 14.97 6.42
CA TYR C 207 -39.24 14.54 5.06
C TYR C 207 -38.78 13.08 4.99
N THR C 208 -38.04 12.61 6.00
CA THR C 208 -37.61 11.21 5.99
C THR C 208 -38.77 10.26 6.19
N GLN C 209 -39.87 10.71 6.79
CA GLN C 209 -41.04 9.85 6.94
C GLN C 209 -41.69 9.57 5.59
N GLN C 210 -41.71 10.57 4.71
CA GLN C 210 -42.29 10.36 3.38
C GLN C 210 -41.48 9.34 2.58
N ILE C 211 -40.16 9.39 2.67
CA ILE C 211 -39.31 8.41 2.00
C ILE C 211 -39.58 7.02 2.54
N ILE C 212 -39.74 6.90 3.86
CA ILE C 212 -40.02 5.61 4.48
C ILE C 212 -41.34 5.05 3.96
N GLN C 213 -42.34 5.93 3.78
CA GLN C 213 -43.62 5.48 3.23
C GLN C 213 -43.46 4.95 1.81
N GLY C 214 -42.67 5.63 0.99
CA GLY C 214 -42.45 5.17 -0.36
C GLY C 214 -41.70 3.84 -0.41
N ILE C 215 -40.69 3.69 0.44
CA ILE C 215 -39.93 2.44 0.49
C ILE C 215 -40.82 1.30 0.94
N GLN C 216 -41.69 1.57 1.92
CA GLN C 216 -42.60 0.53 2.41
C GLN C 216 -43.56 0.07 1.32
N GLN C 217 -44.02 1.00 0.48
CA GLN C 217 -44.87 0.63 -0.64
C GLN C 217 -44.13 -0.28 -1.62
N LEU C 218 -42.87 0.04 -1.93
CA LEU C 218 -42.09 -0.79 -2.84
C LEU C 218 -41.83 -2.17 -2.24
N VAL C 219 -41.57 -2.24 -0.93
CA VAL C 219 -41.33 -3.52 -0.28
C VAL C 219 -42.59 -4.38 -0.34
N LYS C 220 -43.75 -3.78 -0.12
CA LYS C 220 -44.99 -4.55 -0.08
C LYS C 220 -45.31 -5.18 -1.43
N GLU C 221 -45.13 -4.42 -2.52
CA GLU C 221 -45.48 -4.94 -3.84
C GLU C 221 -44.46 -5.96 -4.33
N THR C 222 -43.20 -5.84 -3.89
CA THR C 222 -42.19 -6.81 -4.30
C THR C 222 -42.40 -8.16 -3.62
N GLY C 223 -42.87 -8.16 -2.37
CA GLY C 223 -43.05 -9.41 -1.64
C GLY C 223 -41.75 -9.94 -1.07
N VAL C 224 -41.14 -9.18 -0.16
CA VAL C 224 -39.84 -9.52 0.39
C VAL C 224 -40.00 -10.55 1.50
N THR C 225 -39.23 -11.63 1.41
CA THR C 225 -39.15 -12.63 2.47
C THR C 225 -37.76 -12.60 3.08
N LYS C 226 -37.68 -12.47 4.40
CA LYS C 226 -36.40 -12.38 5.08
C LYS C 226 -35.84 -13.76 5.36
N ARG C 227 -34.52 -13.86 5.29
CA ARG C 227 -33.84 -15.11 5.62
C ARG C 227 -33.91 -15.37 7.12
N THR C 228 -33.69 -16.63 7.48
CA THR C 228 -33.58 -17.00 8.89
C THR C 228 -32.11 -17.23 9.20
N PRO C 229 -31.48 -16.37 9.99
CA PRO C 229 -30.06 -16.58 10.31
C PRO C 229 -29.84 -17.90 11.03
N GLN C 230 -28.68 -18.50 10.77
CA GLN C 230 -28.34 -19.77 11.40
C GLN C 230 -28.35 -19.65 12.91
N LYS C 231 -27.86 -18.52 13.43
CA LYS C 231 -27.85 -18.28 14.86
C LYS C 231 -27.67 -16.79 15.10
N LEU C 232 -28.40 -16.25 16.07
CA LEU C 232 -28.20 -14.89 16.54
C LEU C 232 -27.40 -14.96 17.84
N PHE C 233 -26.19 -14.39 17.82
CA PHE C 233 -25.24 -14.54 18.91
C PHE C 233 -25.55 -13.51 20.00
N THR C 234 -26.53 -13.86 20.83
CA THR C 234 -26.86 -13.09 22.02
C THR C 234 -26.82 -14.01 23.23
N PRO C 235 -26.34 -13.52 24.38
CA PRO C 235 -26.28 -14.37 25.57
C PRO C 235 -27.66 -14.85 25.98
N SER C 236 -27.72 -16.09 26.46
CA SER C 236 -28.99 -16.65 26.90
C SER C 236 -29.52 -15.87 28.11
N PRO C 237 -30.83 -15.67 28.20
CA PRO C 237 -31.36 -14.94 29.37
C PRO C 237 -31.05 -15.59 30.69
N GLU C 238 -31.00 -16.92 30.76
CA GLU C 238 -30.67 -17.59 32.01
C GLU C 238 -29.19 -17.48 32.33
N ILE C 239 -28.33 -17.37 31.30
CA ILE C 239 -26.91 -17.17 31.54
C ILE C 239 -26.66 -15.77 32.07
N VAL C 240 -27.36 -14.77 31.52
CA VAL C 240 -27.21 -13.39 31.98
C VAL C 240 -27.71 -13.26 33.42
N LYS C 241 -28.82 -13.92 33.74
CA LYS C 241 -29.38 -13.82 35.09
C LYS C 241 -28.42 -14.38 36.13
N TYR C 242 -27.78 -15.52 35.83
CA TYR C 242 -26.83 -16.10 36.77
C TYR C 242 -25.60 -15.20 36.93
N THR C 243 -25.15 -14.57 35.85
CA THR C 243 -24.05 -13.62 35.94
C THR C 243 -24.43 -12.43 36.83
N HIS C 244 -25.67 -11.97 36.73
CA HIS C 244 -26.16 -10.90 37.60
C HIS C 244 -26.26 -11.32 39.06
N LYS C 245 -26.18 -12.62 39.35
CA LYS C 245 -26.16 -13.10 40.73
C LYS C 245 -24.77 -13.14 41.33
N LEU C 246 -23.73 -12.92 40.52
CA LEU C 246 -22.35 -13.01 40.98
C LEU C 246 -21.63 -11.66 40.95
N ALA C 247 -21.70 -10.94 39.84
CA ALA C 247 -20.94 -9.72 39.65
C ALA C 247 -21.73 -8.45 39.96
N MET C 248 -22.97 -8.57 40.43
CA MET C 248 -23.79 -7.39 40.65
C MET C 248 -23.23 -6.52 41.77
N GLU C 249 -22.95 -7.13 42.93
CA GLU C 249 -22.48 -6.34 44.07
C GLU C 249 -21.08 -5.81 43.84
N ARG C 250 -20.19 -6.63 43.28
CA ARG C 250 -18.82 -6.20 43.03
C ARG C 250 -18.76 -5.07 42.01
N LEU C 251 -19.54 -5.17 40.94
CA LEU C 251 -19.56 -4.10 39.94
C LEU C 251 -20.20 -2.83 40.48
N TYR C 252 -21.22 -2.97 41.33
CA TYR C 252 -21.85 -1.80 41.92
C TYR C 252 -20.87 -1.02 42.79
N ALA C 253 -20.05 -1.73 43.57
CA ALA C 253 -19.04 -1.06 44.40
C ALA C 253 -18.01 -0.34 43.56
N VAL C 254 -17.60 -0.95 42.44
CA VAL C 254 -16.59 -0.33 41.57
C VAL C 254 -17.12 0.96 40.98
N PHE C 255 -18.36 0.95 40.50
CA PHE C 255 -18.94 2.12 39.85
C PHE C 255 -19.39 3.20 40.82
N THR C 256 -19.53 2.87 42.11
CA THR C 256 -19.79 3.87 43.13
C THR C 256 -18.52 4.30 43.85
N ASP C 257 -17.36 3.84 43.39
CA ASP C 257 -16.07 4.24 43.94
C ASP C 257 -15.55 5.39 43.10
N TYR C 258 -15.62 6.60 43.65
CA TYR C 258 -15.28 7.80 42.90
C TYR C 258 -13.79 8.11 42.91
N GLU C 259 -12.97 7.31 43.60
CA GLU C 259 -11.53 7.50 43.60
C GLU C 259 -10.85 6.88 42.40
N HIS C 260 -11.59 6.14 41.57
CA HIS C 260 -10.99 5.47 40.42
C HIS C 260 -10.64 6.46 39.32
N ASP C 261 -9.63 6.10 38.53
CA ASP C 261 -9.34 6.72 37.25
C ASP C 261 -9.61 5.69 36.16
N LYS C 262 -9.27 6.04 34.92
CA LYS C 262 -9.59 5.17 33.80
C LYS C 262 -8.93 3.80 33.95
N VAL C 263 -7.63 3.78 34.26
CA VAL C 263 -6.90 2.52 34.31
C VAL C 263 -7.33 1.69 35.51
N SER C 264 -7.46 2.32 36.68
CA SER C 264 -7.79 1.58 37.89
C SER C 264 -9.21 1.03 37.82
N ARG C 265 -10.15 1.80 37.27
CA ARG C 265 -11.52 1.31 37.15
C ARG C 265 -11.60 0.13 36.19
N ASP C 266 -10.92 0.22 35.05
CA ASP C 266 -10.93 -0.89 34.10
C ASP C 266 -10.25 -2.13 34.68
N GLU C 267 -9.15 -1.92 35.42
CA GLU C 267 -8.49 -3.05 36.07
C GLU C 267 -9.38 -3.68 37.13
N ALA C 268 -10.12 -2.86 37.88
CA ALA C 268 -11.03 -3.39 38.88
C ALA C 268 -12.16 -4.19 38.24
N VAL C 269 -12.70 -3.70 37.13
CA VAL C 269 -13.76 -4.44 36.43
C VAL C 269 -13.21 -5.75 35.88
N ASN C 270 -12.03 -5.71 35.28
CA ASN C 270 -11.44 -6.94 34.72
C ASN C 270 -11.11 -7.94 35.82
N LYS C 271 -10.81 -7.47 37.02
CA LYS C 271 -10.60 -8.39 38.14
C LYS C 271 -11.88 -9.16 38.46
N ILE C 272 -13.03 -8.49 38.43
CA ILE C 272 -14.30 -9.18 38.63
C ILE C 272 -14.60 -10.08 37.44
N ARG C 273 -14.24 -9.64 36.23
CA ARG C 273 -14.50 -10.45 35.04
C ARG C 273 -13.76 -11.78 35.11
N LEU C 274 -12.49 -11.75 35.54
CA LEU C 274 -11.72 -12.97 35.68
C LEU C 274 -12.30 -13.86 36.79
N ASP C 275 -12.77 -13.25 37.87
CA ASP C 275 -13.35 -14.05 38.95
C ASP C 275 -14.65 -14.72 38.52
N THR C 276 -15.50 -13.99 37.80
CA THR C 276 -16.83 -14.50 37.45
C THR C 276 -16.79 -15.51 36.31
N GLU C 277 -15.87 -15.33 35.34
CA GLU C 277 -15.89 -16.16 34.15
C GLU C 277 -15.59 -17.62 34.47
N GLU C 278 -14.68 -17.87 35.40
CA GLU C 278 -14.40 -19.24 35.82
C GLU C 278 -15.63 -19.90 36.46
N GLN C 279 -16.37 -19.15 37.27
CA GLN C 279 -17.59 -19.70 37.84
C GLN C 279 -18.64 -19.95 36.75
N LEU C 280 -18.69 -19.09 35.74
CA LEU C 280 -19.61 -19.31 34.63
C LEU C 280 -19.22 -20.54 33.82
N LYS C 281 -17.91 -20.76 33.62
CA LYS C 281 -17.46 -21.89 32.81
C LYS C 281 -17.86 -23.22 33.44
N GLU C 282 -17.71 -23.35 34.76
CA GLU C 282 -18.09 -24.58 35.43
C GLU C 282 -19.60 -24.74 35.55
N LYS C 283 -20.33 -23.62 35.63
CA LYS C 283 -21.79 -23.70 35.73
C LYS C 283 -22.41 -24.08 34.39
N PHE C 284 -21.85 -23.59 33.30
CA PHE C 284 -22.36 -23.85 31.95
C PHE C 284 -21.22 -24.35 31.08
N PRO C 285 -20.81 -25.61 31.26
CA PRO C 285 -19.67 -26.12 30.48
C PRO C 285 -19.90 -26.12 28.97
N GLU C 286 -21.13 -26.33 28.52
CA GLU C 286 -21.42 -26.41 27.09
C GLU C 286 -21.65 -25.05 26.46
N ALA C 287 -21.61 -23.97 27.24
CA ALA C 287 -21.86 -22.64 26.71
C ALA C 287 -20.74 -22.22 25.75
N ASP C 288 -21.12 -21.39 24.79
CA ASP C 288 -20.14 -20.84 23.86
C ASP C 288 -19.13 -19.99 24.64
N PRO C 289 -17.82 -20.16 24.39
CA PRO C 289 -16.84 -19.30 25.08
C PRO C 289 -17.08 -17.81 24.88
N TYR C 290 -17.55 -17.40 23.69
CA TYR C 290 -17.90 -16.00 23.50
C TYR C 290 -19.14 -15.64 24.30
N GLU C 291 -20.09 -16.56 24.42
CA GLU C 291 -21.32 -16.27 25.16
C GLU C 291 -21.03 -15.94 26.62
N ILE C 292 -20.04 -16.61 27.19
CA ILE C 292 -19.63 -16.30 28.56
C ILE C 292 -19.08 -14.87 28.63
N ILE C 293 -18.28 -14.48 27.65
CA ILE C 293 -17.68 -13.15 27.65
C ILE C 293 -18.76 -12.08 27.48
N GLU C 294 -19.65 -12.27 26.51
CA GLU C 294 -20.69 -11.28 26.25
C GLU C 294 -21.72 -11.21 27.37
N SER C 295 -21.90 -12.30 28.12
CA SER C 295 -22.81 -12.26 29.26
C SER C 295 -22.33 -11.28 30.32
N PHE C 296 -21.03 -11.28 30.61
CA PHE C 296 -20.51 -10.32 31.59
C PHE C 296 -20.62 -8.90 31.09
N ASN C 297 -20.43 -8.69 29.79
CA ASN C 297 -20.56 -7.35 29.23
C ASN C 297 -21.98 -6.82 29.37
N VAL C 298 -22.97 -7.69 29.16
CA VAL C 298 -24.37 -7.28 29.32
C VAL C 298 -24.67 -6.94 30.77
N VAL C 299 -24.24 -7.79 31.69
CA VAL C 299 -24.51 -7.55 33.11
C VAL C 299 -23.80 -6.29 33.60
N ALA C 300 -22.53 -6.11 33.19
CA ALA C 300 -21.79 -4.93 33.60
C ALA C 300 -22.41 -3.67 33.04
N LYS C 301 -22.88 -3.72 31.79
CA LYS C 301 -23.54 -2.56 31.19
C LYS C 301 -24.83 -2.22 31.92
N GLU C 302 -25.60 -3.24 32.30
CA GLU C 302 -26.86 -3.00 33.00
C GLU C 302 -26.63 -2.40 34.38
N VAL C 303 -25.64 -2.92 35.12
CA VAL C 303 -25.33 -2.39 36.44
C VAL C 303 -24.83 -0.95 36.33
N PHE C 304 -23.97 -0.68 35.34
CA PHE C 304 -23.44 0.66 35.15
C PHE C 304 -24.55 1.66 34.87
N ARG C 305 -25.51 1.30 34.01
CA ARG C 305 -26.57 2.21 33.64
C ARG C 305 -27.61 2.37 34.75
N SER C 306 -27.84 1.33 35.54
CA SER C 306 -28.85 1.41 36.59
C SER C 306 -28.48 2.43 37.66
N ILE C 307 -27.18 2.68 37.85
CA ILE C 307 -26.76 3.68 38.83
C ILE C 307 -27.11 5.08 38.36
N VAL C 308 -26.91 5.35 37.07
CA VAL C 308 -27.23 6.67 36.53
C VAL C 308 -28.74 6.93 36.60
N LEU C 309 -29.54 5.93 36.24
CA LEU C 309 -31.00 6.12 36.24
C LEU C 309 -31.54 6.26 37.66
N ASN C 310 -31.14 5.36 38.56
CA ASN C 310 -31.72 5.33 39.90
C ASN C 310 -31.18 6.44 40.79
N GLU C 311 -29.90 6.77 40.68
CA GLU C 311 -29.23 7.64 41.64
C GLU C 311 -28.78 8.97 41.06
N TYR C 312 -28.88 9.18 39.76
CA TYR C 312 -28.52 10.45 39.11
C TYR C 312 -27.06 10.83 39.35
N LYS C 313 -26.20 9.84 39.52
CA LYS C 313 -24.78 10.07 39.78
C LYS C 313 -23.95 9.25 38.81
N ARG C 314 -22.88 9.86 38.31
CA ARG C 314 -21.98 9.18 37.40
C ARG C 314 -20.97 8.33 38.17
N CYS C 315 -20.21 7.52 37.43
CA CYS C 315 -19.26 6.61 38.06
C CYS C 315 -18.08 7.33 38.71
N ASP C 316 -17.86 8.60 38.37
CA ASP C 316 -16.79 9.38 38.97
C ASP C 316 -17.28 10.41 39.99
N GLY C 317 -18.57 10.34 40.36
CA GLY C 317 -19.10 11.10 41.47
C GLY C 317 -19.83 12.38 41.08
N ARG C 318 -19.62 12.90 39.88
CA ARG C 318 -20.28 14.14 39.50
C ARG C 318 -21.73 13.86 39.09
N ASP C 319 -22.47 14.93 38.82
CA ASP C 319 -23.87 14.81 38.42
C ASP C 319 -23.97 14.81 36.89
N LEU C 320 -25.21 14.79 36.40
CA LEU C 320 -25.44 14.64 34.97
C LEU C 320 -24.99 15.83 34.15
N THR C 321 -24.83 17.00 34.77
CA THR C 321 -24.49 18.22 34.05
C THR C 321 -23.10 18.75 34.35
N SER C 322 -22.34 18.07 35.21
CA SER C 322 -21.03 18.56 35.61
C SER C 322 -19.98 18.17 34.59
N LEU C 323 -19.06 19.09 34.33
CA LEU C 323 -17.90 18.82 33.49
C LEU C 323 -16.74 18.32 34.33
N ARG C 324 -15.86 17.54 33.70
CA ARG C 324 -14.63 17.14 34.34
C ARG C 324 -13.64 18.31 34.34
N ASN C 325 -12.54 18.13 35.08
CA ASN C 325 -11.56 19.19 35.20
C ASN C 325 -10.95 19.53 33.85
N VAL C 326 -10.84 20.82 33.54
CA VAL C 326 -10.33 21.31 32.27
C VAL C 326 -9.15 22.21 32.54
N SER C 327 -8.02 21.91 31.91
CA SER C 327 -6.81 22.72 32.02
C SER C 327 -6.27 23.01 30.63
N CYS C 328 -5.78 24.23 30.43
CA CYS C 328 -5.29 24.66 29.14
C CYS C 328 -3.93 25.31 29.29
N GLU C 329 -3.08 25.11 28.28
CA GLU C 329 -1.78 25.76 28.19
C GLU C 329 -1.57 26.22 26.76
N VAL C 330 -0.77 27.27 26.60
CA VAL C 330 -0.37 27.76 25.29
C VAL C 330 1.12 28.08 25.32
N ASP C 331 1.73 28.08 24.13
CA ASP C 331 3.13 28.43 23.96
C ASP C 331 4.04 27.54 24.81
N MET C 332 4.00 26.25 24.52
CA MET C 332 4.85 25.28 25.22
C MET C 332 6.19 25.06 24.52
N PHE C 333 6.31 25.46 23.25
CA PHE C 333 7.55 25.31 22.50
C PHE C 333 7.77 26.56 21.68
N LYS C 334 9.03 27.01 21.63
CA LYS C 334 9.33 28.32 21.05
C LYS C 334 9.23 28.30 19.53
N THR C 335 9.69 27.21 18.89
CA THR C 335 9.78 27.20 17.44
C THR C 335 8.46 26.92 16.74
N LEU C 336 7.47 26.41 17.46
CA LEU C 336 6.17 26.18 16.86
C LEU C 336 5.46 27.50 16.60
N HIS C 337 4.86 27.64 15.41
CA HIS C 337 4.13 28.85 15.08
C HIS C 337 2.98 29.09 16.06
N GLY C 338 2.40 28.02 16.57
CA GLY C 338 1.37 28.10 17.59
C GLY C 338 1.14 26.73 18.19
N SER C 339 0.88 26.66 19.49
CA SER C 339 0.68 25.38 20.14
C SER C 339 -0.22 25.55 21.35
N ALA C 340 -0.88 24.46 21.72
CA ALA C 340 -1.73 24.45 22.90
C ALA C 340 -1.78 23.03 23.45
N LEU C 341 -2.05 22.95 24.76
CA LEU C 341 -2.15 21.66 25.45
C LEU C 341 -3.46 21.67 26.22
N PHE C 342 -4.46 20.95 25.69
CA PHE C 342 -5.79 20.91 26.29
C PHE C 342 -5.97 19.61 27.04
N GLN C 343 -6.40 19.72 28.30
CA GLN C 343 -6.66 18.56 29.14
C GLN C 343 -8.10 18.60 29.61
N ARG C 344 -8.76 17.45 29.56
CA ARG C 344 -10.16 17.32 29.98
C ARG C 344 -10.28 15.96 30.68
N GLY C 345 -10.24 15.99 32.01
CA GLY C 345 -10.18 14.75 32.76
C GLY C 345 -8.87 14.04 32.54
N GLN C 346 -8.90 12.92 31.84
CA GLN C 346 -7.69 12.19 31.44
C GLN C 346 -7.52 12.16 29.93
N THR C 347 -8.03 13.18 29.24
CA THR C 347 -7.90 13.30 27.80
C THR C 347 -6.98 14.49 27.51
N GLN C 348 -5.81 14.21 26.98
CA GLN C 348 -4.82 15.24 26.67
C GLN C 348 -4.61 15.29 25.17
N VAL C 349 -4.70 16.49 24.60
CA VAL C 349 -4.55 16.70 23.16
C VAL C 349 -3.49 17.77 22.94
N LEU C 350 -2.51 17.46 22.09
CA LEU C 350 -1.49 18.42 21.68
C LEU C 350 -1.90 19.00 20.33
N CYS C 351 -2.11 20.31 20.28
CA CYS C 351 -2.53 20.99 19.07
C CYS C 351 -1.41 21.92 18.61
N THR C 352 -1.04 21.80 17.34
CA THR C 352 0.03 22.58 16.75
C THR C 352 -0.48 23.26 15.49
N VAL C 353 -0.10 24.52 15.30
CA VAL C 353 -0.49 25.30 14.14
C VAL C 353 0.77 25.64 13.35
N THR C 354 0.77 25.32 12.06
CA THR C 354 1.87 25.64 11.17
C THR C 354 1.32 26.40 9.96
N PHE C 355 2.02 27.44 9.57
CA PHE C 355 1.65 28.24 8.41
C PHE C 355 2.52 27.85 7.22
N ASP C 356 1.89 27.65 6.08
CA ASP C 356 2.57 27.32 4.84
C ASP C 356 2.20 28.32 3.76
N SER C 357 2.83 28.19 2.60
CA SER C 357 2.46 29.00 1.46
C SER C 357 1.09 28.54 0.94
N LEU C 358 0.42 29.45 0.24
CA LEU C 358 -0.90 29.14 -0.30
C LEU C 358 -0.85 28.03 -1.34
N GLU C 359 0.31 27.79 -1.94
CA GLU C 359 0.44 26.77 -2.98
C GLU C 359 0.67 25.37 -2.41
N SER C 360 0.86 25.22 -1.10
CA SER C 360 1.02 23.90 -0.50
C SER C 360 -0.27 23.09 -0.51
N GLY C 361 -1.41 23.73 -0.73
CA GLY C 361 -2.68 23.05 -0.85
C GLY C 361 -2.98 22.46 -2.21
N ILE C 362 -2.06 22.60 -3.16
CA ILE C 362 -2.21 22.06 -4.50
C ILE C 362 -1.33 20.83 -4.62
N LYS C 363 -1.93 19.71 -5.04
CA LYS C 363 -1.21 18.45 -5.08
C LYS C 363 -0.24 18.42 -6.25
N SER C 364 0.31 17.24 -6.52
CA SER C 364 1.27 17.08 -7.64
C SER C 364 0.53 16.92 -8.98
N ASP C 365 -0.38 15.95 -9.08
CA ASP C 365 -1.19 15.81 -10.33
C ASP C 365 -2.40 16.71 -10.18
N GLN C 366 -2.25 17.99 -10.52
CA GLN C 366 -3.35 18.97 -10.27
C GLN C 366 -4.55 18.57 -11.12
N VAL C 367 -4.29 18.12 -12.33
CA VAL C 367 -5.42 17.81 -13.23
C VAL C 367 -6.23 16.69 -12.56
N ILE C 368 -5.57 15.72 -11.90
CA ILE C 368 -6.37 14.57 -11.38
C ILE C 368 -6.23 14.37 -9.86
N THR C 369 -5.03 14.39 -9.28
CA THR C 369 -4.92 14.10 -7.86
C THR C 369 -5.44 15.24 -7.00
N ALA C 370 -5.17 16.48 -7.40
CA ALA C 370 -5.64 17.63 -6.63
C ALA C 370 -7.15 17.74 -6.62
N ILE C 371 -7.83 17.06 -7.54
CA ILE C 371 -9.29 17.10 -7.59
C ILE C 371 -9.95 16.36 -6.43
N ASN C 372 -9.19 15.55 -5.69
CA ASN C 372 -9.74 14.87 -4.53
C ASN C 372 -10.09 15.84 -3.40
N GLY C 373 -9.66 17.10 -3.49
CA GLY C 373 -10.07 18.09 -2.52
C GLY C 373 -9.12 19.26 -2.38
N ILE C 374 -9.67 20.47 -2.32
CA ILE C 374 -8.93 21.69 -2.02
C ILE C 374 -9.68 22.43 -0.92
N LYS C 375 -8.96 22.80 0.13
CA LYS C 375 -9.60 23.46 1.26
C LYS C 375 -10.12 24.84 0.88
N ASP C 376 -11.35 25.14 1.31
CA ASP C 376 -12.01 26.37 0.90
C ASP C 376 -11.29 27.60 1.44
N LYS C 377 -10.90 27.57 2.72
CA LYS C 377 -10.23 28.69 3.35
C LYS C 377 -8.73 28.46 3.51
N ASN C 378 -8.16 27.51 2.76
CA ASN C 378 -6.78 27.08 2.93
C ASN C 378 -6.55 26.62 4.38
N PHE C 379 -7.55 25.97 4.95
CA PHE C 379 -7.51 25.51 6.33
C PHE C 379 -7.83 24.02 6.37
N MET C 380 -7.02 23.27 7.11
CA MET C 380 -7.24 21.84 7.28
C MET C 380 -6.79 21.43 8.66
N LEU C 381 -7.44 20.39 9.18
CA LEU C 381 -7.08 19.81 10.47
C LEU C 381 -6.70 18.35 10.27
N HIS C 382 -5.52 17.99 10.76
CA HIS C 382 -5.00 16.63 10.67
C HIS C 382 -5.00 16.04 12.08
N TYR C 383 -5.79 14.99 12.26
CA TYR C 383 -6.04 14.40 13.57
C TYR C 383 -5.36 13.03 13.64
N GLU C 384 -4.55 12.83 14.69
CA GLU C 384 -3.82 11.60 14.89
C GLU C 384 -4.21 10.98 16.22
N PHE C 385 -4.32 9.65 16.23
CA PHE C 385 -4.64 8.89 17.43
C PHE C 385 -3.57 7.83 17.59
N PRO C 386 -2.41 8.19 18.15
CA PRO C 386 -1.33 7.23 18.30
C PRO C 386 -1.72 6.10 19.24
N PRO C 387 -1.17 4.91 19.05
CA PRO C 387 -1.56 3.78 19.91
C PRO C 387 -1.23 3.97 21.38
N TYR C 388 -0.25 4.81 21.70
CA TYR C 388 0.13 4.99 23.10
C TYR C 388 -0.82 5.89 23.87
N ALA C 389 -1.77 6.55 23.20
CA ALA C 389 -2.80 7.28 23.92
C ALA C 389 -3.67 6.35 24.73
N THR C 390 -3.79 5.09 24.32
CA THR C 390 -4.56 4.08 25.02
C THR C 390 -3.63 3.04 25.66
N ASN C 391 -2.32 3.28 25.61
CA ASN C 391 -1.31 2.31 26.06
C ASN C 391 -1.46 0.98 25.31
N GLU C 392 -1.50 1.09 23.99
CA GLU C 392 -1.65 -0.04 23.09
C GLU C 392 -0.54 -0.01 22.05
N ILE C 393 -0.49 -1.06 21.23
CA ILE C 393 0.49 -1.19 20.16
C ILE C 393 -0.28 -1.24 18.85
N GLY C 394 0.14 -0.43 17.88
CA GLY C 394 -0.60 -0.36 16.62
C GLY C 394 0.26 0.10 15.47
N LYS C 395 -0.24 -0.19 14.27
CA LYS C 395 0.39 0.23 13.04
C LYS C 395 0.25 1.76 12.89
N VAL C 396 1.34 2.42 12.49
CA VAL C 396 1.42 3.87 12.65
C VAL C 396 1.80 4.62 11.38
N THR C 397 1.47 4.09 10.20
CA THR C 397 1.63 4.84 8.95
C THR C 397 0.29 4.91 8.23
N GLY C 398 -0.12 6.12 7.88
CA GLY C 398 -1.42 6.34 7.29
C GLY C 398 -2.51 6.52 8.34
N LEU C 399 -3.66 6.99 7.86
CA LEU C 399 -4.80 7.27 8.73
C LEU C 399 -5.93 6.30 8.43
N ASN C 400 -6.49 5.72 9.48
CA ASN C 400 -7.66 4.85 9.33
C ASN C 400 -8.91 5.70 9.13
N ARG C 401 -10.06 5.03 9.06
CA ARG C 401 -11.32 5.74 8.87
C ARG C 401 -11.68 6.56 10.11
N ARG C 402 -11.32 6.06 11.31
CA ARG C 402 -11.64 6.77 12.54
C ARG C 402 -10.96 8.14 12.58
N GLU C 403 -9.66 8.17 12.29
CA GLU C 403 -8.92 9.43 12.38
C GLU C 403 -9.36 10.41 11.31
N LEU C 404 -9.71 9.92 10.12
CA LEU C 404 -10.23 10.81 9.08
C LEU C 404 -11.59 11.39 9.48
N GLY C 405 -12.45 10.57 10.08
CA GLY C 405 -13.75 11.05 10.50
C GLY C 405 -13.66 12.06 11.64
N HIS C 406 -12.83 11.76 12.64
CA HIS C 406 -12.68 12.68 13.77
C HIS C 406 -12.00 13.97 13.33
N GLY C 407 -11.01 13.89 12.44
CA GLY C 407 -10.38 15.08 11.94
C GLY C 407 -11.34 15.93 11.12
N ALA C 408 -12.24 15.29 10.38
CA ALA C 408 -13.23 16.04 9.62
C ALA C 408 -14.21 16.76 10.54
N LEU C 409 -14.59 16.12 11.64
CA LEU C 409 -15.51 16.74 12.58
C LEU C 409 -14.88 17.94 13.26
N ALA C 410 -13.64 17.80 13.72
CA ALA C 410 -12.95 18.92 14.37
C ALA C 410 -12.67 20.04 13.38
N GLU C 411 -12.35 19.70 12.13
CA GLU C 411 -12.12 20.72 11.11
C GLU C 411 -13.39 21.52 10.83
N LYS C 412 -14.53 20.84 10.77
CA LYS C 412 -15.79 21.54 10.52
C LYS C 412 -16.20 22.40 11.70
N ALA C 413 -15.82 22.00 12.92
CA ALA C 413 -16.13 22.81 14.10
C ALA C 413 -15.41 24.14 14.05
N LEU C 414 -14.14 24.14 13.63
CA LEU C 414 -13.34 25.35 13.60
C LEU C 414 -13.47 26.14 12.31
N TYR C 415 -14.01 25.53 11.26
CA TYR C 415 -14.07 26.20 9.96
C TYR C 415 -14.85 27.52 9.97
N PRO C 416 -16.03 27.63 10.59
CA PRO C 416 -16.76 28.92 10.52
C PRO C 416 -16.00 30.11 11.09
N VAL C 417 -15.16 29.90 12.11
CA VAL C 417 -14.46 31.02 12.73
C VAL C 417 -13.11 31.32 12.09
N ILE C 418 -12.65 30.48 11.17
CA ILE C 418 -11.39 30.75 10.48
C ILE C 418 -11.54 32.00 9.61
N PRO C 419 -10.63 32.95 9.67
CA PRO C 419 -10.77 34.16 8.86
C PRO C 419 -10.59 33.88 7.38
N ARG C 420 -10.97 34.87 6.58
CA ARG C 420 -10.89 34.80 5.13
C ARG C 420 -9.69 35.59 4.62
N ASP C 421 -9.11 35.11 3.53
CA ASP C 421 -7.96 35.76 2.89
C ASP C 421 -6.77 35.87 3.84
N PHE C 422 -6.55 34.82 4.63
CA PHE C 422 -5.35 34.75 5.45
C PHE C 422 -4.14 34.60 4.55
N PRO C 423 -3.03 35.28 4.86
CA PRO C 423 -1.85 35.23 3.98
C PRO C 423 -1.25 33.83 3.81
N PHE C 424 -1.47 32.92 4.75
CA PHE C 424 -0.82 31.62 4.74
C PHE C 424 -1.86 30.52 4.80
N THR C 425 -1.43 29.31 4.45
CA THR C 425 -2.25 28.12 4.60
C THR C 425 -2.20 27.66 6.05
N ILE C 426 -3.32 27.72 6.74
CA ILE C 426 -3.39 27.33 8.13
C ILE C 426 -3.51 25.81 8.21
N ARG C 427 -2.60 25.18 8.95
CA ARG C 427 -2.62 23.74 9.14
C ARG C 427 -2.58 23.45 10.63
N VAL C 428 -3.59 22.72 11.12
CA VAL C 428 -3.70 22.37 12.53
C VAL C 428 -3.50 20.86 12.67
N THR C 429 -2.61 20.47 13.57
CA THR C 429 -2.37 19.07 13.87
C THR C 429 -2.77 18.81 15.31
N SER C 430 -3.65 17.83 15.52
CA SER C 430 -4.14 17.49 16.85
C SER C 430 -3.76 16.04 17.13
N GLU C 431 -2.80 15.85 18.02
CA GLU C 431 -2.34 14.52 18.41
C GLU C 431 -2.89 14.17 19.79
N VAL C 432 -3.55 13.02 19.87
CA VAL C 432 -4.13 12.57 21.13
C VAL C 432 -3.03 11.88 21.94
N LEU C 433 -2.53 12.56 22.97
CA LEU C 433 -1.53 11.96 23.83
C LEU C 433 -2.16 11.10 24.91
N GLU C 434 -3.31 11.51 25.43
CA GLU C 434 -4.09 10.74 26.38
C GLU C 434 -5.53 10.70 25.91
N SER C 435 -6.20 9.57 26.12
CA SER C 435 -7.54 9.34 25.59
C SER C 435 -8.43 8.80 26.69
N ASN C 436 -9.51 9.54 26.99
CA ASN C 436 -10.50 9.04 27.93
C ASN C 436 -11.94 9.36 27.50
N GLY C 437 -12.18 9.52 26.20
CA GLY C 437 -13.54 9.55 25.71
C GLY C 437 -13.93 10.59 24.69
N SER C 438 -13.36 11.81 24.78
CA SER C 438 -13.69 12.88 23.83
C SER C 438 -12.39 13.58 23.41
N SER C 439 -11.77 13.06 22.35
CA SER C 439 -10.55 13.67 21.84
C SER C 439 -10.85 14.53 20.61
N SER C 440 -11.86 14.14 19.82
CA SER C 440 -12.24 14.94 18.67
C SER C 440 -12.80 16.28 19.11
N MET C 441 -13.61 16.30 20.19
CA MET C 441 -14.11 17.55 20.71
C MET C 441 -13.02 18.35 21.42
N ALA C 442 -12.11 17.66 22.10
CA ALA C 442 -10.97 18.34 22.71
C ALA C 442 -10.03 18.91 21.65
N SER C 443 -10.04 18.34 20.44
CA SER C 443 -9.25 18.90 19.35
C SER C 443 -9.83 20.22 18.87
N ALA C 444 -11.14 20.42 19.03
CA ALA C 444 -11.75 21.70 18.69
C ALA C 444 -11.36 22.77 19.71
N CYS C 445 -11.42 22.43 20.99
CA CYS C 445 -11.03 23.38 22.04
C CYS C 445 -9.54 23.69 21.96
N GLY C 446 -8.71 22.65 21.92
CA GLY C 446 -7.28 22.86 21.82
C GLY C 446 -6.87 23.54 20.52
N GLY C 447 -7.57 23.21 19.43
CA GLY C 447 -7.29 23.87 18.17
C GLY C 447 -7.63 25.35 18.20
N SER C 448 -8.72 25.71 18.89
CA SER C 448 -9.06 27.12 19.05
C SER C 448 -8.00 27.86 19.86
N LEU C 449 -7.52 27.23 20.95
CA LEU C 449 -6.47 27.85 21.75
C LEU C 449 -5.19 28.02 20.95
N ALA C 450 -4.81 26.98 20.20
CA ALA C 450 -3.58 27.05 19.41
C ALA C 450 -3.70 28.08 18.29
N LEU C 451 -4.90 28.25 17.73
CA LEU C 451 -5.08 29.27 16.69
C LEU C 451 -4.94 30.67 17.26
N MET C 452 -5.49 30.91 18.45
CA MET C 452 -5.32 32.21 19.10
C MET C 452 -3.86 32.43 19.49
N ASP C 453 -3.19 31.40 19.97
CA ASP C 453 -1.78 31.51 20.32
C ASP C 453 -0.90 31.74 19.10
N SER C 454 -1.28 31.18 17.95
CA SER C 454 -0.51 31.38 16.74
C SER C 454 -0.70 32.78 16.16
N GLY C 455 -1.71 33.50 16.59
CA GLY C 455 -1.99 34.83 16.07
C GLY C 455 -3.04 34.90 14.99
N VAL C 456 -3.74 33.81 14.72
CA VAL C 456 -4.81 33.81 13.72
C VAL C 456 -6.03 34.48 14.32
N PRO C 457 -6.57 35.53 13.69
CA PRO C 457 -7.73 36.24 14.25
C PRO C 457 -9.06 35.53 14.00
N ILE C 458 -9.30 34.46 14.76
CA ILE C 458 -10.56 33.76 14.66
C ILE C 458 -11.68 34.63 15.23
N SER C 459 -12.87 34.49 14.66
CA SER C 459 -14.00 35.33 15.08
C SER C 459 -14.37 35.10 16.53
N SER C 460 -14.39 33.84 16.96
CA SER C 460 -14.71 33.50 18.35
C SER C 460 -14.09 32.16 18.69
N ALA C 461 -13.92 31.94 19.99
CA ALA C 461 -13.41 30.67 20.46
C ALA C 461 -14.47 29.58 20.25
N VAL C 462 -13.99 28.38 19.93
CA VAL C 462 -14.85 27.23 19.66
C VAL C 462 -14.59 26.17 20.71
N ALA C 463 -15.65 25.71 21.35
CA ALA C 463 -15.58 24.64 22.35
C ALA C 463 -16.50 23.50 21.94
N GLY C 464 -16.02 22.27 22.12
CA GLY C 464 -16.78 21.09 21.77
C GLY C 464 -16.99 20.22 23.00
N VAL C 465 -18.18 19.62 23.08
CA VAL C 465 -18.52 18.72 24.17
C VAL C 465 -19.28 17.53 23.61
N ALA C 466 -19.23 16.42 24.34
CA ALA C 466 -19.93 15.20 23.97
C ALA C 466 -21.00 14.91 25.03
N ILE C 467 -22.20 14.58 24.58
CA ILE C 467 -23.32 14.30 25.46
C ILE C 467 -23.69 12.82 25.33
N GLY C 468 -23.70 12.12 26.46
CA GLY C 468 -24.13 10.74 26.49
C GLY C 468 -25.62 10.61 26.75
N LEU C 469 -26.07 9.36 26.80
CA LEU C 469 -27.49 9.10 27.01
C LEU C 469 -27.65 7.69 27.58
N VAL C 470 -28.43 7.57 28.64
CA VAL C 470 -28.79 6.28 29.22
C VAL C 470 -30.30 6.24 29.31
N THR C 471 -30.91 5.23 28.68
CA THR C 471 -32.36 5.13 28.60
C THR C 471 -32.84 3.83 29.23
N LYS C 472 -34.06 3.86 29.75
CA LYS C 472 -34.78 2.68 30.19
C LYS C 472 -35.85 2.37 29.14
N THR C 473 -35.81 1.16 28.59
CA THR C 473 -36.67 0.78 27.48
C THR C 473 -37.57 -0.37 27.89
N ASP C 474 -38.84 -0.27 27.53
CA ASP C 474 -39.80 -1.32 27.83
C ASP C 474 -39.40 -2.60 27.07
N PRO C 475 -39.27 -3.73 27.75
CA PRO C 475 -38.90 -4.97 27.05
C PRO C 475 -39.90 -5.38 25.98
N GLU C 476 -41.19 -5.10 26.19
CA GLU C 476 -42.23 -5.50 25.24
C GLU C 476 -42.48 -4.43 24.18
N LYS C 477 -42.81 -3.21 24.61
CA LYS C 477 -43.17 -2.16 23.66
C LYS C 477 -41.94 -1.63 22.92
N GLY C 478 -40.80 -1.51 23.61
CA GLY C 478 -39.63 -0.91 23.03
C GLY C 478 -39.58 0.61 23.11
N GLU C 479 -40.56 1.24 23.74
CA GLU C 479 -40.59 2.68 23.87
C GLU C 479 -39.73 3.12 25.05
N ILE C 480 -39.08 4.26 24.91
CA ILE C 480 -38.24 4.81 25.98
C ILE C 480 -39.15 5.47 27.01
N GLU C 481 -39.03 5.04 28.27
CA GLU C 481 -39.84 5.57 29.36
C GLU C 481 -39.10 6.58 30.20
N ASP C 482 -37.79 6.42 30.38
CA ASP C 482 -36.99 7.36 31.16
C ASP C 482 -35.61 7.42 30.55
N TYR C 483 -34.94 8.55 30.74
CA TYR C 483 -33.62 8.76 30.15
C TYR C 483 -32.89 9.86 30.88
N ARG C 484 -31.56 9.76 30.87
CA ARG C 484 -30.68 10.76 31.47
C ARG C 484 -29.68 11.22 30.42
N LEU C 485 -29.44 12.52 30.38
CA LEU C 485 -28.45 13.11 29.49
C LEU C 485 -27.21 13.46 30.30
N LEU C 486 -26.05 12.97 29.86
CA LEU C 486 -24.81 13.11 30.58
C LEU C 486 -23.90 14.09 29.85
N THR C 487 -23.29 15.00 30.60
CA THR C 487 -22.41 16.02 30.05
C THR C 487 -20.95 15.60 30.20
N ASP C 488 -20.20 15.68 29.10
CA ASP C 488 -18.77 15.37 29.09
C ASP C 488 -18.52 13.93 29.55
N ILE C 489 -19.03 12.99 28.76
CA ILE C 489 -18.98 11.58 29.13
C ILE C 489 -17.56 11.06 29.07
N LEU C 490 -17.27 10.06 29.91
CA LEU C 490 -16.01 9.34 29.86
C LEU C 490 -16.08 8.26 28.77
N GLY C 491 -14.98 7.53 28.62
CA GLY C 491 -14.97 6.42 27.67
C GLY C 491 -15.90 5.30 28.09
N ILE C 492 -15.99 5.03 29.39
CA ILE C 492 -16.86 3.95 29.86
C ILE C 492 -18.33 4.32 29.68
N GLU C 493 -18.68 5.60 29.82
CA GLU C 493 -20.06 6.02 29.63
C GLU C 493 -20.46 6.03 28.16
N ASP C 494 -19.51 6.35 27.27
CA ASP C 494 -19.78 6.20 25.84
C ASP C 494 -19.92 4.74 25.46
N TYR C 495 -19.07 3.88 26.02
CA TYR C 495 -19.10 2.45 25.68
C TYR C 495 -20.38 1.79 26.16
N ASN C 496 -20.80 2.10 27.39
CA ASN C 496 -21.99 1.49 27.98
C ASN C 496 -23.25 2.32 27.77
N GLY C 497 -23.17 3.43 27.07
CA GLY C 497 -24.31 4.31 26.87
C GLY C 497 -25.11 3.96 25.64
N ASP C 498 -25.87 4.95 25.15
CA ASP C 498 -26.73 4.76 23.99
C ASP C 498 -26.44 5.70 22.85
N MET C 499 -25.69 6.77 23.06
CA MET C 499 -25.38 7.71 21.98
C MET C 499 -24.11 8.46 22.33
N ASP C 500 -23.46 8.99 21.29
CA ASP C 500 -22.25 9.80 21.42
C ASP C 500 -22.54 11.10 20.68
N PHE C 501 -23.17 12.03 21.39
CA PHE C 501 -23.70 13.25 20.77
C PHE C 501 -22.65 14.36 20.84
N LYS C 502 -21.83 14.45 19.81
CA LYS C 502 -20.74 15.42 19.75
C LYS C 502 -21.21 16.68 19.06
N ILE C 503 -21.14 17.81 19.76
CA ILE C 503 -21.56 19.09 19.21
C ILE C 503 -20.57 20.15 19.65
N ALA C 504 -20.24 21.07 18.75
CA ALA C 504 -19.30 22.13 19.01
C ALA C 504 -19.86 23.45 18.48
N GLY C 505 -19.30 24.55 18.98
CA GLY C 505 -19.71 25.86 18.52
C GLY C 505 -19.14 26.94 19.40
N THR C 506 -19.41 28.17 18.99
CA THR C 506 -19.01 29.35 19.77
C THR C 506 -20.04 29.62 20.86
N ASN C 507 -19.83 30.71 21.60
CA ASN C 507 -20.76 31.07 22.67
C ASN C 507 -22.12 31.51 22.16
N LYS C 508 -22.26 31.76 20.86
CA LYS C 508 -23.50 32.27 20.29
C LYS C 508 -24.15 31.33 19.29
N GLY C 509 -23.50 30.25 18.87
CA GLY C 509 -24.08 29.41 17.85
C GLY C 509 -23.44 28.04 17.80
N ILE C 510 -23.90 27.25 16.84
CA ILE C 510 -23.44 25.88 16.63
C ILE C 510 -22.70 25.81 15.31
N THR C 511 -21.55 25.14 15.31
CA THR C 511 -20.72 25.01 14.12
C THR C 511 -20.62 23.58 13.59
N ALA C 512 -20.72 22.58 14.45
CA ALA C 512 -20.62 21.20 13.99
C ALA C 512 -21.44 20.30 14.90
N LEU C 513 -21.83 19.14 14.35
CA LEU C 513 -22.61 18.17 15.10
C LEU C 513 -22.40 16.79 14.47
N GLN C 514 -22.31 15.78 15.33
CA GLN C 514 -22.24 14.39 14.89
C GLN C 514 -22.84 13.52 15.98
N ALA C 515 -24.05 13.00 15.73
CA ALA C 515 -24.75 12.17 16.70
C ALA C 515 -24.51 10.71 16.36
N ASP C 516 -23.73 10.03 17.21
CA ASP C 516 -23.42 8.61 17.04
C ASP C 516 -24.42 7.80 17.86
N ILE C 517 -25.61 7.66 17.31
CA ILE C 517 -26.69 6.96 18.01
C ILE C 517 -26.52 5.46 17.83
N LYS C 518 -26.46 4.74 18.94
CA LYS C 518 -26.38 3.29 18.92
C LYS C 518 -27.73 2.60 19.04
N LEU C 519 -28.74 3.31 19.53
CA LEU C 519 -30.09 2.78 19.59
C LEU C 519 -30.72 2.79 18.21
N PRO C 520 -31.75 1.96 17.98
CA PRO C 520 -32.47 1.99 16.69
C PRO C 520 -33.44 3.17 16.61
N GLY C 521 -32.90 4.37 16.72
CA GLY C 521 -33.68 5.59 16.68
C GLY C 521 -34.00 6.11 18.07
N ILE C 522 -34.07 7.43 18.18
CA ILE C 522 -34.43 8.08 19.44
C ILE C 522 -35.42 9.21 19.16
N PRO C 523 -36.29 9.50 20.12
CA PRO C 523 -37.27 10.57 19.92
C PRO C 523 -36.61 11.92 19.69
N ILE C 524 -37.28 12.77 18.93
CA ILE C 524 -36.73 14.08 18.58
C ILE C 524 -36.60 14.97 19.80
N LYS C 525 -37.43 14.77 20.83
CA LYS C 525 -37.34 15.60 22.02
C LYS C 525 -36.06 15.32 22.80
N ILE C 526 -35.57 14.08 22.77
CA ILE C 526 -34.29 13.77 23.41
C ILE C 526 -33.16 14.52 22.72
N VAL C 527 -33.19 14.56 21.38
CA VAL C 527 -32.18 15.30 20.64
C VAL C 527 -32.30 16.79 20.93
N MET C 528 -33.52 17.28 21.11
CA MET C 528 -33.74 18.71 21.30
C MET C 528 -33.03 19.22 22.56
N GLU C 529 -33.22 18.52 23.68
CA GLU C 529 -32.60 18.95 24.92
C GLU C 529 -31.16 18.47 25.09
N ALA C 530 -30.71 17.54 24.24
CA ALA C 530 -29.28 17.25 24.19
C ALA C 530 -28.51 18.46 23.68
N ILE C 531 -29.05 19.15 22.68
CA ILE C 531 -28.47 20.38 22.19
C ILE C 531 -28.52 21.47 23.27
N GLN C 532 -29.65 21.56 23.96
CA GLN C 532 -29.80 22.57 25.01
C GLN C 532 -28.84 22.32 26.16
N GLN C 533 -28.71 21.06 26.60
CA GLN C 533 -27.79 20.74 27.67
C GLN C 533 -26.35 21.05 27.27
N ALA C 534 -25.98 20.73 26.04
CA ALA C 534 -24.63 21.00 25.57
C ALA C 534 -24.37 22.49 25.45
N SER C 535 -25.41 23.30 25.30
CA SER C 535 -25.23 24.75 25.28
C SER C 535 -24.73 25.25 26.63
N VAL C 536 -25.29 24.73 27.72
CA VAL C 536 -24.81 25.10 29.06
C VAL C 536 -23.40 24.60 29.28
N ALA C 537 -23.11 23.36 28.88
CA ALA C 537 -21.77 22.80 29.07
C ALA C 537 -20.74 23.58 28.26
N LYS C 538 -21.07 23.95 27.02
CA LYS C 538 -20.13 24.67 26.18
C LYS C 538 -19.81 26.03 26.76
N LYS C 539 -20.81 26.69 27.36
CA LYS C 539 -20.58 27.99 27.97
C LYS C 539 -19.54 27.92 29.08
N GLU C 540 -19.64 26.89 29.92
CA GLU C 540 -18.67 26.73 31.01
C GLU C 540 -17.28 26.45 30.48
N ILE C 541 -17.17 25.63 29.43
CA ILE C 541 -15.86 25.31 28.86
C ILE C 541 -15.21 26.57 28.30
N LEU C 542 -15.99 27.38 27.58
CA LEU C 542 -15.46 28.62 27.03
C LEU C 542 -15.03 29.59 28.11
N GLN C 543 -15.63 29.51 29.30
CA GLN C 543 -15.18 30.34 30.41
C GLN C 543 -13.78 29.95 30.87
N ILE C 544 -13.50 28.65 30.94
CA ILE C 544 -12.18 28.18 31.36
C ILE C 544 -11.14 28.49 30.30
N MET C 545 -11.47 28.26 29.03
CA MET C 545 -10.52 28.54 27.96
C MET C 545 -10.19 30.02 27.88
N ASN C 546 -11.17 30.90 28.14
CA ASN C 546 -10.92 32.32 28.07
C ASN C 546 -9.95 32.78 29.16
N LYS C 547 -9.87 32.05 30.26
CA LYS C 547 -8.90 32.39 31.30
C LYS C 547 -7.47 32.22 30.80
N THR C 548 -7.20 31.10 30.10
CA THR C 548 -5.87 30.88 29.55
C THR C 548 -5.55 31.90 28.47
N ILE C 549 -6.43 32.06 27.49
CA ILE C 549 -6.29 33.08 26.47
C ILE C 549 -7.67 33.42 25.94
N SER C 550 -8.00 34.70 25.90
CA SER C 550 -9.33 35.14 25.50
C SER C 550 -9.37 35.73 24.09
N LYS C 551 -8.29 36.37 23.65
CA LYS C 551 -8.22 36.97 22.33
C LYS C 551 -6.93 36.53 21.65
N PRO C 552 -6.93 36.49 20.31
CA PRO C 552 -5.70 36.11 19.60
C PRO C 552 -4.59 37.12 19.83
N ARG C 553 -3.36 36.64 19.74
CA ARG C 553 -2.21 37.50 19.92
C ARG C 553 -2.18 38.59 18.84
N ALA C 554 -1.67 39.77 19.22
CA ALA C 554 -1.72 40.91 18.32
C ALA C 554 -0.95 40.67 17.02
N SER C 555 0.07 39.82 17.06
CA SER C 555 0.84 39.51 15.87
C SER C 555 1.33 38.08 15.95
N ARG C 556 1.73 37.54 14.80
CA ARG C 556 2.29 36.20 14.76
C ARG C 556 3.68 36.20 15.40
N LYS C 557 4.16 35.00 15.71
CA LYS C 557 5.45 34.86 16.36
C LYS C 557 6.57 35.35 15.46
N GLU C 558 7.66 35.79 16.10
CA GLU C 558 8.78 36.36 15.34
C GLU C 558 9.41 35.32 14.43
N ASN C 559 9.51 34.07 14.90
CA ASN C 559 10.08 32.99 14.11
C ASN C 559 9.11 32.37 13.13
N GLY C 560 8.02 33.08 12.81
CA GLY C 560 7.03 32.57 11.88
C GLY C 560 7.47 32.79 10.45
N PRO C 561 6.67 32.23 9.53
CA PRO C 561 7.01 32.36 8.11
C PRO C 561 6.89 33.79 7.61
N VAL C 562 7.71 34.11 6.61
CA VAL C 562 7.72 35.42 5.99
C VAL C 562 7.80 35.23 4.48
N VAL C 563 7.00 36.01 3.75
CA VAL C 563 6.96 35.94 2.30
C VAL C 563 7.21 37.33 1.71
N GLU C 564 8.09 37.40 0.74
CA GLU C 564 8.30 38.62 -0.04
C GLU C 564 8.94 38.25 -1.36
N THR C 565 8.91 39.21 -2.29
CA THR C 565 9.32 38.97 -3.67
C THR C 565 10.69 39.58 -3.93
N VAL C 566 11.56 38.81 -4.58
CA VAL C 566 12.88 39.27 -5.00
C VAL C 566 12.91 39.34 -6.52
N GLN C 567 13.43 40.44 -7.04
CA GLN C 567 13.49 40.64 -8.49
C GLN C 567 14.65 39.85 -9.08
N VAL C 568 14.37 39.10 -10.14
CA VAL C 568 15.37 38.36 -10.88
C VAL C 568 15.48 38.98 -12.27
N PRO C 569 16.64 39.51 -12.67
CA PRO C 569 16.75 40.15 -13.98
C PRO C 569 16.48 39.17 -15.11
N LEU C 570 15.93 39.70 -16.20
CA LEU C 570 15.59 38.84 -17.34
C LEU C 570 16.82 38.22 -17.97
N SER C 571 17.94 38.95 -17.97
CA SER C 571 19.16 38.43 -18.61
C SER C 571 19.71 37.21 -17.88
N LYS C 572 19.47 37.09 -16.59
CA LYS C 572 20.02 35.99 -15.79
C LYS C 572 18.93 35.12 -15.18
N ARG C 573 17.72 35.15 -15.74
CA ARG C 573 16.66 34.27 -15.23
C ARG C 573 16.94 32.81 -15.55
N ALA C 574 17.64 32.54 -16.65
CA ALA C 574 17.97 31.15 -16.99
C ALA C 574 18.94 30.56 -15.99
N LYS C 575 19.93 31.33 -15.55
CA LYS C 575 20.85 30.86 -14.53
C LYS C 575 20.14 30.64 -13.20
N PHE C 576 19.24 31.55 -12.84
CA PHE C 576 18.55 31.44 -11.55
C PHE C 576 17.70 30.18 -11.49
N VAL C 577 16.97 29.86 -12.56
CA VAL C 577 16.10 28.69 -12.53
C VAL C 577 16.87 27.41 -12.88
N GLY C 578 17.96 27.54 -13.62
CA GLY C 578 18.72 26.39 -14.05
C GLY C 578 18.05 25.67 -15.21
N PRO C 579 18.52 24.46 -15.52
CA PRO C 579 17.92 23.69 -16.63
C PRO C 579 16.55 23.15 -16.27
N GLY C 580 15.50 23.75 -16.82
CA GLY C 580 14.14 23.32 -16.56
C GLY C 580 13.73 23.49 -15.11
N GLY C 581 14.13 24.58 -14.48
CA GLY C 581 13.80 24.80 -13.09
C GLY C 581 14.54 23.91 -12.12
N TYR C 582 15.69 23.38 -12.51
CA TYR C 582 16.44 22.48 -11.65
C TYR C 582 16.97 23.20 -10.41
N ASN C 583 17.51 24.41 -10.59
CA ASN C 583 18.09 25.13 -9.47
C ASN C 583 17.04 25.51 -8.44
N LEU C 584 15.85 25.90 -8.90
CA LEU C 584 14.79 26.25 -7.96
C LEU C 584 14.36 25.06 -7.13
N LYS C 585 14.23 23.89 -7.76
CA LYS C 585 13.84 22.69 -7.02
C LYS C 585 14.95 22.21 -6.09
N LYS C 586 16.21 22.35 -6.51
CA LYS C 586 17.32 21.98 -5.65
C LYS C 586 17.38 22.87 -4.41
N LEU C 587 17.19 24.18 -4.60
CA LEU C 587 17.17 25.10 -3.47
C LEU C 587 15.99 24.83 -2.55
N GLN C 588 14.83 24.50 -3.12
CA GLN C 588 13.65 24.21 -2.31
C GLN C 588 13.87 22.99 -1.42
N ALA C 589 14.51 21.95 -1.96
CA ALA C 589 14.73 20.75 -1.16
C ALA C 589 15.79 20.96 -0.09
N GLU C 590 16.82 21.75 -0.40
CA GLU C 590 17.96 21.91 0.50
C GLU C 590 17.79 23.02 1.54
N THR C 591 16.76 23.87 1.41
CA THR C 591 16.59 24.96 2.35
C THR C 591 15.15 25.03 2.86
N GLY C 592 14.21 24.54 2.07
CA GLY C 592 12.81 24.54 2.45
C GLY C 592 12.01 25.70 1.89
N VAL C 593 12.66 26.73 1.35
CA VAL C 593 11.93 27.86 0.80
C VAL C 593 11.25 27.46 -0.50
N THR C 594 10.07 28.02 -0.74
CA THR C 594 9.31 27.79 -1.96
C THR C 594 9.38 29.05 -2.82
N ILE C 595 9.91 28.90 -4.03
CA ILE C 595 10.05 30.02 -4.97
C ILE C 595 9.10 29.76 -6.12
N SER C 596 8.19 30.71 -6.36
CA SER C 596 7.21 30.61 -7.42
C SER C 596 7.26 31.87 -8.27
N GLN C 597 7.32 31.69 -9.58
CA GLN C 597 7.33 32.83 -10.49
C GLN C 597 5.95 33.47 -10.52
N VAL C 598 5.91 34.80 -10.37
CA VAL C 598 4.66 35.54 -10.35
C VAL C 598 4.60 36.62 -11.42
N ASP C 599 5.67 36.82 -12.18
CA ASP C 599 5.70 37.82 -13.24
C ASP C 599 6.86 37.50 -14.18
N GLU C 600 7.10 38.38 -15.15
CA GLU C 600 8.21 38.19 -16.07
C GLU C 600 9.57 38.35 -15.38
N GLU C 601 9.62 39.10 -14.27
CA GLU C 601 10.87 39.29 -13.55
C GLU C 601 10.72 39.20 -12.04
N THR C 602 9.56 38.79 -11.53
CA THR C 602 9.30 38.75 -10.09
C THR C 602 9.15 37.32 -9.62
N PHE C 603 9.86 36.96 -8.56
CA PHE C 603 9.77 35.65 -7.93
C PHE C 603 9.35 35.83 -6.48
N SER C 604 8.29 35.14 -6.08
CA SER C 604 7.80 35.19 -4.71
C SER C 604 8.45 34.08 -3.90
N VAL C 605 9.15 34.44 -2.85
CA VAL C 605 9.87 33.49 -2.00
C VAL C 605 9.14 33.38 -0.68
N PHE C 606 8.77 32.15 -0.32
CA PHE C 606 8.15 31.85 0.97
C PHE C 606 9.12 31.06 1.82
N ALA C 607 9.40 31.56 3.01
CA ALA C 607 10.33 30.91 3.91
C ALA C 607 9.63 30.51 5.20
N PRO C 608 9.72 29.25 5.62
CA PRO C 608 9.06 28.84 6.87
C PRO C 608 9.57 29.58 8.09
N THR C 609 10.85 29.93 8.13
CA THR C 609 11.44 30.67 9.22
C THR C 609 12.28 31.81 8.68
N PRO C 610 12.42 32.91 9.43
CA PRO C 610 13.33 33.98 9.01
C PRO C 610 14.78 33.53 8.91
N SER C 611 15.19 32.53 9.70
CA SER C 611 16.55 32.01 9.59
C SER C 611 16.75 31.28 8.27
N ALA C 612 15.78 30.47 7.87
CA ALA C 612 15.85 29.80 6.56
C ALA C 612 15.78 30.80 5.42
N MET C 613 15.15 31.96 5.64
CA MET C 613 15.13 33.00 4.62
C MET C 613 16.52 33.59 4.43
N HIS C 614 17.30 33.69 5.51
CA HIS C 614 18.68 34.14 5.40
C HIS C 614 19.47 33.21 4.49
N GLU C 615 19.30 31.89 4.67
CA GLU C 615 20.01 30.93 3.82
C GLU C 615 19.61 31.08 2.36
N ALA C 616 18.31 31.24 2.10
CA ALA C 616 17.85 31.40 0.72
C ALA C 616 18.36 32.71 0.11
N ARG C 617 18.34 33.80 0.89
CA ARG C 617 18.75 35.09 0.36
C ARG C 617 20.23 35.06 -0.04
N ASP C 618 21.07 34.38 0.73
CA ASP C 618 22.46 34.21 0.35
C ASP C 618 22.59 33.39 -0.92
N PHE C 619 21.77 32.35 -1.07
CA PHE C 619 21.85 31.52 -2.28
C PHE C 619 21.48 32.32 -3.53
N ILE C 620 20.41 33.09 -3.46
CA ILE C 620 20.03 33.94 -4.59
C ILE C 620 21.11 34.96 -4.89
N THR C 621 21.72 35.52 -3.83
CA THR C 621 22.77 36.52 -4.03
C THR C 621 23.97 35.92 -4.76
N GLU C 622 24.40 34.73 -4.36
CA GLU C 622 25.60 34.14 -4.94
C GLU C 622 25.36 33.57 -6.34
N ILE C 623 24.14 33.11 -6.63
CA ILE C 623 23.81 32.61 -7.96
C ILE C 623 23.18 33.68 -8.84
N CYS C 624 23.18 34.93 -8.39
CA CYS C 624 22.65 36.07 -9.13
C CYS C 624 21.26 35.81 -9.72
S SO4 E . -14.86 -15.00 -16.75
O1 SO4 E . -14.18 -14.03 -17.66
O2 SO4 E . -16.25 -14.53 -16.46
O3 SO4 E . -14.91 -16.35 -17.40
O4 SO4 E . -14.09 -15.10 -15.46
S SO4 F . 24.78 -9.18 5.49
O1 SO4 F . 25.09 -7.90 4.78
O2 SO4 F . 23.54 -9.01 6.31
O3 SO4 F . 24.56 -10.26 4.48
O4 SO4 F . 25.92 -9.54 6.38
S SO4 G . -13.80 10.53 20.70
O1 SO4 G . -14.88 9.54 21.02
O2 SO4 G . -13.32 10.32 19.30
O3 SO4 G . -14.34 11.92 20.82
O4 SO4 G . -12.66 10.33 21.65
MG MG H . -17.99 7.33 20.08
MG MG I . -18.70 6.34 18.01
#